data_7FV1
# 
_entry.id   7FV1 
# 
_audit_conform.dict_name       mmcif_pdbx.dic 
_audit_conform.dict_version    5.392 
_audit_conform.dict_location   http://mmcif.pdb.org/dictionaries/ascii/mmcif_pdbx.dic 
# 
loop_
_database_2.database_id 
_database_2.database_code 
_database_2.pdbx_database_accession 
_database_2.pdbx_DOI 
PDB   7FV1         pdb_00007fv1 10.2210/pdb7fv1/pdb 
WWPDB D_1001405382 ?            ?                   
# 
loop_
_pdbx_audit_revision_history.ordinal 
_pdbx_audit_revision_history.data_content_type 
_pdbx_audit_revision_history.major_revision 
_pdbx_audit_revision_history.minor_revision 
_pdbx_audit_revision_history.revision_date 
1 'Structure model' 1 0 2023-03-29 
2 'Structure model' 1 1 2024-05-22 
# 
_pdbx_audit_revision_details.ordinal             1 
_pdbx_audit_revision_details.revision_ordinal    1 
_pdbx_audit_revision_details.data_content_type   'Structure model' 
_pdbx_audit_revision_details.provider            repository 
_pdbx_audit_revision_details.type                'Initial release' 
_pdbx_audit_revision_details.description         ? 
_pdbx_audit_revision_details.details             ? 
# 
_pdbx_audit_revision_group.ordinal             1 
_pdbx_audit_revision_group.revision_ordinal    2 
_pdbx_audit_revision_group.data_content_type   'Structure model' 
_pdbx_audit_revision_group.group               'Data collection' 
# 
loop_
_pdbx_audit_revision_category.ordinal 
_pdbx_audit_revision_category.revision_ordinal 
_pdbx_audit_revision_category.data_content_type 
_pdbx_audit_revision_category.category 
1 2 'Structure model' chem_comp_atom 
2 2 'Structure model' chem_comp_bond 
# 
_pdbx_database_status.entry_id                        7FV1 
_pdbx_database_status.status_code                     REL 
_pdbx_database_status.status_code_sf                  REL 
_pdbx_database_status.status_code_mr                  ? 
_pdbx_database_status.status_code_cs                  ? 
_pdbx_database_status.recvd_initial_deposition_date   2023-03-09 
_pdbx_database_status.status_code_nmr_data            ? 
_pdbx_database_status.deposit_site                    RCSB 
_pdbx_database_status.process_site                    RCSB 
_pdbx_database_status.SG_entry                        ? 
_pdbx_database_status.pdb_format_compatible           Y 
_pdbx_database_status.methods_development_category    ? 
# 
_pdbx_contact_author.id                 1 
_pdbx_contact_author.email              frank.von-delft@diamond.ac.uk 
_pdbx_contact_author.name_first         Frank 
_pdbx_contact_author.name_last          'von Delft' 
_pdbx_contact_author.role               'principal investigator/group leader' 
_pdbx_contact_author.identifier_ORCID   0000-0003-0378-0017 
_pdbx_contact_author.name_mi            ? 
# 
loop_
_audit_author.name 
_audit_author.pdbx_ordinal 
'Grosjean, H.'   1 
'Tomlinson, C.'  2 
'Bradshaw, W.J.' 3 
'Koekemoer, L.'  4 
'Krojer, T.'     5 
'Fearon, D.'     6 
'Biggin, P.C.'   7 
'von Delft, F.'  8 
# 
_citation.id                        primary 
_citation.title                     'PanDDA analysis group deposition' 
_citation.journal_abbrev            'To Be Published' 
_citation.journal_volume            ? 
_citation.page_first                ? 
_citation.page_last                 ? 
_citation.year                      ? 
_citation.journal_id_ASTM           ? 
_citation.country                   ? 
_citation.journal_id_ISSN           ? 
_citation.journal_id_CSD            0353 
_citation.book_publisher            ? 
_citation.pdbx_database_id_PubMed   ? 
_citation.pdbx_database_id_DOI      ? 
# 
loop_
_citation_author.citation_id 
_citation_author.name 
_citation_author.identifier_ORCID 
_citation_author.ordinal 
primary 'Grosjean, H.'   ? 1 
primary 'Tomlinson, C.'  ? 2 
primary 'Bradshaw, W.J.' ? 3 
primary 'Koekemoer, L.'  ? 4 
primary 'Krojer, T.'     ? 5 
primary 'Fearon, D.'     ? 6 
primary 'Biggin, P.C.'   ? 7 
primary 'von Delft, F.'  ? 8 
# 
loop_
_entity.id 
_entity.type 
_entity.src_method 
_entity.pdbx_description 
_entity.formula_weight 
_entity.pdbx_number_of_molecules 
_entity.pdbx_ec 
_entity.pdbx_mutation 
_entity.pdbx_fragment 
_entity.details 
1 polymer     man 'PH-interacting protein'                                                                   17627.859 1   ? ? ? ? 
2 non-polymer syn 'tert-butyl [3-({[4-(furan-2-carbonyl)piperazine-1-carbonyl]amino}methyl)phenyl]carbamate' 428.482   1   ? ? ? ? 
3 water       nat water                                                                                      18.015    197 ? ? ? ? 
# 
_entity_name_com.entity_id   1 
_entity_name_com.name        
'PHIP,DDB1- and CUL4-associated factor 14,IRS-1 PH domain-binding protein,WD repeat-containing protein 11' 
# 
_entity_poly.entity_id                      1 
_entity_poly.type                           'polypeptide(L)' 
_entity_poly.nstd_linkage                   no 
_entity_poly.nstd_monomer                   no 
_entity_poly.pdbx_seq_one_letter_code       
;MHHHHHHSSGVDLGTENLYFQSMSYDIQAWKKQCEELLNLIFQCEDSEPFRQPVDLLEYPDYRDIIDTPMDFATVRETLE
AGNYESPMELCKDVRLIFSNSKAYTPSKRSRIYSMSLRLSAFFEEHISSVLSDYKSALRFHKRNTITKR
;
_entity_poly.pdbx_seq_one_letter_code_can   
;MHHHHHHSSGVDLGTENLYFQSMSYDIQAWKKQCEELLNLIFQCEDSEPFRQPVDLLEYPDYRDIIDTPMDFATVRETLE
AGNYESPMELCKDVRLIFSNSKAYTPSKRSRIYSMSLRLSAFFEEHISSVLSDYKSALRFHKRNTITKR
;
_entity_poly.pdbx_strand_id                 A 
_entity_poly.pdbx_target_identifier         ? 
# 
loop_
_pdbx_entity_nonpoly.entity_id 
_pdbx_entity_nonpoly.name 
_pdbx_entity_nonpoly.comp_id 
2 'tert-butyl [3-({[4-(furan-2-carbonyl)piperazine-1-carbonyl]amino}methyl)phenyl]carbamate' ZKC 
3 water                                                                                      HOH 
# 
loop_
_entity_poly_seq.entity_id 
_entity_poly_seq.num 
_entity_poly_seq.mon_id 
_entity_poly_seq.hetero 
1 1   MET n 
1 2   HIS n 
1 3   HIS n 
1 4   HIS n 
1 5   HIS n 
1 6   HIS n 
1 7   HIS n 
1 8   SER n 
1 9   SER n 
1 10  GLY n 
1 11  VAL n 
1 12  ASP n 
1 13  LEU n 
1 14  GLY n 
1 15  THR n 
1 16  GLU n 
1 17  ASN n 
1 18  LEU n 
1 19  TYR n 
1 20  PHE n 
1 21  GLN n 
1 22  SER n 
1 23  MET n 
1 24  SER n 
1 25  TYR n 
1 26  ASP n 
1 27  ILE n 
1 28  GLN n 
1 29  ALA n 
1 30  TRP n 
1 31  LYS n 
1 32  LYS n 
1 33  GLN n 
1 34  CYS n 
1 35  GLU n 
1 36  GLU n 
1 37  LEU n 
1 38  LEU n 
1 39  ASN n 
1 40  LEU n 
1 41  ILE n 
1 42  PHE n 
1 43  GLN n 
1 44  CYS n 
1 45  GLU n 
1 46  ASP n 
1 47  SER n 
1 48  GLU n 
1 49  PRO n 
1 50  PHE n 
1 51  ARG n 
1 52  GLN n 
1 53  PRO n 
1 54  VAL n 
1 55  ASP n 
1 56  LEU n 
1 57  LEU n 
1 58  GLU n 
1 59  TYR n 
1 60  PRO n 
1 61  ASP n 
1 62  TYR n 
1 63  ARG n 
1 64  ASP n 
1 65  ILE n 
1 66  ILE n 
1 67  ASP n 
1 68  THR n 
1 69  PRO n 
1 70  MET n 
1 71  ASP n 
1 72  PHE n 
1 73  ALA n 
1 74  THR n 
1 75  VAL n 
1 76  ARG n 
1 77  GLU n 
1 78  THR n 
1 79  LEU n 
1 80  GLU n 
1 81  ALA n 
1 82  GLY n 
1 83  ASN n 
1 84  TYR n 
1 85  GLU n 
1 86  SER n 
1 87  PRO n 
1 88  MET n 
1 89  GLU n 
1 90  LEU n 
1 91  CYS n 
1 92  LYS n 
1 93  ASP n 
1 94  VAL n 
1 95  ARG n 
1 96  LEU n 
1 97  ILE n 
1 98  PHE n 
1 99  SER n 
1 100 ASN n 
1 101 SER n 
1 102 LYS n 
1 103 ALA n 
1 104 TYR n 
1 105 THR n 
1 106 PRO n 
1 107 SER n 
1 108 LYS n 
1 109 ARG n 
1 110 SER n 
1 111 ARG n 
1 112 ILE n 
1 113 TYR n 
1 114 SER n 
1 115 MET n 
1 116 SER n 
1 117 LEU n 
1 118 ARG n 
1 119 LEU n 
1 120 SER n 
1 121 ALA n 
1 122 PHE n 
1 123 PHE n 
1 124 GLU n 
1 125 GLU n 
1 126 HIS n 
1 127 ILE n 
1 128 SER n 
1 129 SER n 
1 130 VAL n 
1 131 LEU n 
1 132 SER n 
1 133 ASP n 
1 134 TYR n 
1 135 LYS n 
1 136 SER n 
1 137 ALA n 
1 138 LEU n 
1 139 ARG n 
1 140 PHE n 
1 141 HIS n 
1 142 LYS n 
1 143 ARG n 
1 144 ASN n 
1 145 THR n 
1 146 ILE n 
1 147 THR n 
1 148 LYS n 
1 149 ARG n 
# 
_entity_src_gen.entity_id                          1 
_entity_src_gen.pdbx_src_id                        1 
_entity_src_gen.pdbx_alt_source_flag               sample 
_entity_src_gen.pdbx_seq_type                      'Biological sequence' 
_entity_src_gen.pdbx_beg_seq_num                   1 
_entity_src_gen.pdbx_end_seq_num                   149 
_entity_src_gen.gene_src_common_name               human 
_entity_src_gen.gene_src_genus                     ? 
_entity_src_gen.pdbx_gene_src_gene                 'PHIP, DCAF14, WDR11' 
_entity_src_gen.gene_src_species                   ? 
_entity_src_gen.gene_src_strain                    ? 
_entity_src_gen.gene_src_tissue                    ? 
_entity_src_gen.gene_src_tissue_fraction           ? 
_entity_src_gen.gene_src_details                   ? 
_entity_src_gen.pdbx_gene_src_fragment             ? 
_entity_src_gen.pdbx_gene_src_scientific_name      'Homo sapiens' 
_entity_src_gen.pdbx_gene_src_ncbi_taxonomy_id     9606 
_entity_src_gen.pdbx_gene_src_variant              ? 
_entity_src_gen.pdbx_gene_src_cell_line            ? 
_entity_src_gen.pdbx_gene_src_atcc                 ? 
_entity_src_gen.pdbx_gene_src_organ                ? 
_entity_src_gen.pdbx_gene_src_organelle            ? 
_entity_src_gen.pdbx_gene_src_cell                 ? 
_entity_src_gen.pdbx_gene_src_cellular_location    ? 
_entity_src_gen.host_org_common_name               ? 
_entity_src_gen.pdbx_host_org_scientific_name      'Escherichia coli' 
_entity_src_gen.pdbx_host_org_ncbi_taxonomy_id     562 
_entity_src_gen.host_org_genus                     ? 
_entity_src_gen.pdbx_host_org_gene                 ? 
_entity_src_gen.pdbx_host_org_organ                ? 
_entity_src_gen.host_org_species                   ? 
_entity_src_gen.pdbx_host_org_tissue               ? 
_entity_src_gen.pdbx_host_org_tissue_fraction      ? 
_entity_src_gen.pdbx_host_org_strain               ? 
_entity_src_gen.pdbx_host_org_variant              ? 
_entity_src_gen.pdbx_host_org_cell_line            ? 
_entity_src_gen.pdbx_host_org_atcc                 ? 
_entity_src_gen.pdbx_host_org_culture_collection   ? 
_entity_src_gen.pdbx_host_org_cell                 ? 
_entity_src_gen.pdbx_host_org_organelle            ? 
_entity_src_gen.pdbx_host_org_cellular_location    ? 
_entity_src_gen.pdbx_host_org_vector_type          ? 
_entity_src_gen.pdbx_host_org_vector               ? 
_entity_src_gen.host_org_details                   ? 
_entity_src_gen.expression_system_id               ? 
_entity_src_gen.plasmid_name                       ? 
_entity_src_gen.plasmid_details                    ? 
_entity_src_gen.pdbx_description                   ? 
# 
loop_
_chem_comp.id 
_chem_comp.type 
_chem_comp.mon_nstd_flag 
_chem_comp.name 
_chem_comp.pdbx_synonyms 
_chem_comp.formula 
_chem_comp.formula_weight 
ALA 'L-peptide linking' y ALANINE                                                                                    ? 
'C3 H7 N O2'     89.093  
ARG 'L-peptide linking' y ARGININE                                                                                   ? 
'C6 H15 N4 O2 1' 175.209 
ASN 'L-peptide linking' y ASPARAGINE                                                                                 ? 
'C4 H8 N2 O3'    132.118 
ASP 'L-peptide linking' y 'ASPARTIC ACID'                                                                            ? 
'C4 H7 N O4'     133.103 
CYS 'L-peptide linking' y CYSTEINE                                                                                   ? 
'C3 H7 N O2 S'   121.158 
GLN 'L-peptide linking' y GLUTAMINE                                                                                  ? 
'C5 H10 N2 O3'   146.144 
GLU 'L-peptide linking' y 'GLUTAMIC ACID'                                                                            ? 
'C5 H9 N O4'     147.129 
GLY 'peptide linking'   y GLYCINE                                                                                    ? 
'C2 H5 N O2'     75.067  
HIS 'L-peptide linking' y HISTIDINE                                                                                  ? 
'C6 H10 N3 O2 1' 156.162 
HOH non-polymer         . WATER                                                                                      ? 'H2 O' 
18.015  
ILE 'L-peptide linking' y ISOLEUCINE                                                                                 ? 
'C6 H13 N O2'    131.173 
LEU 'L-peptide linking' y LEUCINE                                                                                    ? 
'C6 H13 N O2'    131.173 
LYS 'L-peptide linking' y LYSINE                                                                                     ? 
'C6 H15 N2 O2 1' 147.195 
MET 'L-peptide linking' y METHIONINE                                                                                 ? 
'C5 H11 N O2 S'  149.211 
PHE 'L-peptide linking' y PHENYLALANINE                                                                              ? 
'C9 H11 N O2'    165.189 
PRO 'L-peptide linking' y PROLINE                                                                                    ? 
'C5 H9 N O2'     115.130 
SER 'L-peptide linking' y SERINE                                                                                     ? 
'C3 H7 N O3'     105.093 
THR 'L-peptide linking' y THREONINE                                                                                  ? 
'C4 H9 N O3'     119.119 
TRP 'L-peptide linking' y TRYPTOPHAN                                                                                 ? 
'C11 H12 N2 O2'  204.225 
TYR 'L-peptide linking' y TYROSINE                                                                                   ? 
'C9 H11 N O3'    181.189 
VAL 'L-peptide linking' y VALINE                                                                                     ? 
'C5 H11 N O2'    117.146 
ZKC non-polymer         . 'tert-butyl [3-({[4-(furan-2-carbonyl)piperazine-1-carbonyl]amino}methyl)phenyl]carbamate' ? 
'C22 H28 N4 O5'  428.482 
# 
loop_
_pdbx_poly_seq_scheme.asym_id 
_pdbx_poly_seq_scheme.entity_id 
_pdbx_poly_seq_scheme.seq_id 
_pdbx_poly_seq_scheme.mon_id 
_pdbx_poly_seq_scheme.ndb_seq_num 
_pdbx_poly_seq_scheme.pdb_seq_num 
_pdbx_poly_seq_scheme.auth_seq_num 
_pdbx_poly_seq_scheme.pdb_mon_id 
_pdbx_poly_seq_scheme.auth_mon_id 
_pdbx_poly_seq_scheme.pdb_strand_id 
_pdbx_poly_seq_scheme.pdb_ins_code 
_pdbx_poly_seq_scheme.hetero 
A 1 1   MET 1   1292 ?    ?   ?   A . n 
A 1 2   HIS 2   1293 ?    ?   ?   A . n 
A 1 3   HIS 3   1294 ?    ?   ?   A . n 
A 1 4   HIS 4   1295 ?    ?   ?   A . n 
A 1 5   HIS 5   1296 ?    ?   ?   A . n 
A 1 6   HIS 6   1297 ?    ?   ?   A . n 
A 1 7   HIS 7   1298 ?    ?   ?   A . n 
A 1 8   SER 8   1299 ?    ?   ?   A . n 
A 1 9   SER 9   1300 ?    ?   ?   A . n 
A 1 10  GLY 10  1301 ?    ?   ?   A . n 
A 1 11  VAL 11  1302 ?    ?   ?   A . n 
A 1 12  ASP 12  1303 ?    ?   ?   A . n 
A 1 13  LEU 13  1304 ?    ?   ?   A . n 
A 1 14  GLY 14  1305 ?    ?   ?   A . n 
A 1 15  THR 15  1306 ?    ?   ?   A . n 
A 1 16  GLU 16  1307 ?    ?   ?   A . n 
A 1 17  ASN 17  1308 ?    ?   ?   A . n 
A 1 18  LEU 18  1309 ?    ?   ?   A . n 
A 1 19  TYR 19  1310 ?    ?   ?   A . n 
A 1 20  PHE 20  1311 ?    ?   ?   A . n 
A 1 21  GLN 21  1312 ?    ?   ?   A . n 
A 1 22  SER 22  1313 ?    ?   ?   A . n 
A 1 23  MET 23  1314 ?    ?   ?   A . n 
A 1 24  SER 24  1315 1315 SER SER A . n 
A 1 25  TYR 25  1316 1316 TYR TYR A . n 
A 1 26  ASP 26  1317 1317 ASP ASP A . n 
A 1 27  ILE 27  1318 1318 ILE ILE A . n 
A 1 28  GLN 28  1319 1319 GLN GLN A . n 
A 1 29  ALA 29  1320 1320 ALA ALA A . n 
A 1 30  TRP 30  1321 1321 TRP TRP A . n 
A 1 31  LYS 31  1322 1322 LYS LYS A . n 
A 1 32  LYS 32  1323 1323 LYS LYS A . n 
A 1 33  GLN 33  1324 1324 GLN GLN A . n 
A 1 34  CYS 34  1325 1325 CYS CYS A . n 
A 1 35  GLU 35  1326 1326 GLU GLU A . n 
A 1 36  GLU 36  1327 1327 GLU GLU A . n 
A 1 37  LEU 37  1328 1328 LEU LEU A . n 
A 1 38  LEU 38  1329 1329 LEU LEU A . n 
A 1 39  ASN 39  1330 1330 ASN ASN A . n 
A 1 40  LEU 40  1331 1331 LEU LEU A . n 
A 1 41  ILE 41  1332 1332 ILE ILE A . n 
A 1 42  PHE 42  1333 1333 PHE PHE A . n 
A 1 43  GLN 43  1334 1334 GLN GLN A . n 
A 1 44  CYS 44  1335 1335 CYS CYS A . n 
A 1 45  GLU 45  1336 1336 GLU GLU A . n 
A 1 46  ASP 46  1337 1337 ASP ASP A . n 
A 1 47  SER 47  1338 1338 SER SER A . n 
A 1 48  GLU 48  1339 1339 GLU GLU A . n 
A 1 49  PRO 49  1340 1340 PRO PRO A . n 
A 1 50  PHE 50  1341 1341 PHE PHE A . n 
A 1 51  ARG 51  1342 1342 ARG ARG A . n 
A 1 52  GLN 52  1343 1343 GLN GLN A . n 
A 1 53  PRO 53  1344 1344 PRO PRO A . n 
A 1 54  VAL 54  1345 1345 VAL VAL A . n 
A 1 55  ASP 55  1346 1346 ASP ASP A . n 
A 1 56  LEU 56  1347 1347 LEU LEU A . n 
A 1 57  LEU 57  1348 1348 LEU LEU A . n 
A 1 58  GLU 58  1349 1349 GLU GLU A . n 
A 1 59  TYR 59  1350 1350 TYR TYR A . n 
A 1 60  PRO 60  1351 1351 PRO PRO A . n 
A 1 61  ASP 61  1352 1352 ASP ASP A . n 
A 1 62  TYR 62  1353 1353 TYR TYR A . n 
A 1 63  ARG 63  1354 1354 ARG ARG A . n 
A 1 64  ASP 64  1355 1355 ASP ASP A . n 
A 1 65  ILE 65  1356 1356 ILE ILE A . n 
A 1 66  ILE 66  1357 1357 ILE ILE A . n 
A 1 67  ASP 67  1358 1358 ASP ASP A . n 
A 1 68  THR 68  1359 1359 THR THR A . n 
A 1 69  PRO 69  1360 1360 PRO PRO A . n 
A 1 70  MET 70  1361 1361 MET MET A . n 
A 1 71  ASP 71  1362 1362 ASP ASP A . n 
A 1 72  PHE 72  1363 1363 PHE PHE A . n 
A 1 73  ALA 73  1364 1364 ALA ALA A . n 
A 1 74  THR 74  1365 1365 THR THR A . n 
A 1 75  VAL 75  1366 1366 VAL VAL A . n 
A 1 76  ARG 76  1367 1367 ARG ARG A . n 
A 1 77  GLU 77  1368 1368 GLU GLU A . n 
A 1 78  THR 78  1369 1369 THR THR A . n 
A 1 79  LEU 79  1370 1370 LEU LEU A . n 
A 1 80  GLU 80  1371 1371 GLU GLU A . n 
A 1 81  ALA 81  1372 1372 ALA ALA A . n 
A 1 82  GLY 82  1373 1373 GLY GLY A . n 
A 1 83  ASN 83  1374 1374 ASN ASN A . n 
A 1 84  TYR 84  1375 1375 TYR TYR A . n 
A 1 85  GLU 85  1376 1376 GLU GLU A . n 
A 1 86  SER 86  1377 1377 SER SER A . n 
A 1 87  PRO 87  1378 1378 PRO PRO A . n 
A 1 88  MET 88  1379 1379 MET MET A . n 
A 1 89  GLU 89  1380 1380 GLU GLU A . n 
A 1 90  LEU 90  1381 1381 LEU LEU A . n 
A 1 91  CYS 91  1382 1382 CYS CYS A . n 
A 1 92  LYS 92  1383 1383 LYS LYS A . n 
A 1 93  ASP 93  1384 1384 ASP ASP A . n 
A 1 94  VAL 94  1385 1385 VAL VAL A . n 
A 1 95  ARG 95  1386 1386 ARG ARG A . n 
A 1 96  LEU 96  1387 1387 LEU LEU A . n 
A 1 97  ILE 97  1388 1388 ILE ILE A . n 
A 1 98  PHE 98  1389 1389 PHE PHE A . n 
A 1 99  SER 99  1390 1390 SER SER A . n 
A 1 100 ASN 100 1391 1391 ASN ASN A . n 
A 1 101 SER 101 1392 1392 SER SER A . n 
A 1 102 LYS 102 1393 1393 LYS LYS A . n 
A 1 103 ALA 103 1394 1394 ALA ALA A . n 
A 1 104 TYR 104 1395 1395 TYR TYR A . n 
A 1 105 THR 105 1396 1396 THR THR A . n 
A 1 106 PRO 106 1397 1397 PRO PRO A . n 
A 1 107 SER 107 1398 1398 SER SER A . n 
A 1 108 LYS 108 1399 1399 LYS LYS A . n 
A 1 109 ARG 109 1400 1400 ARG ARG A . n 
A 1 110 SER 110 1401 1401 SER SER A . n 
A 1 111 ARG 111 1402 1402 ARG ARG A . n 
A 1 112 ILE 112 1403 1403 ILE ILE A . n 
A 1 113 TYR 113 1404 1404 TYR TYR A . n 
A 1 114 SER 114 1405 1405 SER SER A . n 
A 1 115 MET 115 1406 1406 MET MET A . n 
A 1 116 SER 116 1407 1407 SER SER A . n 
A 1 117 LEU 117 1408 1408 LEU LEU A . n 
A 1 118 ARG 118 1409 1409 ARG ARG A . n 
A 1 119 LEU 119 1410 1410 LEU LEU A . n 
A 1 120 SER 120 1411 1411 SER SER A . n 
A 1 121 ALA 121 1412 1412 ALA ALA A . n 
A 1 122 PHE 122 1413 1413 PHE PHE A . n 
A 1 123 PHE 123 1414 1414 PHE PHE A . n 
A 1 124 GLU 124 1415 1415 GLU GLU A . n 
A 1 125 GLU 125 1416 1416 GLU GLU A . n 
A 1 126 HIS 126 1417 1417 HIS HIS A . n 
A 1 127 ILE 127 1418 1418 ILE ILE A . n 
A 1 128 SER 128 1419 1419 SER SER A . n 
A 1 129 SER 129 1420 1420 SER SER A . n 
A 1 130 VAL 130 1421 1421 VAL VAL A . n 
A 1 131 LEU 131 1422 1422 LEU LEU A . n 
A 1 132 SER 132 1423 1423 SER SER A . n 
A 1 133 ASP 133 1424 1424 ASP ASP A . n 
A 1 134 TYR 134 1425 1425 TYR TYR A . n 
A 1 135 LYS 135 1426 1426 LYS LYS A . n 
A 1 136 SER 136 1427 1427 SER SER A . n 
A 1 137 ALA 137 1428 1428 ALA ALA A . n 
A 1 138 LEU 138 1429 1429 LEU LEU A . n 
A 1 139 ARG 139 1430 1430 ARG ARG A . n 
A 1 140 PHE 140 1431 1431 PHE PHE A . n 
A 1 141 HIS 141 1432 1432 HIS HIS A . n 
A 1 142 LYS 142 1433 1433 LYS LYS A . n 
A 1 143 ARG 143 1434 1434 ARG ARG A . n 
A 1 144 ASN 144 1435 1435 ASN ASN A . n 
A 1 145 THR 145 1436 ?    ?   ?   A . n 
A 1 146 ILE 146 1437 ?    ?   ?   A . n 
A 1 147 THR 147 1438 ?    ?   ?   A . n 
A 1 148 LYS 148 1439 ?    ?   ?   A . n 
A 1 149 ARG 149 1440 ?    ?   ?   A . n 
# 
loop_
_pdbx_nonpoly_scheme.asym_id 
_pdbx_nonpoly_scheme.entity_id 
_pdbx_nonpoly_scheme.mon_id 
_pdbx_nonpoly_scheme.ndb_seq_num 
_pdbx_nonpoly_scheme.pdb_seq_num 
_pdbx_nonpoly_scheme.auth_seq_num 
_pdbx_nonpoly_scheme.pdb_mon_id 
_pdbx_nonpoly_scheme.auth_mon_id 
_pdbx_nonpoly_scheme.pdb_strand_id 
_pdbx_nonpoly_scheme.pdb_ins_code 
B 2 ZKC 1   1901 1901 ZKC LIG A . 
C 3 HOH 1   2001 1662 HOH HOH A . 
C 3 HOH 2   2002 1631 HOH HOH A . 
C 3 HOH 3   2003 1607 HOH HOH A . 
C 3 HOH 4   2004 21   HOH HOH A . 
C 3 HOH 5   2005 1618 HOH HOH A . 
C 3 HOH 6   2006 1610 HOH HOH A . 
C 3 HOH 7   2007 17   HOH HOH A . 
C 3 HOH 8   2008 1    HOH HOH A . 
C 3 HOH 9   2009 1638 HOH HOH A . 
C 3 HOH 10  2010 10   HOH HOH A . 
C 3 HOH 11  2011 1605 HOH HOH A . 
C 3 HOH 12  2012 1771 HOH HOH A . 
C 3 HOH 13  2013 1603 HOH HOH A . 
C 3 HOH 14  2014 1609 HOH HOH A . 
C 3 HOH 15  2015 1739 HOH HOH A . 
C 3 HOH 16  2016 1750 HOH HOH A . 
C 3 HOH 17  2017 1712 HOH HOH A . 
C 3 HOH 18  2018 1624 HOH HOH A . 
C 3 HOH 19  2019 1676 HOH HOH A . 
C 3 HOH 20  2020 16   HOH HOH A . 
C 3 HOH 21  2021 1642 HOH HOH A . 
C 3 HOH 22  2022 1679 HOH HOH A . 
C 3 HOH 23  2023 1616 HOH HOH A . 
C 3 HOH 24  2024 1734 HOH HOH A . 
C 3 HOH 25  2025 1622 HOH HOH A . 
C 3 HOH 26  2026 1602 HOH HOH A . 
C 3 HOH 27  2027 1629 HOH HOH A . 
C 3 HOH 28  2028 1613 HOH HOH A . 
C 3 HOH 29  2029 15   HOH HOH A . 
C 3 HOH 30  2030 1644 HOH HOH A . 
C 3 HOH 31  2031 1646 HOH HOH A . 
C 3 HOH 32  2032 1612 HOH HOH A . 
C 3 HOH 33  2033 9    HOH HOH A . 
C 3 HOH 34  2034 1660 HOH HOH A . 
C 3 HOH 35  2035 1615 HOH HOH A . 
C 3 HOH 36  2036 1625 HOH HOH A . 
C 3 HOH 37  2037 1628 HOH HOH A . 
C 3 HOH 38  2038 1732 HOH HOH A . 
C 3 HOH 39  2039 1658 HOH HOH A . 
C 3 HOH 40  2040 1617 HOH HOH A . 
C 3 HOH 41  2041 1649 HOH HOH A . 
C 3 HOH 42  2042 1645 HOH HOH A . 
C 3 HOH 43  2043 1621 HOH HOH A . 
C 3 HOH 44  2044 1767 HOH HOH A . 
C 3 HOH 45  2045 1678 HOH HOH A . 
C 3 HOH 46  2046 1673 HOH HOH A . 
C 3 HOH 47  2047 1626 HOH HOH A . 
C 3 HOH 48  2048 1677 HOH HOH A . 
C 3 HOH 49  2049 1608 HOH HOH A . 
C 3 HOH 50  2050 1736 HOH HOH A . 
C 3 HOH 51  2051 1668 HOH HOH A . 
C 3 HOH 52  2052 1655 HOH HOH A . 
C 3 HOH 53  2053 1634 HOH HOH A . 
C 3 HOH 54  2054 1700 HOH HOH A . 
C 3 HOH 55  2055 1630 HOH HOH A . 
C 3 HOH 56  2056 1633 HOH HOH A . 
C 3 HOH 57  2057 1671 HOH HOH A . 
C 3 HOH 58  2058 1663 HOH HOH A . 
C 3 HOH 59  2059 1672 HOH HOH A . 
C 3 HOH 60  2060 4    HOH HOH A . 
C 3 HOH 61  2061 1682 HOH HOH A . 
C 3 HOH 62  2062 1664 HOH HOH A . 
C 3 HOH 63  2063 1643 HOH HOH A . 
C 3 HOH 64  2064 1652 HOH HOH A . 
C 3 HOH 65  2065 1666 HOH HOH A . 
C 3 HOH 66  2066 1689 HOH HOH A . 
C 3 HOH 67  2067 1688 HOH HOH A . 
C 3 HOH 68  2068 1650 HOH HOH A . 
C 3 HOH 69  2069 1665 HOH HOH A . 
C 3 HOH 70  2070 1632 HOH HOH A . 
C 3 HOH 71  2071 1623 HOH HOH A . 
C 3 HOH 72  2072 1637 HOH HOH A . 
C 3 HOH 73  2073 1620 HOH HOH A . 
C 3 HOH 74  2074 18   HOH HOH A . 
C 3 HOH 75  2075 1619 HOH HOH A . 
C 3 HOH 76  2076 2    HOH HOH A . 
C 3 HOH 77  2077 1733 HOH HOH A . 
C 3 HOH 78  2078 1674 HOH HOH A . 
C 3 HOH 79  2079 1680 HOH HOH A . 
C 3 HOH 80  2080 1693 HOH HOH A . 
C 3 HOH 81  2081 14   HOH HOH A . 
C 3 HOH 82  2082 1684 HOH HOH A . 
C 3 HOH 83  2083 1740 HOH HOH A . 
C 3 HOH 84  2084 1601 HOH HOH A . 
C 3 HOH 85  2085 1723 HOH HOH A . 
C 3 HOH 86  2086 1661 HOH HOH A . 
C 3 HOH 87  2087 1651 HOH HOH A . 
C 3 HOH 88  2088 1675 HOH HOH A . 
C 3 HOH 89  2089 1721 HOH HOH A . 
C 3 HOH 90  2090 1687 HOH HOH A . 
C 3 HOH 91  2091 1648 HOH HOH A . 
C 3 HOH 92  2092 1696 HOH HOH A . 
C 3 HOH 93  2093 3    HOH HOH A . 
C 3 HOH 94  2094 1694 HOH HOH A . 
C 3 HOH 95  2095 7    HOH HOH A . 
C 3 HOH 96  2096 1686 HOH HOH A . 
C 3 HOH 97  2097 1699 HOH HOH A . 
C 3 HOH 98  2098 1690 HOH HOH A . 
C 3 HOH 99  2099 1730 HOH HOH A . 
C 3 HOH 100 2100 1741 HOH HOH A . 
C 3 HOH 101 2101 1685 HOH HOH A . 
C 3 HOH 102 2102 1731 HOH HOH A . 
C 3 HOH 103 2103 1720 HOH HOH A . 
C 3 HOH 104 2104 1704 HOH HOH A . 
C 3 HOH 105 2105 1683 HOH HOH A . 
C 3 HOH 106 2106 1641 HOH HOH A . 
C 3 HOH 107 2107 1681 HOH HOH A . 
C 3 HOH 108 2108 1669 HOH HOH A . 
C 3 HOH 109 2109 1692 HOH HOH A . 
C 3 HOH 110 2110 1627 HOH HOH A . 
C 3 HOH 111 2111 1701 HOH HOH A . 
C 3 HOH 112 2112 6    HOH HOH A . 
C 3 HOH 113 2113 1708 HOH HOH A . 
C 3 HOH 114 2114 1709 HOH HOH A . 
C 3 HOH 115 2115 1728 HOH HOH A . 
C 3 HOH 116 2116 1711 HOH HOH A . 
C 3 HOH 117 2117 1725 HOH HOH A . 
C 3 HOH 118 2118 1719 HOH HOH A . 
C 3 HOH 119 2119 1716 HOH HOH A . 
C 3 HOH 120 2120 1706 HOH HOH A . 
C 3 HOH 121 2121 1657 HOH HOH A . 
C 3 HOH 122 2122 1611 HOH HOH A . 
C 3 HOH 123 2123 1713 HOH HOH A . 
C 3 HOH 124 2124 1697 HOH HOH A . 
C 3 HOH 125 2125 1744 HOH HOH A . 
C 3 HOH 126 2126 1714 HOH HOH A . 
C 3 HOH 127 2127 1715 HOH HOH A . 
C 3 HOH 128 2128 1737 HOH HOH A . 
C 3 HOH 129 2129 1710 HOH HOH A . 
C 3 HOH 130 2130 1724 HOH HOH A . 
C 3 HOH 131 2131 1718 HOH HOH A . 
C 3 HOH 132 2132 1729 HOH HOH A . 
C 3 HOH 133 2133 1735 HOH HOH A . 
C 3 HOH 134 2134 1703 HOH HOH A . 
C 3 HOH 135 2135 1726 HOH HOH A . 
C 3 HOH 136 2136 1747 HOH HOH A . 
C 3 HOH 137 2137 1727 HOH HOH A . 
C 3 HOH 138 2138 1640 HOH HOH A . 
C 3 HOH 139 2139 1667 HOH HOH A . 
C 3 HOH 140 2140 1647 HOH HOH A . 
C 3 HOH 141 2141 1801 HOH HOH A . 
C 3 HOH 142 2142 19   HOH HOH A . 
C 3 HOH 143 2143 1722 HOH HOH A . 
C 3 HOH 144 2144 1702 HOH HOH A . 
C 3 HOH 145 2145 1635 HOH HOH A . 
C 3 HOH 146 2146 1752 HOH HOH A . 
C 3 HOH 147 2147 1742 HOH HOH A . 
C 3 HOH 148 2148 1755 HOH HOH A . 
C 3 HOH 149 2149 1748 HOH HOH A . 
C 3 HOH 150 2150 1743 HOH HOH A . 
C 3 HOH 151 2151 1751 HOH HOH A . 
C 3 HOH 152 2152 1763 HOH HOH A . 
C 3 HOH 153 2153 1772 HOH HOH A . 
C 3 HOH 154 2154 1753 HOH HOH A . 
C 3 HOH 155 2155 1756 HOH HOH A . 
C 3 HOH 156 2156 1766 HOH HOH A . 
C 3 HOH 157 2157 20   HOH HOH A . 
C 3 HOH 158 2158 1759 HOH HOH A . 
C 3 HOH 159 2159 1769 HOH HOH A . 
C 3 HOH 160 2160 1770 HOH HOH A . 
C 3 HOH 161 2161 1754 HOH HOH A . 
C 3 HOH 162 2162 1762 HOH HOH A . 
C 3 HOH 163 2163 1758 HOH HOH A . 
C 3 HOH 164 2164 22   HOH HOH A . 
C 3 HOH 165 2165 1786 HOH HOH A . 
C 3 HOH 166 2166 1768 HOH HOH A . 
C 3 HOH 167 2167 1765 HOH HOH A . 
C 3 HOH 168 2168 8    HOH HOH A . 
C 3 HOH 169 2169 12   HOH HOH A . 
C 3 HOH 170 2170 1794 HOH HOH A . 
C 3 HOH 171 2171 1779 HOH HOH A . 
C 3 HOH 172 2172 1784 HOH HOH A . 
C 3 HOH 173 2173 1795 HOH HOH A . 
C 3 HOH 174 2174 1777 HOH HOH A . 
C 3 HOH 175 2175 1783 HOH HOH A . 
C 3 HOH 176 2176 1782 HOH HOH A . 
C 3 HOH 177 2177 1775 HOH HOH A . 
C 3 HOH 178 2178 1780 HOH HOH A . 
C 3 HOH 179 2179 1774 HOH HOH A . 
C 3 HOH 180 2180 1778 HOH HOH A . 
C 3 HOH 181 2181 11   HOH HOH A . 
C 3 HOH 182 2182 1785 HOH HOH A . 
C 3 HOH 183 2183 1796 HOH HOH A . 
C 3 HOH 184 2184 1781 HOH HOH A . 
C 3 HOH 185 2185 1789 HOH HOH A . 
C 3 HOH 186 2186 1791 HOH HOH A . 
C 3 HOH 187 2187 1760 HOH HOH A . 
C 3 HOH 188 2188 1787 HOH HOH A . 
C 3 HOH 189 2189 1790 HOH HOH A . 
C 3 HOH 190 2190 13   HOH HOH A . 
C 3 HOH 191 2191 1792 HOH HOH A . 
C 3 HOH 192 2192 1793 HOH HOH A . 
C 3 HOH 193 2193 1788 HOH HOH A . 
C 3 HOH 194 2194 1798 HOH HOH A . 
C 3 HOH 195 2195 1797 HOH HOH A . 
C 3 HOH 196 2196 1799 HOH HOH A . 
C 3 HOH 197 2197 1800 HOH HOH A . 
# 
loop_
_pdbx_unobs_or_zero_occ_atoms.id 
_pdbx_unobs_or_zero_occ_atoms.PDB_model_num 
_pdbx_unobs_or_zero_occ_atoms.polymer_flag 
_pdbx_unobs_or_zero_occ_atoms.occupancy_flag 
_pdbx_unobs_or_zero_occ_atoms.auth_asym_id 
_pdbx_unobs_or_zero_occ_atoms.auth_comp_id 
_pdbx_unobs_or_zero_occ_atoms.auth_seq_id 
_pdbx_unobs_or_zero_occ_atoms.PDB_ins_code 
_pdbx_unobs_or_zero_occ_atoms.auth_atom_id 
_pdbx_unobs_or_zero_occ_atoms.label_alt_id 
_pdbx_unobs_or_zero_occ_atoms.label_asym_id 
_pdbx_unobs_or_zero_occ_atoms.label_comp_id 
_pdbx_unobs_or_zero_occ_atoms.label_seq_id 
_pdbx_unobs_or_zero_occ_atoms.label_atom_id 
1 1 Y 1 A GLN 1334 ? CD  ? A GLN 43 CD  
2 1 Y 1 A GLN 1334 ? OE1 ? A GLN 43 OE1 
3 1 Y 1 A GLN 1334 ? NE2 ? A GLN 43 NE2 
# 
loop_
_software.pdbx_ordinal 
_software.name 
_software.version 
_software.date 
_software.type 
_software.contact_author 
_software.contact_author_email 
_software.classification 
_software.location 
_software.language 
_software.citation_id 
1 REFMAC      5.8.0267 ?               program 'Garib N. Murshudov' garib@ysbl.york.ac.uk    refinement        
http://www.ccp4.ac.uk/dist/html/refmac5.html        Fortran_77 ? 
2 Aimless     0.7.7    23/04/21        program 'Phil Evans'         ?                        'data scaling'    
http://www.mrc-lmb.cam.ac.uk/harry/pre/aimless.html ?          ? 
3 PDB_EXTRACT 3.23     'SEP. 23, 2016' package PDB                  deposit@deposit.rcsb.org 'data extraction' 
http://sw-tools.pdb.org/apps/PDB_EXTRACT/           C++        ? 
4 XDS         .        ?               program ?                    ?                        'data reduction'  ? ?          ? 
5 REFMAC      .        ?               program ?                    ?                        phasing           ? ?          ? 
# 
_cell.entry_id           7FV1 
_cell.length_a           81.906 
_cell.length_b           27.464 
_cell.length_c           56.444 
_cell.angle_alpha        90.000 
_cell.angle_beta         100.250 
_cell.angle_gamma        90.000 
_cell.Z_PDB              4 
_cell.pdbx_unique_axis   ? 
# 
_symmetry.entry_id                         7FV1 
_symmetry.space_group_name_H-M             'C 1 2 1' 
_symmetry.pdbx_full_space_group_name_H-M   ? 
_symmetry.cell_setting                     ? 
_symmetry.Int_Tables_number                5 
# 
_exptl.crystals_number   1 
_exptl.entry_id          7FV1 
_exptl.method            'X-RAY DIFFRACTION' 
# 
_exptl_crystal.id                    1 
_exptl_crystal.pdbx_mosaicity        0.000 
_exptl_crystal.pdbx_mosaicity_esd    ? 
_exptl_crystal.density_Matthews      1.77 
_exptl_crystal.density_diffrn        ? 
_exptl_crystal.density_meas          ? 
_exptl_crystal.density_meas_temp     ? 
_exptl_crystal.density_percent_sol   30.58 
_exptl_crystal.size_max              ? 
_exptl_crystal.size_mid              ? 
_exptl_crystal.size_min              ? 
_exptl_crystal.size_rad              ? 
_exptl_crystal.description           ? 
# 
_exptl_crystal_grow.crystal_id      1 
_exptl_crystal_grow.method          'VAPOR DIFFUSION, SITTING DROP' 
_exptl_crystal_grow.pH              5.6 
_exptl_crystal_grow.temp            277 
_exptl_crystal_grow.pdbx_details    '20% PEG 8000, 0.04M potassium phosphate' 
_exptl_crystal_grow.temp_details    ? 
_exptl_crystal_grow.pdbx_pH_range   ? 
# 
_diffrn.id                     1 
_diffrn.ambient_temp           100 
_diffrn.crystal_id             1 
_diffrn.ambient_temp_details   ? 
# 
_diffrn_detector.detector               PIXEL 
_diffrn_detector.type                   'DECTRIS PILATUS 6M' 
_diffrn_detector.pdbx_collection_date   2022-09-24 
_diffrn_detector.diffrn_id              1 
_diffrn_detector.details                ? 
# 
_diffrn_radiation.diffrn_id                        1 
_diffrn_radiation.wavelength_id                    1 
_diffrn_radiation.pdbx_diffrn_protocol             'SINGLE WAVELENGTH' 
_diffrn_radiation.pdbx_monochromatic_or_laue_m_l   ? 
_diffrn_radiation.monochromator                    ? 
_diffrn_radiation.pdbx_scattering_type             x-ray 
# 
_diffrn_radiation_wavelength.id           1 
_diffrn_radiation_wavelength.wavelength   0.92124 
_diffrn_radiation_wavelength.wt           1.0 
# 
_diffrn_source.diffrn_id                   1 
_diffrn_source.source                      SYNCHROTRON 
_diffrn_source.type                        'DIAMOND BEAMLINE I04-1' 
_diffrn_source.pdbx_wavelength_list        0.92124 
_diffrn_source.pdbx_synchrotron_site       Diamond 
_diffrn_source.pdbx_synchrotron_beamline   I04-1 
_diffrn_source.pdbx_wavelength             ? 
# 
_reflns.entry_id                     7FV1 
_reflns.pdbx_diffrn_id               1 
_reflns.pdbx_ordinal                 1 
_reflns.observed_criterion_sigma_I   ? 
_reflns.observed_criterion_sigma_F   ? 
_reflns.d_resolution_low             30.190 
_reflns.d_resolution_high            1.190 
_reflns.number_obs                   33165 
_reflns.number_all                   ? 
_reflns.percent_possible_obs         83.000 
_reflns.pdbx_Rmerge_I_obs            0.064 
_reflns.pdbx_Rsym_value              ? 
_reflns.pdbx_netI_over_sigmaI        25.800 
_reflns.B_iso_Wilson_estimate        ? 
_reflns.pdbx_redundancy              5.200 
_reflns.pdbx_Rrim_I_all              0.070 
_reflns.pdbx_Rpim_I_all              0.029 
_reflns.pdbx_CC_half                 0.993 
_reflns.pdbx_netI_over_av_sigmaI     ? 
_reflns.pdbx_number_measured_all     171255 
_reflns.pdbx_scaling_rejects         0 
_reflns.pdbx_chi_squared             ? 
_reflns.Rmerge_F_all                 ? 
_reflns.Rmerge_F_obs                 ? 
_reflns.observed_criterion_F_max     ? 
_reflns.observed_criterion_F_min     ? 
_reflns.observed_criterion_I_max     ? 
_reflns.observed_criterion_I_min     ? 
_reflns.pdbx_d_res_high_opt          ? 
_reflns.pdbx_d_res_low_opt           ? 
_reflns.details                      ? 
# 
loop_
_reflns_shell.pdbx_diffrn_id 
_reflns_shell.pdbx_ordinal 
_reflns_shell.d_res_high 
_reflns_shell.d_res_low 
_reflns_shell.number_measured_obs 
_reflns_shell.number_measured_all 
_reflns_shell.number_unique_obs 
_reflns_shell.pdbx_rejects 
_reflns_shell.Rmerge_I_obs 
_reflns_shell.meanI_over_sigI_obs 
_reflns_shell.pdbx_Rsym_value 
_reflns_shell.pdbx_chi_squared 
_reflns_shell.pdbx_redundancy 
_reflns_shell.percent_possible_obs 
_reflns_shell.pdbx_netI_over_sigmaI_obs 
_reflns_shell.number_possible 
_reflns_shell.number_unique_all 
_reflns_shell.Rmerge_F_all 
_reflns_shell.Rmerge_F_obs 
_reflns_shell.Rmerge_I_all 
_reflns_shell.meanI_over_sigI_all 
_reflns_shell.percent_possible_all 
_reflns_shell.pdbx_Rrim_I_all 
_reflns_shell.pdbx_Rpim_I_all 
_reflns_shell.pdbx_CC_half 
1 1 1.190 1.210  ? 611  ? ? 0.247 ? ? ? 1.300 ? 2.900  ? 465 ? ? ? ? 23.200 0.343 0.236 0.861 
1 2 6.410 30.190 ? 1591 ? ? 0.111 ? ? ? 5.500 ? 42.800 ? 291 ? ? ? ? 99.200 0.126 0.057 0.975 
# 
_refine.entry_id                                 7FV1 
_refine.pdbx_refine_id                           'X-RAY DIFFRACTION' 
_refine.ls_d_res_high                            1.1900 
_refine.ls_d_res_low                             30.1900 
_refine.pdbx_ls_sigma_F                          0.000 
_refine.pdbx_data_cutoff_high_absF               ? 
_refine.pdbx_data_cutoff_low_absF                ? 
_refine.ls_percent_reflns_obs                    82.6700 
_refine.ls_number_reflns_obs                     31513 
_refine.ls_number_reflns_all                     ? 
_refine.pdbx_ls_cross_valid_method               THROUGHOUT 
_refine.ls_matrix_type                           ? 
_refine.pdbx_R_Free_selection_details            RANDOM 
_refine.details                                  
'HYDROGENS HAVE BEEN ADDED IN THE RIDING POSITIONS U VALUES      : REFINED INDIVIDUALLY' 
_refine.ls_R_factor_all                          ? 
_refine.ls_R_factor_obs                          0.1773 
_refine.ls_R_factor_R_work                       0.1759 
_refine.ls_wR_factor_R_work                      ? 
_refine.ls_R_factor_R_free                       0.2046 
_refine.ls_wR_factor_R_free                      ? 
_refine.ls_percent_reflns_R_free                 5.0000 
_refine.ls_number_reflns_R_free                  1644 
_refine.ls_number_reflns_R_work                  ? 
_refine.ls_R_factor_R_free_error                 ? 
_refine.B_iso_mean                               18.3440 
_refine.solvent_model_param_bsol                 ? 
_refine.solvent_model_param_ksol                 ? 
_refine.pdbx_isotropic_thermal_model             ? 
_refine.aniso_B[1][1]                            -0.0600 
_refine.aniso_B[2][2]                            0.9500 
_refine.aniso_B[3][3]                            -0.9900 
_refine.aniso_B[1][2]                            -0.0000 
_refine.aniso_B[1][3]                            0.4700 
_refine.aniso_B[2][3]                            -0.0000 
_refine.correlation_coeff_Fo_to_Fc               0.9640 
_refine.correlation_coeff_Fo_to_Fc_free          0.9520 
_refine.overall_SU_R_Cruickshank_DPI             ? 
_refine.pdbx_overall_SU_R_free_Cruickshank_DPI   ? 
_refine.pdbx_overall_SU_R_Blow_DPI               ? 
_refine.pdbx_overall_SU_R_free_Blow_DPI          ? 
_refine.overall_SU_R_free                        ? 
_refine.pdbx_overall_ESU_R                       0.0750 
_refine.pdbx_overall_ESU_R_Free                  0.0730 
_refine.overall_SU_ML                            0.0480 
_refine.overall_SU_B                             1.0650 
_refine.solvent_model_details                    MASK 
_refine.pdbx_solvent_vdw_probe_radii             1.2000 
_refine.pdbx_solvent_ion_probe_radii             0.8000 
_refine.pdbx_solvent_shrinkage_radii             0.8000 
_refine.ls_number_parameters                     ? 
_refine.ls_number_restraints                     ? 
_refine.pdbx_starting_model                      7av9 
_refine.pdbx_method_to_determine_struct          'FOURIER SYNTHESIS' 
_refine.pdbx_stereochemistry_target_values       'MAXIMUM LIKELIHOOD' 
_refine.pdbx_stereochem_target_val_spec_case     ? 
_refine.overall_FOM_work_R_set                   ? 
_refine.B_iso_max                                120.630 
_refine.B_iso_min                                8.870 
_refine.pdbx_overall_phase_error                 ? 
_refine.occupancy_max                            ? 
_refine.occupancy_min                            ? 
_refine.pdbx_diffrn_id                           1 
_refine.pdbx_TLS_residual_ADP_flag               ? 
_refine.pdbx_ls_sigma_I                          ? 
_refine.pdbx_data_cutoff_high_rms_absF           ? 
_refine.ls_R_factor_R_free_error_details         ? 
# 
_refine_hist.cycle_id                         final 
_refine_hist.pdbx_refine_id                   'X-RAY DIFFRACTION' 
_refine_hist.d_res_high                       1.1900 
_refine_hist.d_res_low                        30.1900 
_refine_hist.pdbx_number_atoms_ligand         31 
_refine_hist.number_atoms_solvent             197 
_refine_hist.number_atoms_total               1231 
_refine_hist.pdbx_number_residues_total       121 
_refine_hist.pdbx_B_iso_mean_ligand           37.04 
_refine_hist.pdbx_B_iso_mean_solvent          26.50 
_refine_hist.pdbx_number_atoms_protein        1003 
_refine_hist.pdbx_number_atoms_nucleic_acid   0 
# 
loop_
_refine_ls_restr.pdbx_refine_id 
_refine_ls_restr.type 
_refine_ls_restr.number 
_refine_ls_restr.dev_ideal 
_refine_ls_restr.dev_ideal_target 
_refine_ls_restr.weight 
_refine_ls_restr.pdbx_restraint_function 
'X-RAY DIFFRACTION' r_bond_refined_d       2951 0.009  0.015  ? ? 
'X-RAY DIFFRACTION' r_bond_other_d         1993 0.001  0.014  ? ? 
'X-RAY DIFFRACTION' r_angle_refined_deg    3000 1.687  1.676  ? ? 
'X-RAY DIFFRACTION' r_angle_other_deg      4650 1.418  1.587  ? ? 
'X-RAY DIFFRACTION' r_dihedral_angle_1_deg 276  6.247  5.000  ? ? 
'X-RAY DIFFRACTION' r_dihedral_angle_2_deg 131  24.249 20.458 ? ? 
'X-RAY DIFFRACTION' r_dihedral_angle_3_deg 371  14.137 15.000 ? ? 
'X-RAY DIFFRACTION' r_dihedral_angle_4_deg 21   11.203 15.000 ? ? 
'X-RAY DIFFRACTION' r_chiral_restr         277  0.088  0.200  ? ? 
'X-RAY DIFFRACTION' r_gen_planes_refined   2597 0.009  0.020  ? ? 
'X-RAY DIFFRACTION' r_gen_planes_other     531  0.003  0.020  ? ? 
'X-RAY DIFFRACTION' r_mcbond_it            1394 1.284  1.753  ? ? 
'X-RAY DIFFRACTION' r_mcbond_other         1320 1.319  1.694  ? ? 
'X-RAY DIFFRACTION' r_mcangle_it           1316 2.571  2.438  ? ? 
# 
_refine_ls_shell.d_res_high                       1.1900 
_refine_ls_shell.d_res_low                        1.2210 
_refine_ls_shell.pdbx_total_number_of_bins_used   20 
_refine_ls_shell.percent_reflns_obs               24.5800 
_refine_ls_shell.number_reflns_R_work             683 
_refine_ls_shell.R_factor_all                     ? 
_refine_ls_shell.R_factor_R_work                  0.2550 
_refine_ls_shell.R_factor_R_free                  0.2720 
_refine_ls_shell.percent_reflns_R_free            ? 
_refine_ls_shell.number_reflns_R_free             37 
_refine_ls_shell.R_factor_R_free_error            ? 
_refine_ls_shell.number_reflns_all                720 
_refine_ls_shell.number_reflns_obs                ? 
_refine_ls_shell.pdbx_refine_id                   'X-RAY DIFFRACTION' 
# 
_struct.entry_id                  7FV1 
_struct.title                     'PanDDA analysis group deposition -- PHIP in complex with Z4912742920' 
_struct.pdbx_model_details        ? 
_struct.pdbx_CASP_flag            ? 
_struct.pdbx_model_type_details   ? 
# 
_struct_keywords.entry_id        7FV1 
_struct_keywords.text            
'False negatives, ligand features, rescreening, catalogue, fragment follow-ups, automated chemistry, SIGNALING PROTEIN' 
_struct_keywords.pdbx_keywords   'SIGNALING PROTEIN' 
# 
loop_
_struct_asym.id 
_struct_asym.pdbx_blank_PDB_chainid_flag 
_struct_asym.pdbx_modified 
_struct_asym.entity_id 
_struct_asym.details 
A N N 1 ? 
B N N 2 ? 
C N N 3 ? 
# 
_struct_ref.id                         1 
_struct_ref.db_name                    UNP 
_struct_ref.db_code                    PHIP_HUMAN 
_struct_ref.pdbx_db_accession          Q8WWQ0 
_struct_ref.pdbx_db_isoform            ? 
_struct_ref.entity_id                  1 
_struct_ref.pdbx_seq_one_letter_code   
;SYDIQAWKKQCEELLNLIFQCEDSEPFRQPVDLLEYPDYRDIIDTPMDFATVRETLEAGNYESPMELCKDVRLIFSNSKA
YTPSKRSRIYSMSLRLSAFFEEHISSVLSDYKSALRFHKRNTITKR
;
_struct_ref.pdbx_align_begin           1315 
# 
_struct_ref_seq.align_id                      1 
_struct_ref_seq.ref_id                        1 
_struct_ref_seq.pdbx_PDB_id_code              7FV1 
_struct_ref_seq.pdbx_strand_id                A 
_struct_ref_seq.seq_align_beg                 24 
_struct_ref_seq.pdbx_seq_align_beg_ins_code   ? 
_struct_ref_seq.seq_align_end                 149 
_struct_ref_seq.pdbx_seq_align_end_ins_code   ? 
_struct_ref_seq.pdbx_db_accession             Q8WWQ0 
_struct_ref_seq.db_align_beg                  1315 
_struct_ref_seq.pdbx_db_align_beg_ins_code    ? 
_struct_ref_seq.db_align_end                  1440 
_struct_ref_seq.pdbx_db_align_end_ins_code    ? 
_struct_ref_seq.pdbx_auth_seq_align_beg       1315 
_struct_ref_seq.pdbx_auth_seq_align_end       1440 
# 
loop_
_struct_ref_seq_dif.align_id 
_struct_ref_seq_dif.pdbx_pdb_id_code 
_struct_ref_seq_dif.mon_id 
_struct_ref_seq_dif.pdbx_pdb_strand_id 
_struct_ref_seq_dif.seq_num 
_struct_ref_seq_dif.pdbx_pdb_ins_code 
_struct_ref_seq_dif.pdbx_seq_db_name 
_struct_ref_seq_dif.pdbx_seq_db_accession_code 
_struct_ref_seq_dif.db_mon_id 
_struct_ref_seq_dif.pdbx_seq_db_seq_num 
_struct_ref_seq_dif.details 
_struct_ref_seq_dif.pdbx_auth_seq_num 
_struct_ref_seq_dif.pdbx_ordinal 
1 7FV1 MET A 1  ? UNP Q8WWQ0 ? ? 'initiating methionine' 1292 1  
1 7FV1 HIS A 2  ? UNP Q8WWQ0 ? ? 'expression tag'        1293 2  
1 7FV1 HIS A 3  ? UNP Q8WWQ0 ? ? 'expression tag'        1294 3  
1 7FV1 HIS A 4  ? UNP Q8WWQ0 ? ? 'expression tag'        1295 4  
1 7FV1 HIS A 5  ? UNP Q8WWQ0 ? ? 'expression tag'        1296 5  
1 7FV1 HIS A 6  ? UNP Q8WWQ0 ? ? 'expression tag'        1297 6  
1 7FV1 HIS A 7  ? UNP Q8WWQ0 ? ? 'expression tag'        1298 7  
1 7FV1 SER A 8  ? UNP Q8WWQ0 ? ? 'expression tag'        1299 8  
1 7FV1 SER A 9  ? UNP Q8WWQ0 ? ? 'expression tag'        1300 9  
1 7FV1 GLY A 10 ? UNP Q8WWQ0 ? ? 'expression tag'        1301 10 
1 7FV1 VAL A 11 ? UNP Q8WWQ0 ? ? 'expression tag'        1302 11 
1 7FV1 ASP A 12 ? UNP Q8WWQ0 ? ? 'expression tag'        1303 12 
1 7FV1 LEU A 13 ? UNP Q8WWQ0 ? ? 'expression tag'        1304 13 
1 7FV1 GLY A 14 ? UNP Q8WWQ0 ? ? 'expression tag'        1305 14 
1 7FV1 THR A 15 ? UNP Q8WWQ0 ? ? 'expression tag'        1306 15 
1 7FV1 GLU A 16 ? UNP Q8WWQ0 ? ? 'expression tag'        1307 16 
1 7FV1 ASN A 17 ? UNP Q8WWQ0 ? ? 'expression tag'        1308 17 
1 7FV1 LEU A 18 ? UNP Q8WWQ0 ? ? 'expression tag'        1309 18 
1 7FV1 TYR A 19 ? UNP Q8WWQ0 ? ? 'expression tag'        1310 19 
1 7FV1 PHE A 20 ? UNP Q8WWQ0 ? ? 'expression tag'        1311 20 
1 7FV1 GLN A 21 ? UNP Q8WWQ0 ? ? 'expression tag'        1312 21 
1 7FV1 SER A 22 ? UNP Q8WWQ0 ? ? 'expression tag'        1313 22 
1 7FV1 MET A 23 ? UNP Q8WWQ0 ? ? 'expression tag'        1314 23 
# 
_pdbx_struct_assembly.id                   1 
_pdbx_struct_assembly.details              author_and_software_defined_assembly 
_pdbx_struct_assembly.method_details       PISA 
_pdbx_struct_assembly.oligomeric_details   monomeric 
_pdbx_struct_assembly.oligomeric_count     1 
# 
_pdbx_struct_assembly_gen.assembly_id       1 
_pdbx_struct_assembly_gen.oper_expression   1 
_pdbx_struct_assembly_gen.asym_id_list      A,B,C 
# 
_pdbx_struct_oper_list.id                   1 
_pdbx_struct_oper_list.type                 'identity operation' 
_pdbx_struct_oper_list.name                 1_555 
_pdbx_struct_oper_list.symmetry_operation   x,y,z 
_pdbx_struct_oper_list.matrix[1][1]         1.0000000000 
_pdbx_struct_oper_list.matrix[1][2]         0.0000000000 
_pdbx_struct_oper_list.matrix[1][3]         0.0000000000 
_pdbx_struct_oper_list.vector[1]            0.0000000000 
_pdbx_struct_oper_list.matrix[2][1]         0.0000000000 
_pdbx_struct_oper_list.matrix[2][2]         1.0000000000 
_pdbx_struct_oper_list.matrix[2][3]         0.0000000000 
_pdbx_struct_oper_list.vector[2]            0.0000000000 
_pdbx_struct_oper_list.matrix[3][1]         0.0000000000 
_pdbx_struct_oper_list.matrix[3][2]         0.0000000000 
_pdbx_struct_oper_list.matrix[3][3]         1.0000000000 
_pdbx_struct_oper_list.vector[3]            0.0000000000 
# 
loop_
_struct_conf.conf_type_id 
_struct_conf.id 
_struct_conf.pdbx_PDB_helix_id 
_struct_conf.beg_label_comp_id 
_struct_conf.beg_label_asym_id 
_struct_conf.beg_label_seq_id 
_struct_conf.pdbx_beg_PDB_ins_code 
_struct_conf.end_label_comp_id 
_struct_conf.end_label_asym_id 
_struct_conf.end_label_seq_id 
_struct_conf.pdbx_end_PDB_ins_code 
_struct_conf.beg_auth_comp_id 
_struct_conf.beg_auth_asym_id 
_struct_conf.beg_auth_seq_id 
_struct_conf.end_auth_comp_id 
_struct_conf.end_auth_asym_id 
_struct_conf.end_auth_seq_id 
_struct_conf.pdbx_PDB_helix_class 
_struct_conf.details 
_struct_conf.pdbx_PDB_helix_length 
HELX_P HELX_P1 AA1 ALA A 29  ? CYS A 44  ? ALA A 1320 CYS A 1335 1 ? 16 
HELX_P HELX_P2 AA2 GLU A 45  ? ARG A 51  ? GLU A 1336 ARG A 1342 5 ? 7  
HELX_P HELX_P3 AA3 ASP A 61  ? ILE A 66  ? ASP A 1352 ILE A 1357 1 ? 6  
HELX_P HELX_P4 AA4 ASP A 71  ? ALA A 81  ? ASP A 1362 ALA A 1372 1 ? 11 
HELX_P HELX_P5 AA5 SER A 86  ? THR A 105 ? SER A 1377 THR A 1396 1 ? 20 
HELX_P HELX_P6 AA6 SER A 110 ? LYS A 142 ? SER A 1401 LYS A 1433 1 ? 33 
# 
_struct_conf_type.id          HELX_P 
_struct_conf_type.criteria    ? 
_struct_conf_type.reference   ? 
# 
_pdbx_validate_close_contact.id               1 
_pdbx_validate_close_contact.PDB_model_num    1 
_pdbx_validate_close_contact.auth_atom_id_1   O 
_pdbx_validate_close_contact.auth_asym_id_1   A 
_pdbx_validate_close_contact.auth_comp_id_1   HOH 
_pdbx_validate_close_contact.auth_seq_id_1    2169 
_pdbx_validate_close_contact.PDB_ins_code_1   ? 
_pdbx_validate_close_contact.label_alt_id_1   ? 
_pdbx_validate_close_contact.auth_atom_id_2   O 
_pdbx_validate_close_contact.auth_asym_id_2   A 
_pdbx_validate_close_contact.auth_comp_id_2   HOH 
_pdbx_validate_close_contact.auth_seq_id_2    2190 
_pdbx_validate_close_contact.PDB_ins_code_2   ? 
_pdbx_validate_close_contact.label_alt_id_2   ? 
_pdbx_validate_close_contact.dist             1.51 
# 
_pdbx_validate_torsion.id              1 
_pdbx_validate_torsion.PDB_model_num   1 
_pdbx_validate_torsion.auth_comp_id    TYR 
_pdbx_validate_torsion.auth_asym_id    A 
_pdbx_validate_torsion.auth_seq_id     1350 
_pdbx_validate_torsion.PDB_ins_code    ? 
_pdbx_validate_torsion.label_alt_id    ? 
_pdbx_validate_torsion.phi             -117.41 
_pdbx_validate_torsion.psi             74.25 
# 
loop_
_pdbx_struct_special_symmetry.id 
_pdbx_struct_special_symmetry.PDB_model_num 
_pdbx_struct_special_symmetry.auth_asym_id 
_pdbx_struct_special_symmetry.auth_comp_id 
_pdbx_struct_special_symmetry.auth_seq_id 
_pdbx_struct_special_symmetry.PDB_ins_code 
_pdbx_struct_special_symmetry.label_asym_id 
_pdbx_struct_special_symmetry.label_comp_id 
_pdbx_struct_special_symmetry.label_seq_id 
1 1 A HOH 2133 ? C HOH . 
2 1 A HOH 2189 ? C HOH . 
# 
_phasing.method   MR 
# 
_pdbx_entry_details.entry_id                 7FV1 
_pdbx_entry_details.compound_details         ? 
_pdbx_entry_details.source_details           ? 
_pdbx_entry_details.nonpolymer_details       ? 
_pdbx_entry_details.sequence_details         ? 
_pdbx_entry_details.has_ligand_of_interest   Y 
# 
loop_
_pdbx_unobs_or_zero_occ_residues.id 
_pdbx_unobs_or_zero_occ_residues.PDB_model_num 
_pdbx_unobs_or_zero_occ_residues.polymer_flag 
_pdbx_unobs_or_zero_occ_residues.occupancy_flag 
_pdbx_unobs_or_zero_occ_residues.auth_asym_id 
_pdbx_unobs_or_zero_occ_residues.auth_comp_id 
_pdbx_unobs_or_zero_occ_residues.auth_seq_id 
_pdbx_unobs_or_zero_occ_residues.PDB_ins_code 
_pdbx_unobs_or_zero_occ_residues.label_asym_id 
_pdbx_unobs_or_zero_occ_residues.label_comp_id 
_pdbx_unobs_or_zero_occ_residues.label_seq_id 
1  1 Y 1 A MET 1292 ? A MET 1   
2  1 Y 1 A HIS 1293 ? A HIS 2   
3  1 Y 1 A HIS 1294 ? A HIS 3   
4  1 Y 1 A HIS 1295 ? A HIS 4   
5  1 Y 1 A HIS 1296 ? A HIS 5   
6  1 Y 1 A HIS 1297 ? A HIS 6   
7  1 Y 1 A HIS 1298 ? A HIS 7   
8  1 Y 1 A SER 1299 ? A SER 8   
9  1 Y 1 A SER 1300 ? A SER 9   
10 1 Y 1 A GLY 1301 ? A GLY 10  
11 1 Y 1 A VAL 1302 ? A VAL 11  
12 1 Y 1 A ASP 1303 ? A ASP 12  
13 1 Y 1 A LEU 1304 ? A LEU 13  
14 1 Y 1 A GLY 1305 ? A GLY 14  
15 1 Y 1 A THR 1306 ? A THR 15  
16 1 Y 1 A GLU 1307 ? A GLU 16  
17 1 Y 1 A ASN 1308 ? A ASN 17  
18 1 Y 1 A LEU 1309 ? A LEU 18  
19 1 Y 1 A TYR 1310 ? A TYR 19  
20 1 Y 1 A PHE 1311 ? A PHE 20  
21 1 Y 1 A GLN 1312 ? A GLN 21  
22 1 Y 1 A SER 1313 ? A SER 22  
23 1 Y 1 A MET 1314 ? A MET 23  
24 1 Y 1 A THR 1436 ? A THR 145 
25 1 Y 1 A ILE 1437 ? A ILE 146 
26 1 Y 1 A THR 1438 ? A THR 147 
27 1 Y 1 A LYS 1439 ? A LYS 148 
28 1 Y 1 A ARG 1440 ? A ARG 149 
# 
loop_
_chem_comp_atom.comp_id 
_chem_comp_atom.atom_id 
_chem_comp_atom.type_symbol 
_chem_comp_atom.pdbx_aromatic_flag 
_chem_comp_atom.pdbx_stereo_config 
_chem_comp_atom.pdbx_ordinal 
ALA N    N N N 1   
ALA CA   C N S 2   
ALA C    C N N 3   
ALA O    O N N 4   
ALA CB   C N N 5   
ALA OXT  O N N 6   
ALA H    H N N 7   
ALA H2   H N N 8   
ALA HA   H N N 9   
ALA HB1  H N N 10  
ALA HB2  H N N 11  
ALA HB3  H N N 12  
ALA HXT  H N N 13  
ARG N    N N N 14  
ARG CA   C N S 15  
ARG C    C N N 16  
ARG O    O N N 17  
ARG CB   C N N 18  
ARG CG   C N N 19  
ARG CD   C N N 20  
ARG NE   N N N 21  
ARG CZ   C N N 22  
ARG NH1  N N N 23  
ARG NH2  N N N 24  
ARG OXT  O N N 25  
ARG H    H N N 26  
ARG H2   H N N 27  
ARG HA   H N N 28  
ARG HB2  H N N 29  
ARG HB3  H N N 30  
ARG HG2  H N N 31  
ARG HG3  H N N 32  
ARG HD2  H N N 33  
ARG HD3  H N N 34  
ARG HE   H N N 35  
ARG HH11 H N N 36  
ARG HH12 H N N 37  
ARG HH21 H N N 38  
ARG HH22 H N N 39  
ARG HXT  H N N 40  
ASN N    N N N 41  
ASN CA   C N S 42  
ASN C    C N N 43  
ASN O    O N N 44  
ASN CB   C N N 45  
ASN CG   C N N 46  
ASN OD1  O N N 47  
ASN ND2  N N N 48  
ASN OXT  O N N 49  
ASN H    H N N 50  
ASN H2   H N N 51  
ASN HA   H N N 52  
ASN HB2  H N N 53  
ASN HB3  H N N 54  
ASN HD21 H N N 55  
ASN HD22 H N N 56  
ASN HXT  H N N 57  
ASP N    N N N 58  
ASP CA   C N S 59  
ASP C    C N N 60  
ASP O    O N N 61  
ASP CB   C N N 62  
ASP CG   C N N 63  
ASP OD1  O N N 64  
ASP OD2  O N N 65  
ASP OXT  O N N 66  
ASP H    H N N 67  
ASP H2   H N N 68  
ASP HA   H N N 69  
ASP HB2  H N N 70  
ASP HB3  H N N 71  
ASP HD2  H N N 72  
ASP HXT  H N N 73  
CYS N    N N N 74  
CYS CA   C N R 75  
CYS C    C N N 76  
CYS O    O N N 77  
CYS CB   C N N 78  
CYS SG   S N N 79  
CYS OXT  O N N 80  
CYS H    H N N 81  
CYS H2   H N N 82  
CYS HA   H N N 83  
CYS HB2  H N N 84  
CYS HB3  H N N 85  
CYS HG   H N N 86  
CYS HXT  H N N 87  
GLN N    N N N 88  
GLN CA   C N S 89  
GLN C    C N N 90  
GLN O    O N N 91  
GLN CB   C N N 92  
GLN CG   C N N 93  
GLN CD   C N N 94  
GLN OE1  O N N 95  
GLN NE2  N N N 96  
GLN OXT  O N N 97  
GLN H    H N N 98  
GLN H2   H N N 99  
GLN HA   H N N 100 
GLN HB2  H N N 101 
GLN HB3  H N N 102 
GLN HG2  H N N 103 
GLN HG3  H N N 104 
GLN HE21 H N N 105 
GLN HE22 H N N 106 
GLN HXT  H N N 107 
GLU N    N N N 108 
GLU CA   C N S 109 
GLU C    C N N 110 
GLU O    O N N 111 
GLU CB   C N N 112 
GLU CG   C N N 113 
GLU CD   C N N 114 
GLU OE1  O N N 115 
GLU OE2  O N N 116 
GLU OXT  O N N 117 
GLU H    H N N 118 
GLU H2   H N N 119 
GLU HA   H N N 120 
GLU HB2  H N N 121 
GLU HB3  H N N 122 
GLU HG2  H N N 123 
GLU HG3  H N N 124 
GLU HE2  H N N 125 
GLU HXT  H N N 126 
GLY N    N N N 127 
GLY CA   C N N 128 
GLY C    C N N 129 
GLY O    O N N 130 
GLY OXT  O N N 131 
GLY H    H N N 132 
GLY H2   H N N 133 
GLY HA2  H N N 134 
GLY HA3  H N N 135 
GLY HXT  H N N 136 
HIS N    N N N 137 
HIS CA   C N S 138 
HIS C    C N N 139 
HIS O    O N N 140 
HIS CB   C N N 141 
HIS CG   C Y N 142 
HIS ND1  N Y N 143 
HIS CD2  C Y N 144 
HIS CE1  C Y N 145 
HIS NE2  N Y N 146 
HIS OXT  O N N 147 
HIS H    H N N 148 
HIS H2   H N N 149 
HIS HA   H N N 150 
HIS HB2  H N N 151 
HIS HB3  H N N 152 
HIS HD1  H N N 153 
HIS HD2  H N N 154 
HIS HE1  H N N 155 
HIS HE2  H N N 156 
HIS HXT  H N N 157 
HOH O    O N N 158 
HOH H1   H N N 159 
HOH H2   H N N 160 
ILE N    N N N 161 
ILE CA   C N S 162 
ILE C    C N N 163 
ILE O    O N N 164 
ILE CB   C N S 165 
ILE CG1  C N N 166 
ILE CG2  C N N 167 
ILE CD1  C N N 168 
ILE OXT  O N N 169 
ILE H    H N N 170 
ILE H2   H N N 171 
ILE HA   H N N 172 
ILE HB   H N N 173 
ILE HG12 H N N 174 
ILE HG13 H N N 175 
ILE HG21 H N N 176 
ILE HG22 H N N 177 
ILE HG23 H N N 178 
ILE HD11 H N N 179 
ILE HD12 H N N 180 
ILE HD13 H N N 181 
ILE HXT  H N N 182 
LEU N    N N N 183 
LEU CA   C N S 184 
LEU C    C N N 185 
LEU O    O N N 186 
LEU CB   C N N 187 
LEU CG   C N N 188 
LEU CD1  C N N 189 
LEU CD2  C N N 190 
LEU OXT  O N N 191 
LEU H    H N N 192 
LEU H2   H N N 193 
LEU HA   H N N 194 
LEU HB2  H N N 195 
LEU HB3  H N N 196 
LEU HG   H N N 197 
LEU HD11 H N N 198 
LEU HD12 H N N 199 
LEU HD13 H N N 200 
LEU HD21 H N N 201 
LEU HD22 H N N 202 
LEU HD23 H N N 203 
LEU HXT  H N N 204 
LYS N    N N N 205 
LYS CA   C N S 206 
LYS C    C N N 207 
LYS O    O N N 208 
LYS CB   C N N 209 
LYS CG   C N N 210 
LYS CD   C N N 211 
LYS CE   C N N 212 
LYS NZ   N N N 213 
LYS OXT  O N N 214 
LYS H    H N N 215 
LYS H2   H N N 216 
LYS HA   H N N 217 
LYS HB2  H N N 218 
LYS HB3  H N N 219 
LYS HG2  H N N 220 
LYS HG3  H N N 221 
LYS HD2  H N N 222 
LYS HD3  H N N 223 
LYS HE2  H N N 224 
LYS HE3  H N N 225 
LYS HZ1  H N N 226 
LYS HZ2  H N N 227 
LYS HZ3  H N N 228 
LYS HXT  H N N 229 
MET N    N N N 230 
MET CA   C N S 231 
MET C    C N N 232 
MET O    O N N 233 
MET CB   C N N 234 
MET CG   C N N 235 
MET SD   S N N 236 
MET CE   C N N 237 
MET OXT  O N N 238 
MET H    H N N 239 
MET H2   H N N 240 
MET HA   H N N 241 
MET HB2  H N N 242 
MET HB3  H N N 243 
MET HG2  H N N 244 
MET HG3  H N N 245 
MET HE1  H N N 246 
MET HE2  H N N 247 
MET HE3  H N N 248 
MET HXT  H N N 249 
PHE N    N N N 250 
PHE CA   C N S 251 
PHE C    C N N 252 
PHE O    O N N 253 
PHE CB   C N N 254 
PHE CG   C Y N 255 
PHE CD1  C Y N 256 
PHE CD2  C Y N 257 
PHE CE1  C Y N 258 
PHE CE2  C Y N 259 
PHE CZ   C Y N 260 
PHE OXT  O N N 261 
PHE H    H N N 262 
PHE H2   H N N 263 
PHE HA   H N N 264 
PHE HB2  H N N 265 
PHE HB3  H N N 266 
PHE HD1  H N N 267 
PHE HD2  H N N 268 
PHE HE1  H N N 269 
PHE HE2  H N N 270 
PHE HZ   H N N 271 
PHE HXT  H N N 272 
PRO N    N N N 273 
PRO CA   C N S 274 
PRO C    C N N 275 
PRO O    O N N 276 
PRO CB   C N N 277 
PRO CG   C N N 278 
PRO CD   C N N 279 
PRO OXT  O N N 280 
PRO H    H N N 281 
PRO HA   H N N 282 
PRO HB2  H N N 283 
PRO HB3  H N N 284 
PRO HG2  H N N 285 
PRO HG3  H N N 286 
PRO HD2  H N N 287 
PRO HD3  H N N 288 
PRO HXT  H N N 289 
SER N    N N N 290 
SER CA   C N S 291 
SER C    C N N 292 
SER O    O N N 293 
SER CB   C N N 294 
SER OG   O N N 295 
SER OXT  O N N 296 
SER H    H N N 297 
SER H2   H N N 298 
SER HA   H N N 299 
SER HB2  H N N 300 
SER HB3  H N N 301 
SER HG   H N N 302 
SER HXT  H N N 303 
THR N    N N N 304 
THR CA   C N S 305 
THR C    C N N 306 
THR O    O N N 307 
THR CB   C N R 308 
THR OG1  O N N 309 
THR CG2  C N N 310 
THR OXT  O N N 311 
THR H    H N N 312 
THR H2   H N N 313 
THR HA   H N N 314 
THR HB   H N N 315 
THR HG1  H N N 316 
THR HG21 H N N 317 
THR HG22 H N N 318 
THR HG23 H N N 319 
THR HXT  H N N 320 
TRP N    N N N 321 
TRP CA   C N S 322 
TRP C    C N N 323 
TRP O    O N N 324 
TRP CB   C N N 325 
TRP CG   C Y N 326 
TRP CD1  C Y N 327 
TRP CD2  C Y N 328 
TRP NE1  N Y N 329 
TRP CE2  C Y N 330 
TRP CE3  C Y N 331 
TRP CZ2  C Y N 332 
TRP CZ3  C Y N 333 
TRP CH2  C Y N 334 
TRP OXT  O N N 335 
TRP H    H N N 336 
TRP H2   H N N 337 
TRP HA   H N N 338 
TRP HB2  H N N 339 
TRP HB3  H N N 340 
TRP HD1  H N N 341 
TRP HE1  H N N 342 
TRP HE3  H N N 343 
TRP HZ2  H N N 344 
TRP HZ3  H N N 345 
TRP HH2  H N N 346 
TRP HXT  H N N 347 
TYR N    N N N 348 
TYR CA   C N S 349 
TYR C    C N N 350 
TYR O    O N N 351 
TYR CB   C N N 352 
TYR CG   C Y N 353 
TYR CD1  C Y N 354 
TYR CD2  C Y N 355 
TYR CE1  C Y N 356 
TYR CE2  C Y N 357 
TYR CZ   C Y N 358 
TYR OH   O N N 359 
TYR OXT  O N N 360 
TYR H    H N N 361 
TYR H2   H N N 362 
TYR HA   H N N 363 
TYR HB2  H N N 364 
TYR HB3  H N N 365 
TYR HD1  H N N 366 
TYR HD2  H N N 367 
TYR HE1  H N N 368 
TYR HE2  H N N 369 
TYR HH   H N N 370 
TYR HXT  H N N 371 
VAL N    N N N 372 
VAL CA   C N S 373 
VAL C    C N N 374 
VAL O    O N N 375 
VAL CB   C N N 376 
VAL CG1  C N N 377 
VAL CG2  C N N 378 
VAL OXT  O N N 379 
VAL H    H N N 380 
VAL H2   H N N 381 
VAL HA   H N N 382 
VAL HB   H N N 383 
VAL HG11 H N N 384 
VAL HG12 H N N 385 
VAL HG13 H N N 386 
VAL HG21 H N N 387 
VAL HG22 H N N 388 
VAL HG23 H N N 389 
VAL HXT  H N N 390 
ZKC N1   N N N 391 
ZKC N3   N N N 392 
ZKC C4   C N N 393 
ZKC C5   C N N 394 
ZKC C6   C Y N 395 
ZKC C7   C Y N 396 
ZKC C8   C Y N 397 
ZKC C10  C Y N 398 
ZKC C13  C N N 399 
ZKC C15  C N N 400 
ZKC C17  C N N 401 
ZKC C20  C Y N 402 
ZKC C21  C Y N 403 
ZKC C22  C Y N 404 
ZKC C1   C N N 405 
ZKC C11  C N N 406 
ZKC C12  C N N 407 
ZKC C14  C N N 408 
ZKC C16  C N N 409 
ZKC C18  C Y N 410 
ZKC C19  C Y N 411 
ZKC C2   C N N 412 
ZKC C3   C N N 413 
ZKC C9   C Y N 414 
ZKC N2   N N N 415 
ZKC N4   N N N 416 
ZKC O1   O N N 417 
ZKC O2   O N N 418 
ZKC O3   O N N 419 
ZKC O4   O N N 420 
ZKC O5   O Y N 421 
ZKC H10  H N N 422 
ZKC H7   H N N 423 
ZKC H8   H N N 424 
ZKC H9   H N N 425 
ZKC H11  H N N 426 
ZKC H12  H N N 427 
ZKC H18  H N N 428 
ZKC H17  H N N 429 
ZKC H21  H N N 430 
ZKC H22  H N N 431 
ZKC H26  H N N 432 
ZKC H27  H N N 433 
ZKC H28  H N N 434 
ZKC H1   H N N 435 
ZKC H2   H N N 436 
ZKC H3   H N N 437 
ZKC H15  H N N 438 
ZKC H14  H N N 439 
ZKC H20  H N N 440 
ZKC H19  H N N 441 
ZKC H24  H N N 442 
ZKC H23  H N N 443 
ZKC H25  H N N 444 
ZKC H4   H N N 445 
ZKC H6   H N N 446 
ZKC H5   H N N 447 
ZKC H13  H N N 448 
ZKC H16  H N N 449 
# 
loop_
_chem_comp_bond.comp_id 
_chem_comp_bond.atom_id_1 
_chem_comp_bond.atom_id_2 
_chem_comp_bond.value_order 
_chem_comp_bond.pdbx_aromatic_flag 
_chem_comp_bond.pdbx_stereo_config 
_chem_comp_bond.pdbx_ordinal 
ALA N   CA   sing N N 1   
ALA N   H    sing N N 2   
ALA N   H2   sing N N 3   
ALA CA  C    sing N N 4   
ALA CA  CB   sing N N 5   
ALA CA  HA   sing N N 6   
ALA C   O    doub N N 7   
ALA C   OXT  sing N N 8   
ALA CB  HB1  sing N N 9   
ALA CB  HB2  sing N N 10  
ALA CB  HB3  sing N N 11  
ALA OXT HXT  sing N N 12  
ARG N   CA   sing N N 13  
ARG N   H    sing N N 14  
ARG N   H2   sing N N 15  
ARG CA  C    sing N N 16  
ARG CA  CB   sing N N 17  
ARG CA  HA   sing N N 18  
ARG C   O    doub N N 19  
ARG C   OXT  sing N N 20  
ARG CB  CG   sing N N 21  
ARG CB  HB2  sing N N 22  
ARG CB  HB3  sing N N 23  
ARG CG  CD   sing N N 24  
ARG CG  HG2  sing N N 25  
ARG CG  HG3  sing N N 26  
ARG CD  NE   sing N N 27  
ARG CD  HD2  sing N N 28  
ARG CD  HD3  sing N N 29  
ARG NE  CZ   sing N N 30  
ARG NE  HE   sing N N 31  
ARG CZ  NH1  sing N N 32  
ARG CZ  NH2  doub N N 33  
ARG NH1 HH11 sing N N 34  
ARG NH1 HH12 sing N N 35  
ARG NH2 HH21 sing N N 36  
ARG NH2 HH22 sing N N 37  
ARG OXT HXT  sing N N 38  
ASN N   CA   sing N N 39  
ASN N   H    sing N N 40  
ASN N   H2   sing N N 41  
ASN CA  C    sing N N 42  
ASN CA  CB   sing N N 43  
ASN CA  HA   sing N N 44  
ASN C   O    doub N N 45  
ASN C   OXT  sing N N 46  
ASN CB  CG   sing N N 47  
ASN CB  HB2  sing N N 48  
ASN CB  HB3  sing N N 49  
ASN CG  OD1  doub N N 50  
ASN CG  ND2  sing N N 51  
ASN ND2 HD21 sing N N 52  
ASN ND2 HD22 sing N N 53  
ASN OXT HXT  sing N N 54  
ASP N   CA   sing N N 55  
ASP N   H    sing N N 56  
ASP N   H2   sing N N 57  
ASP CA  C    sing N N 58  
ASP CA  CB   sing N N 59  
ASP CA  HA   sing N N 60  
ASP C   O    doub N N 61  
ASP C   OXT  sing N N 62  
ASP CB  CG   sing N N 63  
ASP CB  HB2  sing N N 64  
ASP CB  HB3  sing N N 65  
ASP CG  OD1  doub N N 66  
ASP CG  OD2  sing N N 67  
ASP OD2 HD2  sing N N 68  
ASP OXT HXT  sing N N 69  
CYS N   CA   sing N N 70  
CYS N   H    sing N N 71  
CYS N   H2   sing N N 72  
CYS CA  C    sing N N 73  
CYS CA  CB   sing N N 74  
CYS CA  HA   sing N N 75  
CYS C   O    doub N N 76  
CYS C   OXT  sing N N 77  
CYS CB  SG   sing N N 78  
CYS CB  HB2  sing N N 79  
CYS CB  HB3  sing N N 80  
CYS SG  HG   sing N N 81  
CYS OXT HXT  sing N N 82  
GLN N   CA   sing N N 83  
GLN N   H    sing N N 84  
GLN N   H2   sing N N 85  
GLN CA  C    sing N N 86  
GLN CA  CB   sing N N 87  
GLN CA  HA   sing N N 88  
GLN C   O    doub N N 89  
GLN C   OXT  sing N N 90  
GLN CB  CG   sing N N 91  
GLN CB  HB2  sing N N 92  
GLN CB  HB3  sing N N 93  
GLN CG  CD   sing N N 94  
GLN CG  HG2  sing N N 95  
GLN CG  HG3  sing N N 96  
GLN CD  OE1  doub N N 97  
GLN CD  NE2  sing N N 98  
GLN NE2 HE21 sing N N 99  
GLN NE2 HE22 sing N N 100 
GLN OXT HXT  sing N N 101 
GLU N   CA   sing N N 102 
GLU N   H    sing N N 103 
GLU N   H2   sing N N 104 
GLU CA  C    sing N N 105 
GLU CA  CB   sing N N 106 
GLU CA  HA   sing N N 107 
GLU C   O    doub N N 108 
GLU C   OXT  sing N N 109 
GLU CB  CG   sing N N 110 
GLU CB  HB2  sing N N 111 
GLU CB  HB3  sing N N 112 
GLU CG  CD   sing N N 113 
GLU CG  HG2  sing N N 114 
GLU CG  HG3  sing N N 115 
GLU CD  OE1  doub N N 116 
GLU CD  OE2  sing N N 117 
GLU OE2 HE2  sing N N 118 
GLU OXT HXT  sing N N 119 
GLY N   CA   sing N N 120 
GLY N   H    sing N N 121 
GLY N   H2   sing N N 122 
GLY CA  C    sing N N 123 
GLY CA  HA2  sing N N 124 
GLY CA  HA3  sing N N 125 
GLY C   O    doub N N 126 
GLY C   OXT  sing N N 127 
GLY OXT HXT  sing N N 128 
HIS N   CA   sing N N 129 
HIS N   H    sing N N 130 
HIS N   H2   sing N N 131 
HIS CA  C    sing N N 132 
HIS CA  CB   sing N N 133 
HIS CA  HA   sing N N 134 
HIS C   O    doub N N 135 
HIS C   OXT  sing N N 136 
HIS CB  CG   sing N N 137 
HIS CB  HB2  sing N N 138 
HIS CB  HB3  sing N N 139 
HIS CG  ND1  sing Y N 140 
HIS CG  CD2  doub Y N 141 
HIS ND1 CE1  doub Y N 142 
HIS ND1 HD1  sing N N 143 
HIS CD2 NE2  sing Y N 144 
HIS CD2 HD2  sing N N 145 
HIS CE1 NE2  sing Y N 146 
HIS CE1 HE1  sing N N 147 
HIS NE2 HE2  sing N N 148 
HIS OXT HXT  sing N N 149 
HOH O   H1   sing N N 150 
HOH O   H2   sing N N 151 
ILE N   CA   sing N N 152 
ILE N   H    sing N N 153 
ILE N   H2   sing N N 154 
ILE CA  C    sing N N 155 
ILE CA  CB   sing N N 156 
ILE CA  HA   sing N N 157 
ILE C   O    doub N N 158 
ILE C   OXT  sing N N 159 
ILE CB  CG1  sing N N 160 
ILE CB  CG2  sing N N 161 
ILE CB  HB   sing N N 162 
ILE CG1 CD1  sing N N 163 
ILE CG1 HG12 sing N N 164 
ILE CG1 HG13 sing N N 165 
ILE CG2 HG21 sing N N 166 
ILE CG2 HG22 sing N N 167 
ILE CG2 HG23 sing N N 168 
ILE CD1 HD11 sing N N 169 
ILE CD1 HD12 sing N N 170 
ILE CD1 HD13 sing N N 171 
ILE OXT HXT  sing N N 172 
LEU N   CA   sing N N 173 
LEU N   H    sing N N 174 
LEU N   H2   sing N N 175 
LEU CA  C    sing N N 176 
LEU CA  CB   sing N N 177 
LEU CA  HA   sing N N 178 
LEU C   O    doub N N 179 
LEU C   OXT  sing N N 180 
LEU CB  CG   sing N N 181 
LEU CB  HB2  sing N N 182 
LEU CB  HB3  sing N N 183 
LEU CG  CD1  sing N N 184 
LEU CG  CD2  sing N N 185 
LEU CG  HG   sing N N 186 
LEU CD1 HD11 sing N N 187 
LEU CD1 HD12 sing N N 188 
LEU CD1 HD13 sing N N 189 
LEU CD2 HD21 sing N N 190 
LEU CD2 HD22 sing N N 191 
LEU CD2 HD23 sing N N 192 
LEU OXT HXT  sing N N 193 
LYS N   CA   sing N N 194 
LYS N   H    sing N N 195 
LYS N   H2   sing N N 196 
LYS CA  C    sing N N 197 
LYS CA  CB   sing N N 198 
LYS CA  HA   sing N N 199 
LYS C   O    doub N N 200 
LYS C   OXT  sing N N 201 
LYS CB  CG   sing N N 202 
LYS CB  HB2  sing N N 203 
LYS CB  HB3  sing N N 204 
LYS CG  CD   sing N N 205 
LYS CG  HG2  sing N N 206 
LYS CG  HG3  sing N N 207 
LYS CD  CE   sing N N 208 
LYS CD  HD2  sing N N 209 
LYS CD  HD3  sing N N 210 
LYS CE  NZ   sing N N 211 
LYS CE  HE2  sing N N 212 
LYS CE  HE3  sing N N 213 
LYS NZ  HZ1  sing N N 214 
LYS NZ  HZ2  sing N N 215 
LYS NZ  HZ3  sing N N 216 
LYS OXT HXT  sing N N 217 
MET N   CA   sing N N 218 
MET N   H    sing N N 219 
MET N   H2   sing N N 220 
MET CA  C    sing N N 221 
MET CA  CB   sing N N 222 
MET CA  HA   sing N N 223 
MET C   O    doub N N 224 
MET C   OXT  sing N N 225 
MET CB  CG   sing N N 226 
MET CB  HB2  sing N N 227 
MET CB  HB3  sing N N 228 
MET CG  SD   sing N N 229 
MET CG  HG2  sing N N 230 
MET CG  HG3  sing N N 231 
MET SD  CE   sing N N 232 
MET CE  HE1  sing N N 233 
MET CE  HE2  sing N N 234 
MET CE  HE3  sing N N 235 
MET OXT HXT  sing N N 236 
PHE N   CA   sing N N 237 
PHE N   H    sing N N 238 
PHE N   H2   sing N N 239 
PHE CA  C    sing N N 240 
PHE CA  CB   sing N N 241 
PHE CA  HA   sing N N 242 
PHE C   O    doub N N 243 
PHE C   OXT  sing N N 244 
PHE CB  CG   sing N N 245 
PHE CB  HB2  sing N N 246 
PHE CB  HB3  sing N N 247 
PHE CG  CD1  doub Y N 248 
PHE CG  CD2  sing Y N 249 
PHE CD1 CE1  sing Y N 250 
PHE CD1 HD1  sing N N 251 
PHE CD2 CE2  doub Y N 252 
PHE CD2 HD2  sing N N 253 
PHE CE1 CZ   doub Y N 254 
PHE CE1 HE1  sing N N 255 
PHE CE2 CZ   sing Y N 256 
PHE CE2 HE2  sing N N 257 
PHE CZ  HZ   sing N N 258 
PHE OXT HXT  sing N N 259 
PRO N   CA   sing N N 260 
PRO N   CD   sing N N 261 
PRO N   H    sing N N 262 
PRO CA  C    sing N N 263 
PRO CA  CB   sing N N 264 
PRO CA  HA   sing N N 265 
PRO C   O    doub N N 266 
PRO C   OXT  sing N N 267 
PRO CB  CG   sing N N 268 
PRO CB  HB2  sing N N 269 
PRO CB  HB3  sing N N 270 
PRO CG  CD   sing N N 271 
PRO CG  HG2  sing N N 272 
PRO CG  HG3  sing N N 273 
PRO CD  HD2  sing N N 274 
PRO CD  HD3  sing N N 275 
PRO OXT HXT  sing N N 276 
SER N   CA   sing N N 277 
SER N   H    sing N N 278 
SER N   H2   sing N N 279 
SER CA  C    sing N N 280 
SER CA  CB   sing N N 281 
SER CA  HA   sing N N 282 
SER C   O    doub N N 283 
SER C   OXT  sing N N 284 
SER CB  OG   sing N N 285 
SER CB  HB2  sing N N 286 
SER CB  HB3  sing N N 287 
SER OG  HG   sing N N 288 
SER OXT HXT  sing N N 289 
THR N   CA   sing N N 290 
THR N   H    sing N N 291 
THR N   H2   sing N N 292 
THR CA  C    sing N N 293 
THR CA  CB   sing N N 294 
THR CA  HA   sing N N 295 
THR C   O    doub N N 296 
THR C   OXT  sing N N 297 
THR CB  OG1  sing N N 298 
THR CB  CG2  sing N N 299 
THR CB  HB   sing N N 300 
THR OG1 HG1  sing N N 301 
THR CG2 HG21 sing N N 302 
THR CG2 HG22 sing N N 303 
THR CG2 HG23 sing N N 304 
THR OXT HXT  sing N N 305 
TRP N   CA   sing N N 306 
TRP N   H    sing N N 307 
TRP N   H2   sing N N 308 
TRP CA  C    sing N N 309 
TRP CA  CB   sing N N 310 
TRP CA  HA   sing N N 311 
TRP C   O    doub N N 312 
TRP C   OXT  sing N N 313 
TRP CB  CG   sing N N 314 
TRP CB  HB2  sing N N 315 
TRP CB  HB3  sing N N 316 
TRP CG  CD1  doub Y N 317 
TRP CG  CD2  sing Y N 318 
TRP CD1 NE1  sing Y N 319 
TRP CD1 HD1  sing N N 320 
TRP CD2 CE2  doub Y N 321 
TRP CD2 CE3  sing Y N 322 
TRP NE1 CE2  sing Y N 323 
TRP NE1 HE1  sing N N 324 
TRP CE2 CZ2  sing Y N 325 
TRP CE3 CZ3  doub Y N 326 
TRP CE3 HE3  sing N N 327 
TRP CZ2 CH2  doub Y N 328 
TRP CZ2 HZ2  sing N N 329 
TRP CZ3 CH2  sing Y N 330 
TRP CZ3 HZ3  sing N N 331 
TRP CH2 HH2  sing N N 332 
TRP OXT HXT  sing N N 333 
TYR N   CA   sing N N 334 
TYR N   H    sing N N 335 
TYR N   H2   sing N N 336 
TYR CA  C    sing N N 337 
TYR CA  CB   sing N N 338 
TYR CA  HA   sing N N 339 
TYR C   O    doub N N 340 
TYR C   OXT  sing N N 341 
TYR CB  CG   sing N N 342 
TYR CB  HB2  sing N N 343 
TYR CB  HB3  sing N N 344 
TYR CG  CD1  doub Y N 345 
TYR CG  CD2  sing Y N 346 
TYR CD1 CE1  sing Y N 347 
TYR CD1 HD1  sing N N 348 
TYR CD2 CE2  doub Y N 349 
TYR CD2 HD2  sing N N 350 
TYR CE1 CZ   doub Y N 351 
TYR CE1 HE1  sing N N 352 
TYR CE2 CZ   sing Y N 353 
TYR CE2 HE2  sing N N 354 
TYR CZ  OH   sing N N 355 
TYR OH  HH   sing N N 356 
TYR OXT HXT  sing N N 357 
VAL N   CA   sing N N 358 
VAL N   H    sing N N 359 
VAL N   H2   sing N N 360 
VAL CA  C    sing N N 361 
VAL CA  CB   sing N N 362 
VAL CA  HA   sing N N 363 
VAL C   O    doub N N 364 
VAL C   OXT  sing N N 365 
VAL CB  CG1  sing N N 366 
VAL CB  CG2  sing N N 367 
VAL CB  HB   sing N N 368 
VAL CG1 HG11 sing N N 369 
VAL CG1 HG12 sing N N 370 
VAL CG1 HG13 sing N N 371 
VAL CG2 HG21 sing N N 372 
VAL CG2 HG22 sing N N 373 
VAL CG2 HG23 sing N N 374 
VAL OXT HXT  sing N N 375 
ZKC C1  C2   sing N N 376 
ZKC C2  C3   sing N N 377 
ZKC C2  C4   sing N N 378 
ZKC C2  O1   sing N N 379 
ZKC O1  C5   sing N N 380 
ZKC C5  O2   doub N N 381 
ZKC C5  N1   sing N N 382 
ZKC N1  C6   sing N N 383 
ZKC C6  C7   doub Y N 384 
ZKC C7  C8   sing Y N 385 
ZKC C8  C9   doub Y N 386 
ZKC C9  C10  sing Y N 387 
ZKC C10 C11  sing N N 388 
ZKC C11 N2   sing N N 389 
ZKC N2  C12  sing N N 390 
ZKC C12 O3   doub N N 391 
ZKC C12 N3   sing N N 392 
ZKC N3  C13  sing N N 393 
ZKC C13 C14  sing N N 394 
ZKC C14 N4   sing N N 395 
ZKC N4  C15  sing N N 396 
ZKC C15 C16  sing N N 397 
ZKC N4  C17  sing N N 398 
ZKC C17 O4   doub N N 399 
ZKC C17 C18  sing N N 400 
ZKC C18 C19  doub Y N 401 
ZKC C19 C20  sing Y N 402 
ZKC C20 C21  doub Y N 403 
ZKC C21 O5   sing Y N 404 
ZKC C10 C22  doub Y N 405 
ZKC C6  C22  sing Y N 406 
ZKC N3  C16  sing N N 407 
ZKC C18 O5   sing Y N 408 
ZKC N1  H10  sing N N 409 
ZKC C4  H7   sing N N 410 
ZKC C4  H8   sing N N 411 
ZKC C4  H9   sing N N 412 
ZKC C7  H11  sing N N 413 
ZKC C8  H12  sing N N 414 
ZKC C13 H18  sing N N 415 
ZKC C13 H17  sing N N 416 
ZKC C15 H21  sing N N 417 
ZKC C15 H22  sing N N 418 
ZKC C20 H26  sing N N 419 
ZKC C21 H27  sing N N 420 
ZKC C22 H28  sing N N 421 
ZKC C1  H1   sing N N 422 
ZKC C1  H2   sing N N 423 
ZKC C1  H3   sing N N 424 
ZKC C11 H15  sing N N 425 
ZKC C11 H14  sing N N 426 
ZKC C14 H20  sing N N 427 
ZKC C14 H19  sing N N 428 
ZKC C16 H24  sing N N 429 
ZKC C16 H23  sing N N 430 
ZKC C19 H25  sing N N 431 
ZKC C3  H4   sing N N 432 
ZKC C3  H6   sing N N 433 
ZKC C3  H5   sing N N 434 
ZKC C9  H13  sing N N 435 
ZKC N2  H16  sing N N 436 
# 
_pdbx_audit_support.ordinal                1 
_pdbx_audit_support.funding_organization   'Wellcome Trust' 
_pdbx_audit_support.grant_number           None 
_pdbx_audit_support.country                'United Kingdom' 
# 
_pdbx_deposit_group.group_id            G_1002265 
_pdbx_deposit_group.group_description   
;XDomainX of XOrganismX PHIP screened against predicted false negatives and catalogue compounds by X-ray Crystallography at the XChem facility of Diamond Light Source beamline I04-1
;
_pdbx_deposit_group.group_title         'PanDDA analysis group deposition' 
_pdbx_deposit_group.group_type          'changed state' 
# 
_pdbx_entity_instance_feature.ordinal        1 
_pdbx_entity_instance_feature.comp_id        ZKC 
_pdbx_entity_instance_feature.asym_id        ? 
_pdbx_entity_instance_feature.seq_num        ? 
_pdbx_entity_instance_feature.auth_comp_id   ZKC 
_pdbx_entity_instance_feature.auth_asym_id   ? 
_pdbx_entity_instance_feature.auth_seq_num   ? 
_pdbx_entity_instance_feature.feature_type   'SUBJECT OF INVESTIGATION' 
_pdbx_entity_instance_feature.details        ? 
# 
_atom_sites.entry_id                    7FV1 
_atom_sites.fract_transf_matrix[1][1]   0.00062160 
_atom_sites.fract_transf_matrix[1][2]   -0.00749694 
_atom_sites.fract_transf_matrix[1][3]   0.00986610 
_atom_sites.fract_transf_matrix[2][1]   0.00601738 
_atom_sites.fract_transf_matrix[2][2]   0.02877388 
_atom_sites.fract_transf_matrix[2][3]   0.02148525 
_atom_sites.fract_transf_matrix[3][1]   -0.01729023 
_atom_sites.fract_transf_matrix[3][2]   -0.00013067 
_atom_sites.fract_transf_matrix[3][3]   0.00501747 
_atom_sites.fract_transf_vector[1]      -0.146581 
_atom_sites.fract_transf_vector[2]      0.449953 
_atom_sites.fract_transf_vector[3]      0.217355 
# 
loop_
_atom_type.symbol 
C 
N 
O 
S 
# 
loop_
_atom_site.group_PDB 
_atom_site.id 
_atom_site.type_symbol 
_atom_site.label_atom_id 
_atom_site.label_alt_id 
_atom_site.label_comp_id 
_atom_site.label_asym_id 
_atom_site.label_entity_id 
_atom_site.label_seq_id 
_atom_site.pdbx_PDB_ins_code 
_atom_site.Cartn_x 
_atom_site.Cartn_y 
_atom_site.Cartn_z 
_atom_site.occupancy 
_atom_site.B_iso_or_equiv 
_atom_site.pdbx_formal_charge 
_atom_site.auth_seq_id 
_atom_site.auth_comp_id 
_atom_site.auth_asym_id 
_atom_site.auth_atom_id 
_atom_site.pdbx_PDB_model_num 
ATOM   1    N N   . SER A 1 24  ? 22.938  -0.374  -3.488  1.00 18.82  ? 1315 SER A N   1 
ATOM   2    C CA  . SER A 1 24  ? 22.933  -1.114  -2.174  1.00 16.90  ? 1315 SER A CA  1 
ATOM   3    C C   . SER A 1 24  ? 22.518  -2.578  -2.341  1.00 15.87  ? 1315 SER A C   1 
ATOM   4    O O   . SER A 1 24  ? 21.388  -2.776  -2.836  1.00 16.88  ? 1315 SER A O   1 
ATOM   5    C CB  . SER A 1 24  ? 21.977  -0.457  -1.229  1.00 16.27  ? 1315 SER A CB  1 
ATOM   6    O OG  . SER A 1 24  ? 21.758  -1.286  -0.087  1.00 15.75  ? 1315 SER A OG  1 
ATOM   7    N N   . TYR A 1 25  ? 23.293  -3.567  -1.841  1.00 14.76  ? 1316 TYR A N   1 
ATOM   8    C CA  . TYR A 1 25  ? 22.865  -5.000  -1.830  1.00 12.91  ? 1316 TYR A CA  1 
ATOM   9    C C   . TYR A 1 25  ? 22.343  -5.392  -0.431  1.00 12.79  ? 1316 TYR A C   1 
ATOM   10   O O   . TYR A 1 25  ? 22.352  -6.589  -0.117  1.00 12.45  ? 1316 TYR A O   1 
ATOM   11   C CB  . TYR A 1 25  ? 23.968  -5.955  -2.303  1.00 12.13  ? 1316 TYR A CB  1 
ATOM   12   C CG  . TYR A 1 25  ? 24.506  -5.702  -3.696  1.00 10.87  ? 1316 TYR A CG  1 
ATOM   13   C CD1 . TYR A 1 25  ? 23.682  -5.695  -4.813  1.00 10.41  ? 1316 TYR A CD1 1 
ATOM   14   C CD2 . TYR A 1 25  ? 25.864  -5.552  -3.912  1.00 11.01  ? 1316 TYR A CD2 1 
ATOM   15   C CE1 . TYR A 1 25  ? 24.180  -5.434  -6.084  1.00 10.62  ? 1316 TYR A CE1 1 
ATOM   16   C CE2 . TYR A 1 25  ? 26.391  -5.337  -5.181  1.00 10.84  ? 1316 TYR A CE2 1 
ATOM   17   C CZ  . TYR A 1 25  ? 25.546  -5.312  -6.275  1.00 10.66  ? 1316 TYR A CZ  1 
ATOM   18   O OH  . TYR A 1 25  ? 26.078  -5.097  -7.527  1.00 11.25  ? 1316 TYR A OH  1 
ATOM   19   N N   . ASP A 1 26  ? 21.830  -4.429  0.334   1.00 13.22  ? 1317 ASP A N   1 
ATOM   20   C CA  . ASP A 1 26  ? 21.249  -4.704  1.682   1.00 13.26  ? 1317 ASP A CA  1 
ATOM   21   C C   . ASP A 1 26  ? 19.847  -5.312  1.524   1.00 12.46  ? 1317 ASP A C   1 
ATOM   22   O O   . ASP A 1 26  ? 18.896  -4.625  1.127   1.00 12.84  ? 1317 ASP A O   1 
ATOM   23   C CB  . ASP A 1 26  ? 21.200  -3.432  2.479   1.00 13.92  ? 1317 ASP A CB  1 
ATOM   24   C CG  . ASP A 1 26  ? 20.678  -3.536  3.891   1.00 13.32  ? 1317 ASP A CG  1 
ATOM   25   O OD1 . ASP A 1 26  ? 20.051  -4.561  4.230   1.00 14.24  ? 1317 ASP A OD1 1 
ATOM   26   O OD2 . ASP A 1 26  ? 21.010  -2.633  4.713   1.00 17.38  ? 1317 ASP A OD2 1 
ATOM   27   N N   . ILE A 1 27  ? 19.735  -6.589  1.871   1.00 11.58  ? 1318 ILE A N   1 
ATOM   28   C CA  . ILE A 1 27  ? 18.500  -7.422  1.751   1.00 12.16  ? 1318 ILE A CA  1 
ATOM   29   C C   . ILE A 1 27  ? 17.421  -6.894  2.713   1.00 12.49  ? 1318 ILE A C   1 
ATOM   30   O O   . ILE A 1 27  ? 16.232  -7.138  2.448   1.00 12.69  ? 1318 ILE A O   1 
ATOM   31   C CB  . ILE A 1 27  ? 18.815  -8.904  2.053   1.00 12.72  ? 1318 ILE A CB  1 
ATOM   32   C CG1 . ILE A 1 27  ? 19.804  -9.500  1.042   1.00 13.53  ? 1318 ILE A CG1 1 
ATOM   33   C CG2 . ILE A 1 27  ? 17.534  -9.733  2.155   1.00 13.95  ? 1318 ILE A CG2 1 
ATOM   34   C CD1 . ILE A 1 27  ? 20.410  -10.822 1.455   1.00 13.74  ? 1318 ILE A CD1 1 
ATOM   35   N N   . GLN A 1 28  ? 17.818  -6.219  3.790   1.00 11.08  ? 1319 GLN A N   1 
ATOM   36   C CA  . GLN A 1 28  ? 16.857  -5.750  4.828   1.00 11.38  ? 1319 GLN A CA  1 
ATOM   37   C C   . GLN A 1 28  ? 16.413  -4.300  4.646   1.00 11.10  ? 1319 GLN A C   1 
ATOM   38   O O   . GLN A 1 28  ? 15.479  -3.826  5.352   1.00 11.60  ? 1319 GLN A O   1 
ATOM   39   C CB  . GLN A 1 28  ? 17.446  -5.912  6.237   1.00 11.84  ? 1319 GLN A CB  1 
ATOM   40   C CG  . GLN A 1 28  ? 17.427  -7.355  6.783   1.00 13.10  ? 1319 GLN A CG  1 
ATOM   41   C CD  . GLN A 1 28  ? 18.711  -8.111  6.441   1.00 11.54  ? 1319 GLN A CD  1 
ATOM   42   O OE1 . GLN A 1 28  ? 19.822  -7.627  6.736   1.00 12.94  ? 1319 GLN A OE1 1 
ATOM   43   N NE2 . GLN A 1 28  ? 18.566  -9.289  5.905   1.00 11.76  ? 1319 GLN A NE2 1 
ATOM   44   N N   . ALA A 1 29  ? 17.015  -3.535  3.686   1.00 11.65  ? 1320 ALA A N   1 
ATOM   45   C CA  . ALA A 1 29  ? 16.815  -2.073  3.619   1.00 11.42  ? 1320 ALA A CA  1 
ATOM   46   C C   . ALA A 1 29  ? 15.345  -1.681  3.280   1.00 10.57  ? 1320 ALA A C   1 
ATOM   47   O O   . ALA A 1 29  ? 14.903  -0.594  3.665   1.00 11.15  ? 1320 ALA A O   1 
ATOM   48   C CB  . ALA A 1 29  ? 17.768  -1.467  2.613   1.00 12.36  ? 1320 ALA A CB  1 
ATOM   49   N N   . TRP A 1 30  ? 14.627  -2.577  2.609   1.00 11.11  ? 1321 TRP A N   1 
ATOM   50   C CA  . TRP A 1 30  ? 13.246  -2.273  2.204   1.00 10.78  ? 1321 TRP A CA  1 
ATOM   51   C C   . TRP A 1 30  ? 12.341  -1.907  3.369   1.00 10.33  ? 1321 TRP A C   1 
ATOM   52   O O   . TRP A 1 30  ? 11.412  -1.116  3.175   1.00 10.91  ? 1321 TRP A O   1 
ATOM   53   C CB  . TRP A 1 30  ? 12.641  -3.449  1.447   1.00 12.06  ? 1321 TRP A CB  1 
ATOM   54   C CG  . TRP A 1 30  ? 12.492  -4.677  2.301   1.00 11.42  ? 1321 TRP A CG  1 
ATOM   55   C CD1 . TRP A 1 30  ? 13.461  -5.575  2.543   1.00 12.02  ? 1321 TRP A CD1 1 
ATOM   56   C CD2 . TRP A 1 30  ? 11.338  -5.057  3.074   1.00 10.99  ? 1321 TRP A CD2 1 
ATOM   57   N NE1 . TRP A 1 30  ? 12.999  -6.512  3.446   1.00 12.41  ? 1321 TRP A NE1 1 
ATOM   58   C CE2 . TRP A 1 30  ? 11.696  -6.244  3.726   1.00 11.58  ? 1321 TRP A CE2 1 
ATOM   59   C CE3 . TRP A 1 30  ? 10.033  -4.601  3.215   1.00 11.38  ? 1321 TRP A CE3 1 
ATOM   60   C CZ2 . TRP A 1 30  ? 10.820  -6.923  4.574   1.00 12.86  ? 1321 TRP A CZ2 1 
ATOM   61   C CZ3 . TRP A 1 30  ? 9.163   -5.259  4.070   1.00 12.43  ? 1321 TRP A CZ3 1 
ATOM   62   C CH2 . TRP A 1 30  ? 9.555   -6.427  4.722   1.00 12.81  ? 1321 TRP A CH2 1 
ATOM   63   N N   . LYS A 1 31  ? 12.614  -2.432  4.572   1.00 10.83  ? 1322 LYS A N   1 
ATOM   64   C CA  . LYS A 1 31  ? 11.660  -2.275  5.679   1.00 11.32  ? 1322 LYS A CA  1 
ATOM   65   C C   . LYS A 1 31  ? 11.589  -0.801  6.103   1.00 10.82  ? 1322 LYS A C   1 
ATOM   66   O O   . LYS A 1 31  ? 10.502  -0.241  6.169   1.00 11.46  ? 1322 LYS A O   1 
ATOM   67   C CB  . LYS A 1 31  ? 11.974  -3.286  6.774   1.00 11.66  ? 1322 LYS A CB  1 
ATOM   68   C CG  . LYS A 1 31  ? 11.028  -3.163  7.972   1.00 12.80  ? 1322 LYS A CG  1 
ATOM   69   C CD  . LYS A 1 31  ? 11.224  -4.285  8.974   1.00 11.93  ? 1322 LYS A CD  1 
ATOM   70   C CE  . LYS A 1 31  ? 10.262  -4.227  10.152  1.00 12.91  ? 1322 LYS A CE  1 
ATOM   71   N NZ  . LYS A 1 31  ? 10.509  -5.388  11.057  1.00 13.35  ? 1322 LYS A NZ  1 
ATOM   72   N N   . LYS A 1 32  ? 12.758  -0.201  6.399   1.00 12.14  ? 1323 LYS A N   1 
ATOM   73   C CA  . LYS A 1 32  ? 12.762  1.222   6.753   1.00 11.96  ? 1323 LYS A CA  1 
ATOM   74   C C   . LYS A 1 32  ? 12.299  2.108   5.590   1.00 11.43  ? 1323 LYS A C   1 
ATOM   75   O O   . LYS A 1 32  ? 11.657  3.099   5.823   1.00 12.84  ? 1323 LYS A O   1 
ATOM   76   C CB  . LYS A 1 32  ? 14.166  1.613   7.226   1.00 15.85  ? 1323 LYS A CB  1 
ATOM   77   C CG  . LYS A 1 32  ? 14.291  3.044   7.681   1.00 22.33  ? 1323 LYS A CG  1 
ATOM   78   C CD  . LYS A 1 32  ? 15.443  3.371   8.669   1.00 27.94  ? 1323 LYS A CD  1 
ATOM   79   C CE  . LYS A 1 32  ? 15.174  4.669   9.423   1.00 37.60  ? 1323 LYS A CE  1 
ATOM   80   N NZ  . LYS A 1 32  ? 16.031  4.828   10.625  1.00 42.68  ? 1323 LYS A NZ  1 
ATOM   81   N N   . GLN A 1 33  ? 12.633  1.722   4.379   1.00 11.80  ? 1324 GLN A N   1 
ATOM   82   C CA  . GLN A 1 33  ? 12.173  2.503   3.189   1.00 11.69  ? 1324 GLN A CA  1 
ATOM   83   C C   . GLN A 1 33  ? 10.622  2.472   3.107   1.00 10.85  ? 1324 GLN A C   1 
ATOM   84   O O   . GLN A 1 33  ? 9.998   3.516   2.884   1.00 12.23  ? 1324 GLN A O   1 
ATOM   85   C CB  . GLN A 1 33  ? 12.748  1.947   1.888   1.00 12.43  ? 1324 GLN A CB  1 
ATOM   86   C CG  . GLN A 1 33  ? 14.242  2.177   1.748   1.00 12.67  ? 1324 GLN A CG  1 
ATOM   87   C CD  . GLN A 1 33  ? 14.914  1.278   0.760   1.00 13.97  ? 1324 GLN A CD  1 
ATOM   88   O OE1 . GLN A 1 33  ? 14.313  0.414   0.117   1.00 14.85  ? 1324 GLN A OE1 1 
ATOM   89   N NE2 . GLN A 1 33  ? 16.233  1.461   0.644   1.00 15.36  ? 1324 GLN A NE2 1 
ATOM   90   N N   . CYS A 1 34  ? 10.013  1.324   3.444   1.00 10.81  ? 1325 CYS A N   1 
ATOM   91   C CA  . CYS A 1 34  ? 8.541   1.219   3.482   1.00 10.72  ? 1325 CYS A CA  1 
ATOM   92   C C   . CYS A 1 34  ? 7.978   1.994   4.664   1.00 10.59  ? 1325 CYS A C   1 
ATOM   93   O O   . CYS A 1 34  ? 6.940   2.645   4.519   1.00 10.72  ? 1325 CYS A O   1 
ATOM   94   C CB  . CYS A 1 34  ? 8.089   -0.220  3.480   1.00 10.62  ? 1325 CYS A CB  1 
ATOM   95   S SG  . CYS A 1 34  ? 8.306   -1.086  1.901   1.00 11.63  ? 1325 CYS A SG  1 
ATOM   96   N N   . GLU A 1 35  ? 8.630   1.972   5.833   1.00 11.40  ? 1326 GLU A N   1 
ATOM   97   C CA  . GLU A 1 35  ? 8.156   2.775   7.000   1.00 12.00  ? 1326 GLU A CA  1 
ATOM   98   C C   . GLU A 1 35  ? 8.146   4.266   6.612   1.00 12.12  ? 1326 GLU A C   1 
ATOM   99   O O   . GLU A 1 35  ? 7.167   4.944   6.890   1.00 13.26  ? 1326 GLU A O   1 
ATOM   100  C CB  . GLU A 1 35  ? 9.115   2.613   8.185   1.00 14.37  ? 1326 GLU A CB  1 
ATOM   101  C CG  . GLU A 1 35  ? 9.086   1.253   8.846   1.00 17.15  ? 1326 GLU A CG  1 
ATOM   102  C CD  . GLU A 1 35  ? 10.187  0.969   9.861   1.00 20.07  ? 1326 GLU A CD  1 
ATOM   103  O OE1 . GLU A 1 35  ? 11.115  1.787   10.011  1.00 22.67  ? 1326 GLU A OE1 1 
ATOM   104  O OE2 . GLU A 1 35  ? 10.164  -0.122  10.408  1.00 21.87  ? 1326 GLU A OE2 1 
ATOM   105  N N   . GLU A 1 36  ? 9.186   4.741   5.953   1.00 13.47  ? 1327 GLU A N   1 
ATOM   106  C CA  . GLU A 1 36  ? 9.302   6.167   5.531   1.00 14.60  ? 1327 GLU A CA  1 
ATOM   107  C C   . GLU A 1 36  ? 8.201   6.481   4.512   1.00 13.04  ? 1327 GLU A C   1 
ATOM   108  O O   . GLU A 1 36  ? 7.575   7.559   4.588   1.00 14.55  ? 1327 GLU A O   1 
ATOM   109  C CB  . GLU A 1 36  ? 10.725  6.428   5.024   1.00 15.89  ? 1327 GLU A CB  1 
ATOM   110  C CG  . GLU A 1 36  ? 11.717  6.370   6.180   1.00 21.87  ? 1327 GLU A CG  1 
ATOM   111  C CD  . GLU A 1 36  ? 13.196  6.449   5.845   1.00 30.80  ? 1327 GLU A CD  1 
ATOM   112  O OE1 . GLU A 1 36  ? 13.560  6.366   4.635   1.00 39.84  ? 1327 GLU A OE1 1 
ATOM   113  O OE2 . GLU A 1 36  ? 13.983  6.553   6.808   1.00 37.78  ? 1327 GLU A OE2 1 
ATOM   114  N N   . LEU A 1 37  ? 7.966   5.602   3.543   1.00 13.42  ? 1328 LEU A N   1 
ATOM   115  C CA  . LEU A 1 37  ? 6.925   5.851   2.502   1.00 12.31  ? 1328 LEU A CA  1 
ATOM   116  C C   . LEU A 1 37  ? 5.552   5.878   3.184   1.00 12.90  ? 1328 LEU A C   1 
ATOM   117  O O   . LEU A 1 37  ? 4.695   6.735   2.851   1.00 12.95  ? 1328 LEU A O   1 
ATOM   118  C CB  . LEU A 1 37  ? 7.008   4.799   1.408   1.00 13.18  ? 1328 LEU A CB  1 
ATOM   119  C CG  . LEU A 1 37  ? 5.956   4.875   0.308   1.00 12.30  ? 1328 LEU A CG  1 
ATOM   120  C CD1 . LEU A 1 37  ? 5.866   6.263   -0.318  1.00 14.08  ? 1328 LEU A CD1 1 
ATOM   121  C CD2 . LEU A 1 37  ? 6.230   3.867   -0.733  1.00 13.89  ? 1328 LEU A CD2 1 
ATOM   122  N N   . LEU A 1 38  ? 5.293   4.982   4.137   1.00 12.25  ? 1329 LEU A N   1 
ATOM   123  C CA  . LEU A 1 38  ? 4.001   5.016   4.860   1.00 12.02  ? 1329 LEU A CA  1 
ATOM   124  C C   . LEU A 1 38  ? 3.860   6.317   5.642   1.00 13.26  ? 1329 LEU A C   1 
ATOM   125  O O   . LEU A 1 38  ? 2.761   6.873   5.683   1.00 15.22  ? 1329 LEU A O   1 
ATOM   126  C CB  . LEU A 1 38  ? 3.850   3.809   5.800   1.00 13.21  ? 1329 LEU A CB  1 
ATOM   127  C CG  . LEU A 1 38  ? 3.664   2.471   5.099   1.00 13.10  ? 1329 LEU A CG  1 
ATOM   128  C CD1 . LEU A 1 38  ? 3.851   1.323   6.074   1.00 14.08  ? 1329 LEU A CD1 1 
ATOM   129  C CD2 . LEU A 1 38  ? 2.293   2.320   4.447   1.00 14.94  ? 1329 LEU A CD2 1 
ATOM   130  N N   . ASN A 1 39  ? 4.930   6.817   6.246   1.00 14.13  ? 1330 ASN A N   1 
ATOM   131  C CA  . ASN A 1 39  ? 4.913   8.162   6.887   1.00 16.69  ? 1330 ASN A CA  1 
ATOM   132  C C   . ASN A 1 39  ? 4.530   9.230   5.858   1.00 13.83  ? 1330 ASN A C   1 
ATOM   133  O O   . ASN A 1 39  ? 3.601   10.033  6.200   1.00 17.68  ? 1330 ASN A O   1 
ATOM   134  C CB  . ASN A 1 39  ? 6.251   8.476   7.553   1.00 19.48  ? 1330 ASN A CB  1 
ATOM   135  C CG  . ASN A 1 39  ? 6.530   7.654   8.799   1.00 23.65  ? 1330 ASN A CG  1 
ATOM   136  O OD1 . ASN A 1 39  ? 5.615   7.124   9.412   1.00 26.94  ? 1330 ASN A OD1 1 
ATOM   137  N ND2 . ASN A 1 39  ? 7.793   7.526   9.180   1.00 26.34  ? 1330 ASN A ND2 1 
ATOM   138  N N   . LEU A 1 40  ? 5.096   9.259   4.687   1.00 15.22  ? 1331 LEU A N   1 
ATOM   139  C CA  . LEU A 1 40  ? 4.697   10.264  3.676   1.00 15.89  ? 1331 LEU A CA  1 
ATOM   140  C C   . LEU A 1 40  ? 3.218   10.073  3.327   1.00 16.31  ? 1331 LEU A C   1 
ATOM   141  O O   . LEU A 1 40  ? 2.470   11.106  3.237   1.00 16.71  ? 1331 LEU A O   1 
ATOM   142  C CB  . LEU A 1 40  ? 5.572   10.099  2.445   1.00 14.71  ? 1331 LEU A CB  1 
ATOM   143  C CG  . LEU A 1 40  ? 7.044   10.497  2.602   1.00 15.69  ? 1331 LEU A CG  1 
ATOM   144  C CD1 . LEU A 1 40  ? 7.814   10.179  1.357   1.00 18.63  ? 1331 LEU A CD1 1 
ATOM   145  C CD2 . LEU A 1 40  ? 7.221   11.971  3.008   1.00 19.90  ? 1331 LEU A CD2 1 
ATOM   146  N N   . ILE A 1 41  ? 2.749   8.829   3.181   1.00 14.38  ? 1332 ILE A N   1 
ATOM   147  C CA  . ILE A 1 41  ? 1.336   8.596   2.821   1.00 12.16  ? 1332 ILE A CA  1 
ATOM   148  C C   . ILE A 1 41  ? 0.404   9.123   3.915   1.00 13.87  ? 1332 ILE A C   1 
ATOM   149  O O   . ILE A 1 41  ? -0.583  9.826   3.621   1.00 14.27  ? 1332 ILE A O   1 
ATOM   150  C CB  . ILE A 1 41  ? 1.109   7.098   2.525   1.00 12.19  ? 1332 ILE A CB  1 
ATOM   151  C CG1 . ILE A 1 41  ? 1.761   6.794   1.176   1.00 13.62  ? 1332 ILE A CG1 1 
ATOM   152  C CG2 . ILE A 1 41  ? -0.363  6.727   2.540   1.00 11.90  ? 1332 ILE A CG2 1 
ATOM   153  C CD1 . ILE A 1 41  ? 1.868   5.347   0.848   1.00 14.60  ? 1332 ILE A CD1 1 
ATOM   154  N N   . PHE A 1 42  ? 0.721   8.873   5.179   1.00 15.37  ? 1333 PHE A N   1 
ATOM   155  C CA  . PHE A 1 42  ? -0.038  9.466   6.326   1.00 18.52  ? 1333 PHE A CA  1 
ATOM   156  C C   . PHE A 1 42  ? 0.001   11.022  6.324   1.00 20.08  ? 1333 PHE A C   1 
ATOM   157  O O   . PHE A 1 42  ? -1.032  11.598  6.743   1.00 25.98  ? 1333 PHE A O   1 
ATOM   158  C CB  . PHE A 1 42  ? 0.368   8.795   7.646   1.00 17.43  ? 1333 PHE A CB  1 
ATOM   159  C CG  . PHE A 1 42  ? -0.333  7.483   7.953   1.00 17.08  ? 1333 PHE A CG  1 
ATOM   160  C CD1 . PHE A 1 42  ? -1.472  7.481   8.735   1.00 17.98  ? 1333 PHE A CD1 1 
ATOM   161  C CD2 . PHE A 1 42  ? 0.162   6.251   7.529   1.00 19.14  ? 1333 PHE A CD2 1 
ATOM   162  C CE1 . PHE A 1 42  ? -2.118  6.294   9.068   1.00 21.29  ? 1333 PHE A CE1 1 
ATOM   163  C CE2 . PHE A 1 42  ? -0.481  5.067   7.878   1.00 18.98  ? 1333 PHE A CE2 1 
ATOM   164  C CZ  . PHE A 1 42  ? -1.662  5.100   8.572   1.00 19.94  ? 1333 PHE A CZ  1 
ATOM   165  N N   . GLN A 1 43  ? 0.995   11.726  5.761   1.00 20.24  ? 1334 GLN A N   1 
ATOM   166  C CA  . GLN A 1 43  ? 0.990   13.233  5.613   1.00 21.17  ? 1334 GLN A CA  1 
ATOM   167  C C   . GLN A 1 43  ? 0.153   13.762  4.429   1.00 21.77  ? 1334 GLN A C   1 
ATOM   168  O O   . GLN A 1 43  ? -0.215  14.973  4.394   1.00 21.42  ? 1334 GLN A O   1 
ATOM   169  C CB  . GLN A 1 43  ? 2.431   13.718  5.431   1.00 21.82  ? 1334 GLN A CB  1 
ATOM   170  C CG  . GLN A 1 43  ? 3.330   13.398  6.617   1.00 24.33  ? 1334 GLN A CG  1 
ATOM   171  N N   A CYS A 1 44  ? -0.158  12.891  3.474   0.26 19.21  ? 1335 CYS A N   1 
ATOM   172  N N   B CYS A 1 44  ? -0.133  12.905  3.448   0.26 20.40  ? 1335 CYS A N   1 
ATOM   173  C CA  A CYS A 1 44  ? -0.991  13.198  2.285   0.26 17.55  ? 1335 CYS A CA  1 
ATOM   174  C CA  B CYS A 1 44  ? -0.970  13.238  2.265   0.26 19.26  ? 1335 CYS A CA  1 
ATOM   175  C C   A CYS A 1 44  ? -2.442  13.360  2.750   0.26 16.80  ? 1335 CYS A C   1 
ATOM   176  C C   B CYS A 1 44  ? -2.423  13.370  2.743   0.26 17.77  ? 1335 CYS A C   1 
ATOM   177  O O   A CYS A 1 44  ? -2.979  12.427  3.376   0.26 15.51  ? 1335 CYS A O   1 
ATOM   178  O O   B CYS A 1 44  ? -2.938  12.428  3.370   0.26 16.51  ? 1335 CYS A O   1 
ATOM   179  C CB  A CYS A 1 44  ? -0.849  12.098  1.231   0.26 15.68  ? 1335 CYS A CB  1 
ATOM   180  C CB  B CYS A 1 44  ? -0.853  12.183  1.161   0.26 18.84  ? 1335 CYS A CB  1 
ATOM   181  S SG  A CYS A 1 44  ? 0.770   12.165  0.424   0.26 17.07  ? 1335 CYS A SG  1 
ATOM   182  S SG  B CYS A 1 44  ? -1.308  12.822  -0.477  0.26 22.56  ? 1335 CYS A SG  1 
ATOM   183  N N   . GLU A 1 45  ? -3.074  14.509  2.489   1.00 17.07  ? 1336 GLU A N   1 
ATOM   184  C CA  . GLU A 1 45  ? -4.528  14.624  2.761   1.00 15.13  ? 1336 GLU A CA  1 
ATOM   185  C C   . GLU A 1 45  ? -5.321  13.534  1.997   1.00 14.52  ? 1336 GLU A C   1 
ATOM   186  O O   . GLU A 1 45  ? -6.365  13.053  2.497   1.00 14.15  ? 1336 GLU A O   1 
ATOM   187  C CB  . GLU A 1 45  ? -5.040  15.997  2.343   1.00 14.79  ? 1336 GLU A CB  1 
ATOM   188  C CG  . GLU A 1 45  ? -4.501  17.094  3.249   1.00 17.93  ? 1336 GLU A CG  1 
ATOM   189  C CD  . GLU A 1 45  ? -4.959  18.501  2.944   1.00 19.86  ? 1336 GLU A CD  1 
ATOM   190  O OE1 . GLU A 1 45  ? -5.763  18.684  2.018   1.00 21.95  ? 1336 GLU A OE1 1 
ATOM   191  O OE2 . GLU A 1 45  ? -4.512  19.416  3.683   1.00 21.60  ? 1336 GLU A OE2 1 
ATOM   192  N N   . ASP A 1 46  ? -4.801  13.141  0.819   1.00 13.81  ? 1337 ASP A N   1 
ATOM   193  C CA  . ASP A 1 46  ? -5.465  12.094  -0.001  1.00 13.27  ? 1337 ASP A CA  1 
ATOM   194  C C   . ASP A 1 46  ? -5.530  10.730  0.724   1.00 12.16  ? 1337 ASP A C   1 
ATOM   195  O O   . ASP A 1 46  ? -6.344  9.896   0.288   1.00 13.70  ? 1337 ASP A O   1 
ATOM   196  C CB  . ASP A 1 46  ? -4.836  11.921  -1.372  1.00 13.89  ? 1337 ASP A CB  1 
ATOM   197  C CG  . ASP A 1 46  ? -5.096  13.092  -2.325  1.00 15.47  ? 1337 ASP A CG  1 
ATOM   198  O OD1 . ASP A 1 46  ? -6.124  13.807  -2.085  1.00 17.33  ? 1337 ASP A OD1 1 
ATOM   199  O OD2 . ASP A 1 46  ? -4.411  13.199  -3.347  1.00 14.91  ? 1337 ASP A OD2 1 
ATOM   200  N N   . SER A 1 47  ? -4.775  10.479  1.773   1.00 11.87  ? 1338 SER A N   1 
ATOM   201  C CA  . SER A 1 47  ? -4.869  9.178   2.455   1.00 12.70  ? 1338 SER A CA  1 
ATOM   202  C C   . SER A 1 47  ? -5.983  9.090   3.478   1.00 12.61  ? 1338 SER A C   1 
ATOM   203  O O   . SER A 1 47  ? -6.235  8.014   3.964   1.00 12.49  ? 1338 SER A O   1 
ATOM   204  C CB  . SER A 1 47  ? -3.565  8.788   3.098   1.00 12.30  ? 1338 SER A CB  1 
ATOM   205  O OG  . SER A 1 47  ? -3.240  9.602   4.252   1.00 13.78  ? 1338 SER A OG  1 
ATOM   206  N N   . GLU A 1 48  ? -6.574  10.203  3.923   1.00 12.57  ? 1339 GLU A N   1 
ATOM   207  C CA  . GLU A 1 48  ? -7.359  10.167  5.194   1.00 13.05  ? 1339 GLU A CA  1 
ATOM   208  C C   . GLU A 1 48  ? -8.468  9.102   5.145   1.00 10.74  ? 1339 GLU A C   1 
ATOM   209  O O   . GLU A 1 48  ? -8.693  8.402   6.141   1.00 11.42  ? 1339 GLU A O   1 
ATOM   210  C CB  . GLU A 1 48  ? -7.838  11.572  5.578   1.00 14.18  ? 1339 GLU A CB  1 
ATOM   211  C CG  . GLU A 1 48  ? -8.581  11.610  6.907   1.00 16.06  ? 1339 GLU A CG  1 
ATOM   212  C CD  . GLU A 1 48  ? -10.000 11.088  6.819   1.00 19.13  ? 1339 GLU A CD  1 
ATOM   213  O OE1 . GLU A 1 48  ? -10.616 11.321  5.771   1.00 18.76  ? 1339 GLU A OE1 1 
ATOM   214  O OE2 . GLU A 1 48  ? -10.473 10.418  7.777   1.00 22.67  ? 1339 GLU A OE2 1 
ATOM   215  N N   . PRO A 1 49  ? -9.207  8.903   4.015   1.00 10.97  ? 1340 PRO A N   1 
ATOM   216  C CA  . PRO A 1 49  ? -10.254 7.868   3.946   1.00 10.71  ? 1340 PRO A CA  1 
ATOM   217  C C   . PRO A 1 49  ? -9.765  6.417   4.072   1.00 10.97  ? 1340 PRO A C   1 
ATOM   218  O O   . PRO A 1 49  ? -10.564 5.517   4.315   1.00 11.53  ? 1340 PRO A O   1 
ATOM   219  C CB  . PRO A 1 49  ? -10.880 8.080   2.563   1.00 11.52  ? 1340 PRO A CB  1 
ATOM   220  C CG  . PRO A 1 49  ? -10.588 9.521   2.247   1.00 11.33  ? 1340 PRO A CG  1 
ATOM   221  C CD  . PRO A 1 49  ? -9.187  9.730   2.795   1.00 11.22  ? 1340 PRO A CD  1 
ATOM   222  N N   . PHE A 1 50  ? -8.469  6.225   3.867   1.00 11.19  ? 1341 PHE A N   1 
ATOM   223  C CA  . PHE A 1 50  ? -7.838  4.891   3.721   1.00 11.34  ? 1341 PHE A CA  1 
ATOM   224  C C   . PHE A 1 50  ? -6.984  4.550   4.942   1.00 12.38  ? 1341 PHE A C   1 
ATOM   225  O O   . PHE A 1 50  ? -6.355  3.490   4.899   1.00 12.43  ? 1341 PHE A O   1 
ATOM   226  C CB  . PHE A 1 50  ? -7.055  4.849   2.409   1.00 11.22  ? 1341 PHE A CB  1 
ATOM   227  C CG  . PHE A 1 50  ? -7.891  5.233   1.216   1.00 10.80  ? 1341 PHE A CG  1 
ATOM   228  C CD1 . PHE A 1 50  ? -8.962  4.446   0.824   1.00 11.41  ? 1341 PHE A CD1 1 
ATOM   229  C CD2 . PHE A 1 50  ? -7.664  6.430   0.546   1.00 10.95  ? 1341 PHE A CD2 1 
ATOM   230  C CE1 . PHE A 1 50  ? -9.755  4.830   -0.246  1.00 11.76  ? 1341 PHE A CE1 1 
ATOM   231  C CE2 . PHE A 1 50  ? -8.466  6.818   -0.519  1.00 11.41  ? 1341 PHE A CE2 1 
ATOM   232  C CZ  . PHE A 1 50  ? -9.511  6.011   -0.915  1.00 11.59  ? 1341 PHE A CZ  1 
ATOM   233  N N   . ARG A 1 51  ? -6.998  5.367   5.997   1.00 13.42  ? 1342 ARG A N   1 
ATOM   234  C CA  . ARG A 1 51  ? -6.074  5.210   7.150   1.00 13.50  ? 1342 ARG A CA  1 
ATOM   235  C C   . ARG A 1 51  ? -6.578  4.092   8.056   1.00 14.92  ? 1342 ARG A C   1 
ATOM   236  O O   . ARG A 1 51  ? -5.724  3.357   8.588   1.00 15.02  ? 1342 ARG A O   1 
ATOM   237  C CB  . ARG A 1 51  ? -5.922  6.513   7.938   1.00 13.67  ? 1342 ARG A CB  1 
ATOM   238  C CG  . ARG A 1 51  ? -4.996  7.489   7.229   1.00 13.50  ? 1342 ARG A CG  1 
ATOM   239  C CD  . ARG A 1 51  ? -4.941  8.845   7.904   1.00 13.65  ? 1342 ARG A CD  1 
ATOM   240  N NE  . ARG A 1 51  ? -4.423  9.856   6.999   1.00 13.93  ? 1342 ARG A NE  1 
ATOM   241  C CZ  . ARG A 1 51  ? -4.531  11.169  7.182   1.00 13.95  ? 1342 ARG A CZ  1 
ATOM   242  N NH1 . ARG A 1 51  ? -5.094  11.665  8.277   1.00 15.55  ? 1342 ARG A NH1 1 
ATOM   243  N NH2 . ARG A 1 51  ? -4.028  11.985  6.279   1.00 13.30  ? 1342 ARG A NH2 1 
ATOM   244  N N   . GLN A 1 52  ? -7.893  3.963   8.227   1.00 16.35  ? 1343 GLN A N   1 
ATOM   245  C CA  . GLN A 1 52  ? -8.512  2.989   9.155   1.00 19.46  ? 1343 GLN A CA  1 
ATOM   246  C C   . GLN A 1 52  ? -9.543  2.173   8.379   1.00 20.24  ? 1343 GLN A C   1 
ATOM   247  O O   . GLN A 1 52  ? -9.961  2.567   7.291   1.00 18.86  ? 1343 GLN A O   1 
ATOM   248  C CB  . GLN A 1 52  ? -9.103  3.742   10.354  1.00 21.32  ? 1343 GLN A CB  1 
ATOM   249  C CG  . GLN A 1 52  ? -8.157  4.779   10.955  1.00 24.87  ? 1343 GLN A CG  1 
ATOM   250  C CD  . GLN A 1 52  ? -6.957  4.198   11.669  1.00 26.41  ? 1343 GLN A CD  1 
ATOM   251  O OE1 . GLN A 1 52  ? -6.989  3.084   12.199  1.00 29.80  ? 1343 GLN A OE1 1 
ATOM   252  N NE2 . GLN A 1 52  ? -5.874  4.959   11.707  1.00 27.06  ? 1343 GLN A NE2 1 
ATOM   253  N N   . PRO A 1 53  ? -9.953  0.988   8.888   1.00 23.10  ? 1344 PRO A N   1 
ATOM   254  C CA  . PRO A 1 53  ? -10.902 0.138   8.170   1.00 24.43  ? 1344 PRO A CA  1 
ATOM   255  C C   . PRO A 1 53  ? -12.187 0.910   7.851   1.00 25.85  ? 1344 PRO A C   1 
ATOM   256  O O   . PRO A 1 53  ? -12.613 1.718   8.668   1.00 27.15  ? 1344 PRO A O   1 
ATOM   257  C CB  . PRO A 1 53  ? -11.165 -1.030  9.132   1.00 24.68  ? 1344 PRO A CB  1 
ATOM   258  C CG  . PRO A 1 53  ? -9.941  -1.064  10.014  1.00 24.25  ? 1344 PRO A CG  1 
ATOM   259  C CD  . PRO A 1 53  ? -9.517  0.384   10.158  1.00 23.33  ? 1344 PRO A CD  1 
ATOM   260  N N   . VAL A 1 54  ? -12.743 0.676   6.662   1.00 25.79  ? 1345 VAL A N   1 
ATOM   261  C CA  . VAL A 1 54  ? -14.019 1.296   6.204   1.00 25.83  ? 1345 VAL A CA  1 
ATOM   262  C C   . VAL A 1 54  ? -15.064 1.127   7.310   1.00 25.73  ? 1345 VAL A C   1 
ATOM   263  O O   . VAL A 1 54  ? -15.038 0.082   8.002   1.00 26.84  ? 1345 VAL A O   1 
ATOM   264  C CB  . VAL A 1 54  ? -14.514 0.702   4.874   1.00 25.74  ? 1345 VAL A CB  1 
ATOM   265  C CG1 . VAL A 1 54  ? -15.920 1.180   4.542   1.00 26.28  ? 1345 VAL A CG1 1 
ATOM   266  C CG2 . VAL A 1 54  ? -13.560 1.031   3.743   1.00 26.54  ? 1345 VAL A CG2 1 
ATOM   267  N N   . ASP A 1 55  ? -15.921 2.144   7.445   1.00 25.93  ? 1346 ASP A N   1 
ATOM   268  C CA  . ASP A 1 55  ? -17.036 2.242   8.421   1.00 25.80  ? 1346 ASP A CA  1 
ATOM   269  C C   . ASP A 1 55  ? -18.254 1.500   7.858   1.00 26.19  ? 1346 ASP A C   1 
ATOM   270  O O   . ASP A 1 55  ? -18.842 1.988   6.877   1.00 26.29  ? 1346 ASP A O   1 
ATOM   271  C CB  . ASP A 1 55  ? -17.355 3.711   8.716   1.00 24.67  ? 1346 ASP A CB  1 
ATOM   272  C CG  . ASP A 1 55  ? -18.213 3.928   9.953   1.00 24.78  ? 1346 ASP A CG  1 
ATOM   273  O OD1 . ASP A 1 55  ? -18.043 4.978   10.598  1.00 26.59  ? 1346 ASP A OD1 1 
ATOM   274  O OD2 . ASP A 1 55  ? -19.047 3.063   10.255  1.00 25.63  ? 1346 ASP A OD2 1 
ATOM   275  N N   . LEU A 1 56  ? -18.613 0.369   8.464   1.00 28.78  ? 1347 LEU A N   1 
ATOM   276  C CA  . LEU A 1 56  ? -19.745 -0.487  8.016   1.00 31.25  ? 1347 LEU A CA  1 
ATOM   277  C C   . LEU A 1 56  ? -21.077 0.146   8.432   1.00 30.84  ? 1347 LEU A C   1 
ATOM   278  O O   . LEU A 1 56  ? -22.091 -0.177  7.796   1.00 34.45  ? 1347 LEU A O   1 
ATOM   279  C CB  . LEU A 1 56  ? -19.588 -1.896  8.596   1.00 33.12  ? 1347 LEU A CB  1 
ATOM   280  C CG  . LEU A 1 56  ? -18.310 -2.641  8.208   1.00 34.93  ? 1347 LEU A CG  1 
ATOM   281  C CD1 . LEU A 1 56  ? -18.403 -4.107  8.603   1.00 36.77  ? 1347 LEU A CD1 1 
ATOM   282  C CD2 . LEU A 1 56  ? -18.008 -2.519  6.721   1.00 36.40  ? 1347 LEU A CD2 1 
ATOM   283  N N   . LEU A 1 57  ? -21.084 1.019   9.446   1.00 31.13  ? 1348 LEU A N   1 
ATOM   284  C CA  . LEU A 1 57  ? -22.308 1.751   9.871   1.00 29.70  ? 1348 LEU A CA  1 
ATOM   285  C C   . LEU A 1 57  ? -22.703 2.729   8.758   1.00 28.75  ? 1348 LEU A C   1 
ATOM   286  O O   . LEU A 1 57  ? -23.898 2.768   8.411   1.00 29.70  ? 1348 LEU A O   1 
ATOM   287  C CB  . LEU A 1 57  ? -22.044 2.470   11.202  1.00 30.50  ? 1348 LEU A CB  1 
ATOM   288  C CG  . LEU A 1 57  ? -23.262 3.029   11.945  1.00 31.14  ? 1348 LEU A CG  1 
ATOM   289  C CD1 . LEU A 1 57  ? -23.649 4.411   11.434  1.00 31.29  ? 1348 LEU A CD1 1 
ATOM   290  C CD2 . LEU A 1 57  ? -24.453 2.085   11.889  1.00 31.72  ? 1348 LEU A CD2 1 
ATOM   291  N N   . GLU A 1 58  ? -21.727 3.468   8.217   1.00 26.70  ? 1349 GLU A N   1 
ATOM   292  C CA  . GLU A 1 58  ? -21.912 4.511   7.169   1.00 26.54  ? 1349 GLU A CA  1 
ATOM   293  C C   . GLU A 1 58  ? -22.137 3.854   5.799   1.00 24.40  ? 1349 GLU A C   1 
ATOM   294  O O   . GLU A 1 58  ? -22.929 4.386   4.988   1.00 24.33  ? 1349 GLU A O   1 
ATOM   295  C CB  . GLU A 1 58  ? -20.668 5.398   7.067   1.00 27.51  ? 1349 GLU A CB  1 
ATOM   296  C CG  . GLU A 1 58  ? -20.328 6.159   8.336   1.00 30.16  ? 1349 GLU A CG  1 
ATOM   297  C CD  . GLU A 1 58  ? -18.962 6.825   8.317   1.00 33.22  ? 1349 GLU A CD  1 
ATOM   298  O OE1 . GLU A 1 58  ? -18.312 6.815   7.250   1.00 36.62  ? 1349 GLU A OE1 1 
ATOM   299  O OE2 . GLU A 1 58  ? -18.553 7.362   9.367   1.00 37.58  ? 1349 GLU A OE2 1 
ATOM   300  N N   . TYR A 1 59  ? -21.415 2.762   5.531   1.00 23.72  ? 1350 TYR A N   1 
ATOM   301  C CA  . TYR A 1 59  ? -21.419 2.032   4.237   1.00 22.12  ? 1350 TYR A CA  1 
ATOM   302  C C   . TYR A 1 59  ? -21.944 0.629   4.506   1.00 20.74  ? 1350 TYR A C   1 
ATOM   303  O O   . TYR A 1 59  ? -21.179 -0.330  4.548   1.00 19.28  ? 1350 TYR A O   1 
ATOM   304  C CB  . TYR A 1 59  ? -20.015 2.095   3.631   1.00 22.41  ? 1350 TYR A CB  1 
ATOM   305  C CG  . TYR A 1 59  ? -19.590 3.505   3.301   1.00 22.68  ? 1350 TYR A CG  1 
ATOM   306  C CD1 . TYR A 1 59  ? -20.009 4.116   2.131   1.00 23.04  ? 1350 TYR A CD1 1 
ATOM   307  C CD2 . TYR A 1 59  ? -18.805 4.250   4.168   1.00 23.73  ? 1350 TYR A CD2 1 
ATOM   308  C CE1 . TYR A 1 59  ? -19.653 5.418   1.821   1.00 23.19  ? 1350 TYR A CE1 1 
ATOM   309  C CE2 . TYR A 1 59  ? -18.448 5.559   3.881   1.00 23.13  ? 1350 TYR A CE2 1 
ATOM   310  C CZ  . TYR A 1 59  ? -18.865 6.145   2.695   1.00 23.31  ? 1350 TYR A CZ  1 
ATOM   311  O OH  . TYR A 1 59  ? -18.520 7.430   2.363   1.00 24.38  ? 1350 TYR A OH  1 
ATOM   312  N N   . PRO A 1 60  ? -23.273 0.476   4.732   1.00 19.42  ? 1351 PRO A N   1 
ATOM   313  C CA  . PRO A 1 60  ? -23.814 -0.765  5.288   1.00 17.41  ? 1351 PRO A CA  1 
ATOM   314  C C   . PRO A 1 60  ? -23.686 -1.949  4.317   1.00 15.44  ? 1351 PRO A C   1 
ATOM   315  O O   . PRO A 1 60  ? -23.676 -3.073  4.745   1.00 15.30  ? 1351 PRO A O   1 
ATOM   316  C CB  . PRO A 1 60  ? -25.279 -0.403  5.607   1.00 18.30  ? 1351 PRO A CB  1 
ATOM   317  C CG  . PRO A 1 60  ? -25.610 0.716   4.650   1.00 19.55  ? 1351 PRO A CG  1 
ATOM   318  C CD  . PRO A 1 60  ? -24.315 1.491   4.494   1.00 20.00  ? 1351 PRO A CD  1 
ATOM   319  N N   . ASP A 1 61  ? -23.557 -1.655  3.029   1.00 15.07  ? 1352 ASP A N   1 
ATOM   320  C CA  . ASP A 1 61  ? -23.401 -2.696  1.985   1.00 13.77  ? 1352 ASP A CA  1 
ATOM   321  C C   . ASP A 1 61  ? -21.921 -2.969  1.670   1.00 13.29  ? 1352 ASP A C   1 
ATOM   322  O O   . ASP A 1 61  ? -21.664 -3.778  0.778   1.00 12.45  ? 1352 ASP A O   1 
ATOM   323  C CB  . ASP A 1 61  ? -24.119 -2.269  0.715   1.00 15.23  ? 1352 ASP A CB  1 
ATOM   324  C CG  . ASP A 1 61  ? -23.527 -1.020  0.113   1.00 15.69  ? 1352 ASP A CG  1 
ATOM   325  O OD1 . ASP A 1 61  ? -22.930 -0.201  0.877   1.00 16.56  ? 1352 ASP A OD1 1 
ATOM   326  O OD2 . ASP A 1 61  ? -23.660 -0.865  -1.091  1.00 17.63  ? 1352 ASP A OD2 1 
ATOM   327  N N   . TYR A 1 62  ? -20.956 -2.363  2.364   1.00 11.64  ? 1353 TYR A N   1 
ATOM   328  C CA  . TYR A 1 62  ? -19.526 -2.449  1.952   1.00 11.63  ? 1353 TYR A CA  1 
ATOM   329  C C   . TYR A 1 62  ? -19.079 -3.910  1.822   1.00 11.97  ? 1353 TYR A C   1 
ATOM   330  O O   . TYR A 1 62  ? -18.459 -4.257  0.787   1.00 12.25  ? 1353 TYR A O   1 
ATOM   331  C CB  . TYR A 1 62  ? -18.630 -1.710  2.947   1.00 10.98  ? 1353 TYR A CB  1 
ATOM   332  C CG  . TYR A 1 62  ? -17.194 -1.592  2.504   1.00 11.58  ? 1353 TYR A CG  1 
ATOM   333  C CD1 . TYR A 1 62  ? -16.872 -0.732  1.470   1.00 11.41  ? 1353 TYR A CD1 1 
ATOM   334  C CD2 . TYR A 1 62  ? -16.191 -2.404  3.015   1.00 11.78  ? 1353 TYR A CD2 1 
ATOM   335  C CE1 . TYR A 1 62  ? -15.570 -0.617  1.011   1.00 11.49  ? 1353 TYR A CE1 1 
ATOM   336  C CE2 . TYR A 1 62  ? -14.875 -2.278  2.592   1.00 11.88  ? 1353 TYR A CE2 1 
ATOM   337  C CZ  . TYR A 1 62  ? -14.575 -1.404  1.565   1.00 11.26  ? 1353 TYR A CZ  1 
ATOM   338  O OH  . TYR A 1 62  ? -13.281 -1.352  1.112   1.00 11.21  ? 1353 TYR A OH  1 
ATOM   339  N N   . ARG A 1 63  ? -19.340 -4.739  2.844   1.00 12.95  ? 1354 ARG A N   1 
ATOM   340  C CA  . ARG A 1 63  ? -18.864 -6.151  2.895   1.00 14.79  ? 1354 ARG A CA  1 
ATOM   341  C C   . ARG A 1 63  ? -19.681 -7.067  1.972   1.00 14.88  ? 1354 ARG A C   1 
ATOM   342  O O   . ARG A 1 63  ? -19.276 -8.239  1.823   1.00 15.04  ? 1354 ARG A O   1 
ATOM   343  C CB  . ARG A 1 63  ? -18.869 -6.724  4.318   1.00 16.04  ? 1354 ARG A CB  1 
ATOM   344  C CG  . ARG A 1 63  ? -17.895 -6.040  5.266   1.00 17.61  ? 1354 ARG A CG  1 
ATOM   345  C CD  . ARG A 1 63  ? -16.449 -6.038  4.797   1.00 19.21  ? 1354 ARG A CD  1 
ATOM   346  N NE  . ARG A 1 63  ? -15.948 -7.381  4.550   1.00 20.56  ? 1354 ARG A NE  1 
ATOM   347  C CZ  . ARG A 1 63  ? -15.508 -8.220  5.487   1.00 23.46  ? 1354 ARG A CZ  1 
ATOM   348  N NH1 . ARG A 1 63  ? -15.473 -7.857  6.761   1.00 24.11  ? 1354 ARG A NH1 1 
ATOM   349  N NH2 . ARG A 1 63  ? -15.095 -9.424  5.141   1.00 25.55  ? 1354 ARG A NH2 1 
ATOM   350  N N   . ASP A 1 64  ? -20.742 -6.573  1.323   1.00 14.87  ? 1355 ASP A N   1 
ATOM   351  C CA  . ASP A 1 64  ? -21.428 -7.337  0.246   1.00 16.01  ? 1355 ASP A CA  1 
ATOM   352  C C   . ASP A 1 64  ? -20.549 -7.305  -1.008  1.00 16.08  ? 1355 ASP A C   1 
ATOM   353  O O   . ASP A 1 64  ? -20.510 -8.333  -1.738  1.00 16.54  ? 1355 ASP A O   1 
ATOM   354  C CB  . ASP A 1 64  ? -22.814 -6.776  -0.062  1.00 16.40  ? 1355 ASP A CB  1 
ATOM   355  C CG  . ASP A 1 64  ? -23.728 -6.627  1.144   1.00 16.10  ? 1355 ASP A CG  1 
ATOM   356  O OD1 . ASP A 1 64  ? -23.501 -7.310  2.160   1.00 16.81  ? 1355 ASP A OD1 1 
ATOM   357  O OD2 . ASP A 1 64  ? -24.654 -5.811  1.059   1.00 17.33  ? 1355 ASP A OD2 1 
ATOM   358  N N   . ILE A 1 65  ? -19.839 -6.182  -1.196  1.00 15.01  ? 1356 ILE A N   1 
ATOM   359  C CA  . ILE A 1 65  ? -19.045 -5.827  -2.406  1.00 14.57  ? 1356 ILE A CA  1 
ATOM   360  C C   . ILE A 1 65  ? -17.583 -6.260  -2.230  1.00 14.53  ? 1356 ILE A C   1 
ATOM   361  O O   . ILE A 1 65  ? -16.989 -6.724  -3.238  1.00 15.59  ? 1356 ILE A O   1 
ATOM   362  C CB  . ILE A 1 65  ? -19.153 -4.313  -2.679  1.00 14.18  ? 1356 ILE A CB  1 
ATOM   363  C CG1 . ILE A 1 65  ? -20.597 -3.798  -2.629  1.00 13.83  ? 1356 ILE A CG1 1 
ATOM   364  C CG2 . ILE A 1 65  ? -18.481 -3.939  -3.987  1.00 14.73  ? 1356 ILE A CG2 1 
ATOM   365  C CD1 . ILE A 1 65  ? -21.526 -4.424  -3.650  1.00 13.94  ? 1356 ILE A CD1 1 
ATOM   366  N N   . ILE A 1 66  ? -17.036 -6.150  -1.011  1.00 14.32  ? 1357 ILE A N   1 
ATOM   367  C CA  . ILE A 1 66  ? -15.576 -6.257  -0.718  1.00 14.30  ? 1357 ILE A CA  1 
ATOM   368  C C   . ILE A 1 66  ? -15.348 -7.384  0.303   1.00 14.87  ? 1357 ILE A C   1 
ATOM   369  O O   . ILE A 1 66  ? -15.845 -7.282  1.457   1.00 16.78  ? 1357 ILE A O   1 
ATOM   370  C CB  . ILE A 1 66  ? -15.005 -4.916  -0.212  1.00 13.54  ? 1357 ILE A CB  1 
ATOM   371  C CG1 . ILE A 1 66  ? -15.271 -3.730  -1.150  1.00 13.71  ? 1357 ILE A CG1 1 
ATOM   372  C CG2 . ILE A 1 66  ? -13.522 -5.073  0.073   1.00 14.07  ? 1357 ILE A CG2 1 
ATOM   373  C CD1 . ILE A 1 66  ? -14.673 -3.869  -2.521  1.00 14.08  ? 1357 ILE A CD1 1 
ATOM   374  N N   . ASP A 1 67  ? -14.545 -8.382  -0.077  1.00 15.65  ? 1358 ASP A N   1 
ATOM   375  C CA  . ASP A 1 67  ? -14.253 -9.616  0.700   1.00 16.03  ? 1358 ASP A CA  1 
ATOM   376  C C   . ASP A 1 67  ? -13.094 -9.436  1.695   1.00 15.06  ? 1358 ASP A C   1 
ATOM   377  O O   . ASP A 1 67  ? -13.120 -10.110 2.750   1.00 15.37  ? 1358 ASP A O   1 
ATOM   378  C CB  . ASP A 1 67  ? -13.845 -10.743 -0.251  1.00 18.42  ? 1358 ASP A CB  1 
ATOM   379  C CG  . ASP A 1 67  ? -15.005 -11.467 -0.899  1.00 21.12  ? 1358 ASP A CG  1 
ATOM   380  O OD1 . ASP A 1 67  ? -15.814 -10.811 -1.608  1.00 23.05  ? 1358 ASP A OD1 1 
ATOM   381  O OD2 . ASP A 1 67  ? -15.073 -12.694 -0.715  1.00 24.60  ? 1358 ASP A OD2 1 
ATOM   382  N N   . THR A 1 68  ? -12.054 -8.653  1.362   1.00 14.04  ? 1359 THR A N   1 
ATOM   383  C CA  . THR A 1 68  ? -10.820 -8.508  2.185   1.00 14.03  ? 1359 THR A CA  1 
ATOM   384  C C   . THR A 1 68  ? -10.551 -7.025  2.417   1.00 12.72  ? 1359 THR A C   1 
ATOM   385  O O   . THR A 1 68  ? -9.776  -6.396  1.679   1.00 12.81  ? 1359 THR A O   1 
ATOM   386  C CB  . THR A 1 68  ? -9.588  -9.193  1.579   1.00 14.28  ? 1359 THR A CB  1 
ATOM   387  O OG1 . THR A 1 68  ? -9.876  -10.569 1.303   1.00 14.61  ? 1359 THR A OG1 1 
ATOM   388  C CG2 . THR A 1 68  ? -8.385  -9.114  2.501   1.00 14.39  ? 1359 THR A CG2 1 
ATOM   389  N N   . PRO A 1 69  ? -11.128 -6.459  3.499   1.00 12.93  ? 1360 PRO A N   1 
ATOM   390  C CA  . PRO A 1 69  ? -10.887 -5.066  3.869   1.00 13.16  ? 1360 PRO A CA  1 
ATOM   391  C C   . PRO A 1 69  ? -9.382  -4.821  4.008   1.00 12.35  ? 1360 PRO A C   1 
ATOM   392  O O   . PRO A 1 69  ? -8.695  -5.649  4.576   1.00 12.74  ? 1360 PRO A O   1 
ATOM   393  C CB  . PRO A 1 69  ? -11.613 -4.881  5.210   1.00 14.28  ? 1360 PRO A CB  1 
ATOM   394  C CG  . PRO A 1 69  ? -12.615 -6.013  5.258   1.00 14.48  ? 1360 PRO A CG  1 
ATOM   395  C CD  . PRO A 1 69  ? -12.013 -7.146  4.457   1.00 13.96  ? 1360 PRO A CD  1 
ATOM   396  N N   . MET A 1 70  ? -8.906  -3.675  3.519   1.00 12.39  ? 1361 MET A N   1 
ATOM   397  C CA  . MET A 1 70  ? -7.496  -3.316  3.805   1.00 12.06  ? 1361 MET A CA  1 
ATOM   398  C C   . MET A 1 70  ? -7.393  -1.810  4.015   1.00 10.89  ? 1361 MET A C   1 
ATOM   399  O O   . MET A 1 70  ? -8.136  -1.082  3.377   1.00 11.48  ? 1361 MET A O   1 
ATOM   400  C CB  . MET A 1 70  ? -6.539  -3.850  2.731   1.00 12.24  ? 1361 MET A CB  1 
ATOM   401  C CG  . MET A 1 70  ? -5.055  -3.712  3.043   1.00 11.92  ? 1361 MET A CG  1 
ATOM   402  S SD  . MET A 1 70  ? -4.469  -4.431  4.562   1.00 12.10  ? 1361 MET A SD  1 
ATOM   403  C CE  . MET A 1 70  ? -4.964  -6.160  4.408   1.00 15.03  ? 1361 MET A CE  1 
ATOM   404  N N   . ASP A 1 71  ? -6.455  -1.390  4.850   1.00 10.42  ? 1362 ASP A N   1 
ATOM   405  C CA  . ASP A 1 71  ? -6.230  0.055   5.119   1.00 10.31  ? 1362 ASP A CA  1 
ATOM   406  C C   . ASP A 1 71  ? -4.763  0.264   5.500   1.00 9.65   ? 1362 ASP A C   1 
ATOM   407  O O   . ASP A 1 71  ? -4.038  -0.703  5.820   1.00 10.53  ? 1362 ASP A O   1 
ATOM   408  C CB  . ASP A 1 71  ? -7.182  0.479   6.256   1.00 11.63  ? 1362 ASP A CB  1 
ATOM   409  C CG  . ASP A 1 71  ? -6.803  -0.211  7.529   1.00 13.39  ? 1362 ASP A CG  1 
ATOM   410  O OD1 . ASP A 1 71  ? -7.236  -1.372  7.715   1.00 15.36  ? 1362 ASP A OD1 1 
ATOM   411  O OD2 . ASP A 1 71  ? -5.973  0.314   8.212   1.00 14.47  ? 1362 ASP A OD2 1 
ATOM   412  N N   . PHE A 1 72  ? -4.322  1.517   5.571   1.00 9.89   ? 1363 PHE A N   1 
ATOM   413  C CA  . PHE A 1 72  ? -2.898  1.803   5.771   1.00 10.21  ? 1363 PHE A CA  1 
ATOM   414  C C   . PHE A 1 72  ? -2.449  1.544   7.198   1.00 11.26  ? 1363 PHE A C   1 
ATOM   415  O O   . PHE A 1 72  ? -1.269  1.244   7.409   1.00 11.75  ? 1363 PHE A O   1 
ATOM   416  C CB  . PHE A 1 72  ? -2.531  3.216   5.324   1.00 10.85  ? 1363 PHE A CB  1 
ATOM   417  C CG  . PHE A 1 72  ? -2.438  3.336   3.831   1.00 9.59   ? 1363 PHE A CG  1 
ATOM   418  C CD1 . PHE A 1 72  ? -1.343  2.863   3.144   1.00 10.13  ? 1363 PHE A CD1 1 
ATOM   419  C CD2 . PHE A 1 72  ? -3.390  4.020   3.099   1.00 11.35  ? 1363 PHE A CD2 1 
ATOM   420  C CE1 . PHE A 1 72  ? -1.273  2.929   1.767   1.00 11.60  ? 1363 PHE A CE1 1 
ATOM   421  C CE2 . PHE A 1 72  ? -3.286  4.157   1.732   1.00 11.06  ? 1363 PHE A CE2 1 
ATOM   422  C CZ  . PHE A 1 72  ? -2.246  3.573   1.066   1.00 11.11  ? 1363 PHE A CZ  1 
ATOM   423  N N   . ALA A 1 73  ? -3.340  1.641   8.186   1.00 10.34  ? 1364 ALA A N   1 
ATOM   424  C CA  . ALA A 1 73  ? -2.971  1.294   9.579   1.00 11.15  ? 1364 ALA A CA  1 
ATOM   425  C C   . ALA A 1 73  ? -2.719  -0.216  9.711   1.00 11.46  ? 1364 ALA A C   1 
ATOM   426  O O   . ALA A 1 73  ? -1.723  -0.635  10.335  1.00 12.14  ? 1364 ALA A O   1 
ATOM   427  C CB  . ALA A 1 73  ? -4.055  1.729   10.554  1.00 12.63  ? 1364 ALA A CB  1 
ATOM   428  N N   . THR A 1 74  ? -3.526  -1.001  9.058   1.00 11.16  ? 1365 THR A N   1 
ATOM   429  C CA  . THR A 1 74  ? -3.288  -2.463  9.017   1.00 11.08  ? 1365 THR A CA  1 
ATOM   430  C C   . THR A 1 74  ? -1.941  -2.775  8.346   1.00 10.56  ? 1365 THR A C   1 
ATOM   431  O O   . THR A 1 74  ? -1.163  -3.578  8.860   1.00 10.74  ? 1365 THR A O   1 
ATOM   432  C CB  . THR A 1 74  ? -4.416  -3.178  8.326   1.00 11.78  ? 1365 THR A CB  1 
ATOM   433  O OG1 . THR A 1 74  ? -5.604  -2.957  9.111   1.00 14.59  ? 1365 THR A OG1 1 
ATOM   434  C CG2 . THR A 1 74  ? -4.185  -4.671  8.201   1.00 12.36  ? 1365 THR A CG2 1 
ATOM   435  N N   . VAL A 1 75  ? -1.648  -2.107  7.223   1.00 9.75   ? 1366 VAL A N   1 
ATOM   436  C CA  . VAL A 1 75  ? -0.334  -2.348  6.549   1.00 9.89   ? 1366 VAL A CA  1 
ATOM   437  C C   . VAL A 1 75  ? 0.823   -1.948  7.502   1.00 9.55   ? 1366 VAL A C   1 
ATOM   438  O O   . VAL A 1 75  ? 1.800   -2.723  7.629   1.00 9.98   ? 1366 VAL A O   1 
ATOM   439  C CB  . VAL A 1 75  ? -0.272  -1.609  5.195   1.00 10.61  ? 1366 VAL A CB  1 
ATOM   440  C CG1 . VAL A 1 75  ? 1.118   -1.719  4.598   1.00 11.16  ? 1366 VAL A CG1 1 
ATOM   441  C CG2 . VAL A 1 75  ? -1.315  -2.103  4.214   1.00 11.50  ? 1366 VAL A CG2 1 
ATOM   442  N N   . ARG A 1 76  ? 0.768   -0.765  8.123   1.00 9.34   ? 1367 ARG A N   1 
ATOM   443  C CA  . ARG A 1 76  ? 1.850   -0.340  9.038   1.00 11.71  ? 1367 ARG A CA  1 
ATOM   444  C C   . ARG A 1 76  ? 1.991   -1.329  10.201  1.00 11.26  ? 1367 ARG A C   1 
ATOM   445  O O   . ARG A 1 76  ? 3.161   -1.645  10.575  1.00 11.47  ? 1367 ARG A O   1 
ATOM   446  C CB  . ARG A 1 76  ? 1.523   1.055   9.570   1.00 12.77  ? 1367 ARG A CB  1 
ATOM   447  C CG  . ARG A 1 76  ? 2.536   1.618   10.542  1.00 17.52  ? 1367 ARG A CG  1 
ATOM   448  C CD  . ARG A 1 76  ? 1.992   2.963   10.994  1.00 22.23  ? 1367 ARG A CD  1 
ATOM   449  N NE  . ARG A 1 76  ? 2.589   4.038   10.253  1.00 24.74  ? 1367 ARG A NE  1 
ATOM   450  C CZ  . ARG A 1 76  ? 2.172   5.306   10.290  1.00 25.32  ? 1367 ARG A CZ  1 
ATOM   451  N NH1 . ARG A 1 76  ? 1.035   5.645   10.880  1.00 24.01  ? 1367 ARG A NH1 1 
ATOM   452  N NH2 . ARG A 1 76  ? 2.883   6.212   9.669   1.00 26.32  ? 1367 ARG A NH2 1 
ATOM   453  N N   . GLU A 1 77  ? 0.893   -1.767  10.785  1.00 11.42  ? 1368 GLU A N   1 
ATOM   454  C CA  . GLU A 1 77  ? 0.958   -2.711  11.914  1.00 12.34  ? 1368 GLU A CA  1 
ATOM   455  C C   . GLU A 1 77  ? 1.553   -4.030  11.457  1.00 12.56  ? 1368 GLU A C   1 
ATOM   456  O O   . GLU A 1 77  ? 2.289   -4.672  12.243  1.00 12.59  ? 1368 GLU A O   1 
ATOM   457  C CB  . GLU A 1 77  ? -0.453  -2.921  12.444  1.00 15.49  ? 1368 GLU A CB  1 
ATOM   458  C CG  . GLU A 1 77  ? -0.967  -1.731  13.213  1.00 19.97  ? 1368 GLU A CG  1 
ATOM   459  C CD  . GLU A 1 77  ? -2.469  -1.538  13.396  1.00 28.06  ? 1368 GLU A CD  1 
ATOM   460  O OE1 . GLU A 1 77  ? -3.272  -2.435  13.013  1.00 31.71  ? 1368 GLU A OE1 1 
ATOM   461  O OE2 . GLU A 1 77  ? -2.831  -0.447  13.927  1.00 36.20  ? 1368 GLU A OE2 1 
ATOM   462  N N   . THR A 1 78  ? 1.172   -4.549  10.295  1.00 11.43  ? 1369 THR A N   1 
ATOM   463  C CA  . THR A 1 78  ? 1.727   -5.819  9.777   1.00 11.52  ? 1369 THR A CA  1 
ATOM   464  C C   . THR A 1 78  ? 3.240   -5.660  9.603   1.00 11.17  ? 1369 THR A C   1 
ATOM   465  O O   . THR A 1 78  ? 4.027   -6.618  9.968   1.00 11.66  ? 1369 THR A O   1 
ATOM   466  C CB  . THR A 1 78  ? 1.039   -6.203  8.454   1.00 10.78  ? 1369 THR A CB  1 
ATOM   467  O OG1 . THR A 1 78  ? -0.369  -6.317  8.696   1.00 12.41  ? 1369 THR A OG1 1 
ATOM   468  C CG2 . THR A 1 78  ? 1.547   -7.522  7.918   1.00 11.52  ? 1369 THR A CG2 1 
ATOM   469  N N   . LEU A 1 79  ? 3.693   -4.526  9.030   1.00 10.12  ? 1370 LEU A N   1 
ATOM   470  C CA  . LEU A 1 79  ? 5.140   -4.267  8.854   1.00 10.49  ? 1370 LEU A CA  1 
ATOM   471  C C   . LEU A 1 79  ? 5.828   -4.270  10.220  1.00 11.87  ? 1370 LEU A C   1 
ATOM   472  O O   . LEU A 1 79  ? 6.908   -4.956  10.412  1.00 11.61  ? 1370 LEU A O   1 
ATOM   473  C CB  . LEU A 1 79  ? 5.303   -2.942  8.086   1.00 10.44  ? 1370 LEU A CB  1 
ATOM   474  C CG  . LEU A 1 79  ? 6.737   -2.591  7.693   1.00 11.00  ? 1370 LEU A CG  1 
ATOM   475  C CD1 . LEU A 1 79  ? 7.313   -3.589  6.709   1.00 11.58  ? 1370 LEU A CD1 1 
ATOM   476  C CD2 . LEU A 1 79  ? 6.767   -1.164  7.111   1.00 12.61  ? 1370 LEU A CD2 1 
ATOM   477  N N   . GLU A 1 80  ? 5.302   -3.505  11.175  1.00 12.25  ? 1371 GLU A N   1 
ATOM   478  C CA  . GLU A 1 80  ? 5.957   -3.327  12.501  1.00 13.37  ? 1371 GLU A CA  1 
ATOM   479  C C   . GLU A 1 80  ? 5.959   -4.642  13.293  1.00 13.17  ? 1371 GLU A C   1 
ATOM   480  O O   . GLU A 1 80  ? 6.899   -4.884  14.051  1.00 14.06  ? 1371 GLU A O   1 
ATOM   481  C CB  . GLU A 1 80  ? 5.290   -2.202  13.296  1.00 13.91  ? 1371 GLU A CB  1 
ATOM   482  C CG  . GLU A 1 80  ? 5.953   -1.954  14.642  1.00 15.83  ? 1371 GLU A CG  1 
ATOM   483  C CD  . GLU A 1 80  ? 7.450   -1.669  14.610  1.00 18.23  ? 1371 GLU A CD  1 
ATOM   484  O OE1 . GLU A 1 80  ? 7.972   -1.237  13.548  1.00 20.86  ? 1371 GLU A OE1 1 
ATOM   485  O OE2 . GLU A 1 80  ? 8.112   -1.886  15.663  1.00 19.79  ? 1371 GLU A OE2 1 
ATOM   486  N N   . ALA A 1 81  ? 4.965   -5.489  13.116  1.00 13.35  ? 1372 ALA A N   1 
ATOM   487  C CA  . ALA A 1 81  ? 4.924   -6.824  13.773  1.00 13.52  ? 1372 ALA A CA  1 
ATOM   488  C C   . ALA A 1 81  ? 6.009   -7.758  13.236  1.00 13.17  ? 1372 ALA A C   1 
ATOM   489  O O   . ALA A 1 81  ? 6.197   -8.874  13.750  1.00 14.75  ? 1372 ALA A O   1 
ATOM   490  C CB  . ALA A 1 81  ? 3.573   -7.441  13.624  1.00 14.95  ? 1372 ALA A CB  1 
ATOM   491  N N   . GLY A 1 82  ? 6.643   -7.421  12.093  1.00 12.90  ? 1373 GLY A N   1 
ATOM   492  C CA  . GLY A 1 82  ? 7.531   -8.368  11.400  1.00 12.61  ? 1373 GLY A CA  1 
ATOM   493  C C   . GLY A 1 82  ? 6.770   -9.447  10.702  1.00 12.16  ? 1373 GLY A C   1 
ATOM   494  O O   . GLY A 1 82  ? 7.198   -10.611 10.651  1.00 13.20  ? 1373 GLY A O   1 
ATOM   495  N N   . ASN A 1 83  ? 5.619   -9.121  10.109  1.00 11.53  ? 1374 ASN A N   1 
ATOM   496  C CA  . ASN A 1 83  ? 4.772   -10.125 9.435   1.00 11.96  ? 1374 ASN A CA  1 
ATOM   497  C C   . ASN A 1 83  ? 4.709   -9.922  7.904   1.00 11.69  ? 1374 ASN A C   1 
ATOM   498  O O   . ASN A 1 83  ? 3.919   -10.575 7.227   1.00 12.37  ? 1374 ASN A O   1 
ATOM   499  C CB  . ASN A 1 83  ? 3.369   -10.146 10.052  1.00 13.08  ? 1374 ASN A CB  1 
ATOM   500  C CG  . ASN A 1 83  ? 3.295   -10.738 11.461  1.00 14.85  ? 1374 ASN A CG  1 
ATOM   501  O OD1 . ASN A 1 83  ? 2.201   -10.721 12.041  1.00 16.80  ? 1374 ASN A OD1 1 
ATOM   502  N ND2 . ASN A 1 83  ? 4.357   -11.291 12.013  1.00 15.20  ? 1374 ASN A ND2 1 
ATOM   503  N N   . TYR A 1 84  ? 5.584   -9.055  7.369   1.00 11.94  ? 1375 TYR A N   1 
ATOM   504  C CA  . TYR A 1 84  ? 5.905   -9.098  5.928   1.00 12.46  ? 1375 TYR A CA  1 
ATOM   505  C C   . TYR A 1 84  ? 7.321   -9.696  5.767   1.00 12.07  ? 1375 TYR A C   1 
ATOM   506  O O   . TYR A 1 84  ? 8.215   -9.252  6.486   1.00 13.00  ? 1375 TYR A O   1 
ATOM   507  C CB  . TYR A 1 84  ? 5.861   -7.691  5.308   1.00 11.61  ? 1375 TYR A CB  1 
ATOM   508  C CG  . TYR A 1 84  ? 4.486   -7.095  5.143   1.00 10.79  ? 1375 TYR A CG  1 
ATOM   509  C CD1 . TYR A 1 84  ? 3.453   -7.769  4.516   1.00 10.92  ? 1375 TYR A CD1 1 
ATOM   510  C CD2 . TYR A 1 84  ? 4.170   -5.833  5.642   1.00 10.90  ? 1375 TYR A CD2 1 
ATOM   511  C CE1 . TYR A 1 84  ? 2.192   -7.206  4.359   1.00 10.60  ? 1375 TYR A CE1 1 
ATOM   512  C CE2 . TYR A 1 84  ? 2.927   -5.249  5.483   1.00 10.58  ? 1375 TYR A CE2 1 
ATOM   513  C CZ  . TYR A 1 84  ? 1.941   -5.928  4.804   1.00 10.74  ? 1375 TYR A CZ  1 
ATOM   514  O OH  . TYR A 1 84  ? 0.707   -5.358  4.713   1.00 11.63  ? 1375 TYR A OH  1 
ATOM   515  N N   . GLU A 1 85  ? 7.450   -10.626 4.819   1.00 13.51  ? 1376 GLU A N   1 
ATOM   516  C CA  . GLU A 1 85  ? 8.793   -11.157 4.475   1.00 14.99  ? 1376 GLU A CA  1 
ATOM   517  C C   . GLU A 1 85  ? 9.482   -10.329 3.364   1.00 14.32  ? 1376 GLU A C   1 
ATOM   518  O O   . GLU A 1 85  ? 10.766  -10.299 3.328   1.00 19.12  ? 1376 GLU A O   1 
ATOM   519  C CB  . GLU A 1 85  ? 8.670   -12.602 4.024   1.00 15.96  ? 1376 GLU A CB  1 
ATOM   520  C CG  . GLU A 1 85  ? 10.059  -13.182 3.795   1.00 22.23  ? 1376 GLU A CG  1 
ATOM   521  C CD  . GLU A 1 85  ? 10.077  -14.664 3.488   1.00 25.87  ? 1376 GLU A CD  1 
ATOM   522  O OE1 . GLU A 1 85  ? 9.035   -15.171 3.105   1.00 28.88  ? 1376 GLU A OE1 1 
ATOM   523  O OE2 . GLU A 1 85  ? 11.159  -15.303 3.657   1.00 31.14  ? 1376 GLU A OE2 1 
ATOM   524  N N   . SER A 1 86  ? 8.744   -9.573  2.542   1.00 12.23  ? 1377 SER A N   1 
ATOM   525  C CA  . SER A 1 86  ? 9.300   -8.854  1.380   1.00 11.93  ? 1377 SER A CA  1 
ATOM   526  C C   . SER A 1 86  ? 8.458   -7.630  1.115   1.00 11.21  ? 1377 SER A C   1 
ATOM   527  O O   . SER A 1 86  ? 7.294   -7.552  1.520   1.00 10.80  ? 1377 SER A O   1 
ATOM   528  C CB  . SER A 1 86  ? 9.294   -9.734  0.161   1.00 12.76  ? 1377 SER A CB  1 
ATOM   529  O OG  . SER A 1 86  ? 7.980   -9.967  -0.285  1.00 13.45  ? 1377 SER A OG  1 
ATOM   530  N N   . PRO A 1 87  ? 9.038   -6.679  0.361   1.00 11.25  ? 1378 PRO A N   1 
ATOM   531  C CA  . PRO A 1 87  ? 8.255   -5.501  -0.026  1.00 10.49  ? 1378 PRO A CA  1 
ATOM   532  C C   . PRO A 1 87  ? 7.181   -5.840  -1.078  1.00 10.46  ? 1378 PRO A C   1 
ATOM   533  O O   . PRO A 1 87  ? 6.183   -5.108  -1.165  1.00 10.63  ? 1378 PRO A O   1 
ATOM   534  C CB  . PRO A 1 87  ? 9.296   -4.553  -0.655  1.00 11.04  ? 1378 PRO A CB  1 
ATOM   535  C CG  . PRO A 1 87  ? 10.436  -5.471  -1.094  1.00 10.75  ? 1378 PRO A CG  1 
ATOM   536  C CD  . PRO A 1 87  ? 10.470  -6.551  -0.030  1.00 10.68  ? 1378 PRO A CD  1 
ATOM   537  N N   . MET A 1 88  ? 7.330   -6.977  -1.792  1.00 9.67   ? 1379 MET A N   1 
ATOM   538  C CA  . MET A 1 88  ? 6.250   -7.418  -2.697  1.00 9.80   ? 1379 MET A CA  1 
ATOM   539  C C   . MET A 1 88  ? 4.972   -7.673  -1.894  1.00 9.69   ? 1379 MET A C   1 
ATOM   540  O O   . MET A 1 88  ? 3.892   -7.422  -2.392  1.00 10.19  ? 1379 MET A O   1 
ATOM   541  C CB  . MET A 1 88  ? 6.650   -8.658  -3.495  1.00 10.78  ? 1379 MET A CB  1 
ATOM   542  C CG  . MET A 1 88  ? 7.829   -8.408  -4.424  1.00 12.13  ? 1379 MET A CG  1 
ATOM   543  S SD  . MET A 1 88  ? 9.513   -8.480  -3.685  1.00 13.32  ? 1379 MET A SD  1 
ATOM   544  C CE  . MET A 1 88  ? 9.727   -10.259 -3.591  1.00 14.38  ? 1379 MET A CE  1 
ATOM   545  N N   . GLU A 1 89  ? 5.058   -8.351  -0.742  1.00 10.08  ? 1380 GLU A N   1 
ATOM   546  C CA  . GLU A 1 89  ? 3.862   -8.626  0.055   1.00 10.79  ? 1380 GLU A CA  1 
ATOM   547  C C   . GLU A 1 89  ? 3.199   -7.325  0.530   1.00 10.19  ? 1380 GLU A C   1 
ATOM   548  O O   . GLU A 1 89  ? 1.965   -7.227  0.501   1.00 10.25  ? 1380 GLU A O   1 
ATOM   549  C CB  . GLU A 1 89  ? 4.208   -9.489  1.272   1.00 11.76  ? 1380 GLU A CB  1 
ATOM   550  C CG  . GLU A 1 89  ? 4.665   -10.897 0.952   1.00 12.22  ? 1380 GLU A CG  1 
ATOM   551  C CD  . GLU A 1 89  ? 5.059   -11.672 2.192   1.00 12.92  ? 1380 GLU A CD  1 
ATOM   552  O OE1 . GLU A 1 89  ? 5.154   -11.095 3.249   1.00 13.62  ? 1380 GLU A OE1 1 
ATOM   553  O OE2 . GLU A 1 89  ? 5.286   -12.917 2.039   1.00 18.74  ? 1380 GLU A OE2 1 
ATOM   554  N N   . LEU A 1 90  ? 3.969   -6.348  1.003   1.00 10.21  ? 1381 LEU A N   1 
ATOM   555  C CA  . LEU A 1 90  ? 3.433   -5.037  1.412   1.00 9.72   ? 1381 LEU A CA  1 
ATOM   556  C C   . LEU A 1 90  ? 2.730   -4.385  0.196   1.00 10.25  ? 1381 LEU A C   1 
ATOM   557  O O   . LEU A 1 90  ? 1.625   -3.816  0.326   1.00 9.92   ? 1381 LEU A O   1 
ATOM   558  C CB  . LEU A 1 90  ? 4.557   -4.186  2.015   1.00 9.59   ? 1381 LEU A CB  1 
ATOM   559  C CG  . LEU A 1 90  ? 4.119   -2.759  2.400   1.00 10.25  ? 1381 LEU A CG  1 
ATOM   560  C CD1 . LEU A 1 90  ? 4.861   -2.279  3.642   1.00 11.38  ? 1381 LEU A CD1 1 
ATOM   561  C CD2 . LEU A 1 90  ? 4.269   -1.741  1.262   1.00 10.04  ? 1381 LEU A CD2 1 
ATOM   562  N N   A CYS A 1 91  ? 3.369   -4.432  -0.970  0.35 11.01  ? 1382 CYS A N   1 
ATOM   563  N N   B CYS A 1 91  ? 3.354   -4.423  -0.979  0.15 10.61  ? 1382 CYS A N   1 
ATOM   564  C CA  A CYS A 1 91  ? 2.851   -3.810  -2.214  0.35 11.62  ? 1382 CYS A CA  1 
ATOM   565  C CA  B CYS A 1 91  ? 2.760   -3.849  -2.215  0.15 10.91  ? 1382 CYS A CA  1 
ATOM   566  C C   A CYS A 1 91  ? 1.503   -4.460  -2.576  0.35 11.27  ? 1382 CYS A C   1 
ATOM   567  C C   B CYS A 1 91  ? 1.410   -4.459  -2.499  0.15 10.94  ? 1382 CYS A C   1 
ATOM   568  O O   A CYS A 1 91  ? 0.580   -3.722  -2.977  0.35 11.59  ? 1382 CYS A O   1 
ATOM   569  O O   B CYS A 1 91  ? 0.486   -3.727  -2.888  0.15 10.92  ? 1382 CYS A O   1 
ATOM   570  C CB  A CYS A 1 91  ? 3.916   -3.903  -3.300  0.35 11.57  ? 1382 CYS A CB  1 
ATOM   571  C CB  B CYS A 1 91  ? 3.582   -4.160  -3.443  0.15 10.91  ? 1382 CYS A CB  1 
ATOM   572  S SG  A CYS A 1 91  ? 3.522   -2.985  -4.812  0.35 12.11  ? 1382 CYS A SG  1 
ATOM   573  S SG  B CYS A 1 91  ? 4.931   -2.983  -3.514  0.15 10.99  ? 1382 CYS A SG  1 
ATOM   574  N N   . LYS A 1 92  ? 1.350   -5.775  -2.375  1.00 10.91  ? 1383 LYS A N   1 
ATOM   575  C CA  . LYS A 1 92  ? 0.086   -6.456  -2.680  1.00 11.20  ? 1383 LYS A CA  1 
ATOM   576  C C   . LYS A 1 92  ? -1.018  -5.866  -1.779  1.00 10.29  ? 1383 LYS A C   1 
ATOM   577  O O   . LYS A 1 92  ? -2.131  -5.644  -2.250  1.00 10.81  ? 1383 LYS A O   1 
ATOM   578  C CB  . LYS A 1 92  ? 0.312   -7.965  -2.513  1.00 12.46  ? 1383 LYS A CB  1 
ATOM   579  C CG  . LYS A 1 92  ? -0.922  -8.765  -2.808  1.00 14.62  ? 1383 LYS A CG  1 
ATOM   580  C CD  . LYS A 1 92  ? -0.630  -10.274 -2.862  1.00 18.07  ? 1383 LYS A CD  1 
ATOM   581  C CE  . LYS A 1 92  ? -1.909  -11.086 -2.918  1.00 24.02  ? 1383 LYS A CE  1 
ATOM   582  N NZ  . LYS A 1 92  ? -1.656  -12.557 -2.893  1.00 28.74  ? 1383 LYS A NZ  1 
ATOM   583  N N   . ASP A 1 93  ? -0.768  -5.754  -0.492  1.00 10.10  ? 1384 ASP A N   1 
ATOM   584  C CA  . ASP A 1 93  ? -1.799  -5.211  0.429   1.00 9.74   ? 1384 ASP A CA  1 
ATOM   585  C C   . ASP A 1 93  ? -2.138  -3.745  0.077   1.00 9.14   ? 1384 ASP A C   1 
ATOM   586  O O   . ASP A 1 93  ? -3.286  -3.363  0.136   1.00 9.65   ? 1384 ASP A O   1 
ATOM   587  C CB  . ASP A 1 93  ? -1.368  -5.361  1.878   1.00 10.60  ? 1384 ASP A CB  1 
ATOM   588  C CG  . ASP A 1 93  ? -1.547  -6.740  2.477   1.00 13.05  ? 1384 ASP A CG  1 
ATOM   589  O OD1 . ASP A 1 93  ? -2.151  -7.614  1.756   1.00 17.26  ? 1384 ASP A OD1 1 
ATOM   590  O OD2 . ASP A 1 93  ? -1.039  -6.967  3.620   1.00 12.53  ? 1384 ASP A OD2 1 
ATOM   591  N N   . VAL A 1 94  ? -1.134  -2.907  -0.225  1.00 9.30   ? 1385 VAL A N   1 
ATOM   592  C CA  . VAL A 1 94  ? -1.440  -1.479  -0.573  1.00 9.50   ? 1385 VAL A CA  1 
ATOM   593  C C   . VAL A 1 94  ? -2.287  -1.469  -1.856  1.00 9.53   ? 1385 VAL A C   1 
ATOM   594  O O   . VAL A 1 94  ? -3.274  -0.723  -1.949  1.00 9.30   ? 1385 VAL A O   1 
ATOM   595  C CB  . VAL A 1 94  ? -0.163  -0.656  -0.715  1.00 9.43   ? 1385 VAL A CB  1 
ATOM   596  C CG1 . VAL A 1 94  ? -0.457  0.717   -1.273  1.00 10.35  ? 1385 VAL A CG1 1 
ATOM   597  C CG2 . VAL A 1 94  ? 0.542   -0.506  0.640   1.00 9.67   ? 1385 VAL A CG2 1 
ATOM   598  N N   . ARG A 1 95  ? -1.915  -2.300  -2.843  1.00 8.92   ? 1386 ARG A N   1 
ATOM   599  C CA  . ARG A 1 95  ? -2.704  -2.335  -4.071  1.00 8.87   ? 1386 ARG A CA  1 
ATOM   600  C C   . ARG A 1 95  ? -4.135  -2.806  -3.790  1.00 9.03   ? 1386 ARG A C   1 
ATOM   601  O O   . ARG A 1 95  ? -5.049  -2.326  -4.523  1.00 9.77   ? 1386 ARG A O   1 
ATOM   602  C CB  . ARG A 1 95  ? -1.982  -3.153  -5.156  1.00 9.48   ? 1386 ARG A CB  1 
ATOM   603  C CG  . ARG A 1 95  ? -0.744  -2.446  -5.667  1.00 10.66  ? 1386 ARG A CG  1 
ATOM   604  C CD  . ARG A 1 95  ? 0.114   -3.339  -6.495  1.00 13.08  ? 1386 ARG A CD  1 
ATOM   605  N NE  . ARG A 1 95  ? 1.223   -2.634  -7.115  1.00 13.70  ? 1386 ARG A NE  1 
ATOM   606  C CZ  . ARG A 1 95  ? 2.169   -3.218  -7.896  1.00 15.28  ? 1386 ARG A CZ  1 
ATOM   607  N NH1 . ARG A 1 95  ? 2.265   -4.548  -8.014  1.00 15.91  ? 1386 ARG A NH1 1 
ATOM   608  N NH2 . ARG A 1 95  ? 3.096   -2.453  -8.453  1.00 17.32  ? 1386 ARG A NH2 1 
ATOM   609  N N   . LEU A 1 96  ? -4.362  -3.621  -2.785  1.00 9.38   ? 1387 LEU A N   1 
ATOM   610  C CA  . LEU A 1 96  ? -5.718  -4.066  -2.399  1.00 9.89   ? 1387 LEU A CA  1 
ATOM   611  C C   . LEU A 1 96  ? -6.519  -2.869  -1.848  1.00 9.71   ? 1387 LEU A C   1 
ATOM   612  O O   . LEU A 1 96  ? -7.743  -2.803  -2.096  1.00 10.32  ? 1387 LEU A O   1 
ATOM   613  C CB  . LEU A 1 96  ? -5.590  -5.192  -1.376  1.00 10.71  ? 1387 LEU A CB  1 
ATOM   614  C CG  . LEU A 1 96  ? -6.880  -5.788  -0.839  1.00 11.34  ? 1387 LEU A CG  1 
ATOM   615  C CD1 . LEU A 1 96  ? -7.763  -6.351  -1.945  1.00 12.75  ? 1387 LEU A CD1 1 
ATOM   616  C CD2 . LEU A 1 96  ? -6.594  -6.851  0.232   1.00 12.27  ? 1387 LEU A CD2 1 
ATOM   617  N N   . ILE A 1 97  ? -5.879  -1.962  -1.111  1.00 9.92   ? 1388 ILE A N   1 
ATOM   618  C CA  . ILE A 1 97  ? -6.603  -0.735  -0.666  1.00 9.80   ? 1388 ILE A CA  1 
ATOM   619  C C   . ILE A 1 97  ? -7.218  -0.068  -1.916  1.00 9.91   ? 1388 ILE A C   1 
ATOM   620  O O   . ILE A 1 97  ? -8.395  0.365   -1.902  1.00 10.04  ? 1388 ILE A O   1 
ATOM   621  C CB  . ILE A 1 97  ? -5.657  0.195   0.108   1.00 10.00  ? 1388 ILE A CB  1 
ATOM   622  C CG1 . ILE A 1 97  ? -5.110  -0.457  1.366   1.00 10.36  ? 1388 ILE A CG1 1 
ATOM   623  C CG2 . ILE A 1 97  ? -6.349  1.519   0.410   1.00 10.76  ? 1388 ILE A CG2 1 
ATOM   624  C CD1 . ILE A 1 97  ? -3.990  0.303   2.061   1.00 10.13  ? 1388 ILE A CD1 1 
ATOM   625  N N   . PHE A 1 98  ? -6.441  0.086   -2.954  1.00 9.13   ? 1389 PHE A N   1 
ATOM   626  C CA  . PHE A 1 98  ? -6.860  0.844   -4.151  1.00 9.97   ? 1389 PHE A CA  1 
ATOM   627  C C   . PHE A 1 98  ? -7.874  0.032   -4.973  1.00 9.71   ? 1389 PHE A C   1 
ATOM   628  O O   . PHE A 1 98  ? -8.847  0.612   -5.463  1.00 10.25  ? 1389 PHE A O   1 
ATOM   629  C CB  . PHE A 1 98  ? -5.650  1.306   -4.967  1.00 10.12  ? 1389 PHE A CB  1 
ATOM   630  C CG  . PHE A 1 98  ? -4.687  2.170   -4.198  1.00 10.60  ? 1389 PHE A CG  1 
ATOM   631  C CD1 . PHE A 1 98  ? -5.111  3.245   -3.431  1.00 12.38  ? 1389 PHE A CD1 1 
ATOM   632  C CD2 . PHE A 1 98  ? -3.327  1.904   -4.217  1.00 11.85  ? 1389 PHE A CD2 1 
ATOM   633  C CE1 . PHE A 1 98  ? -4.216  4.073   -2.743  1.00 14.16  ? 1389 PHE A CE1 1 
ATOM   634  C CE2 . PHE A 1 98  ? -2.449  2.747   -3.514  1.00 12.88  ? 1389 PHE A CE2 1 
ATOM   635  C CZ  . PHE A 1 98  ? -2.907  3.803   -2.795  1.00 13.70  ? 1389 PHE A CZ  1 
ATOM   636  N N   . SER A 1 99  ? -7.670  -1.280  -5.135  1.00 10.06  ? 1390 SER A N   1 
ATOM   637  C CA  . SER A 1 99  ? -8.669  -2.069  -5.888  1.00 10.79  ? 1390 SER A CA  1 
ATOM   638  C C   . SER A 1 99  ? -9.988  -2.102  -5.106  1.00 10.51  ? 1390 SER A C   1 
ATOM   639  O O   . SER A 1 99  ? -11.053 -2.099  -5.778  1.00 10.95  ? 1390 SER A O   1 
ATOM   640  C CB  . SER A 1 99  ? -8.153  -3.443  -6.216  1.00 11.36  ? 1390 SER A CB  1 
ATOM   641  O OG  . SER A 1 99  ? -7.865  -4.209  -5.106  1.00 12.71  ? 1390 SER A OG  1 
ATOM   642  N N   . ASN A 1 100 ? -9.980  -2.163  -3.799  1.00 10.66  ? 1391 ASN A N   1 
ATOM   643  C CA  . ASN A 1 100 ? -11.239 -2.106  -3.020  1.00 10.53  ? 1391 ASN A CA  1 
ATOM   644  C C   . ASN A 1 100 ? -11.957 -0.789  -3.299  1.00 10.88  ? 1391 ASN A C   1 
ATOM   645  O O   . ASN A 1 100 ? -13.200 -0.786  -3.514  1.00 11.81  ? 1391 ASN A O   1 
ATOM   646  C CB  . ASN A 1 100 ? -11.005 -2.309  -1.549  1.00 11.51  ? 1391 ASN A CB  1 
ATOM   647  C CG  . ASN A 1 100 ? -10.645 -3.717  -1.117  1.00 10.47  ? 1391 ASN A CG  1 
ATOM   648  O OD1 . ASN A 1 100 ? -10.814 -4.662  -1.902  1.00 11.14  ? 1391 ASN A OD1 1 
ATOM   649  N ND2 . ASN A 1 100 ? -10.205 -3.811  0.103   1.00 11.09  ? 1391 ASN A ND2 1 
ATOM   650  N N   . SER A 1 101 ? -11.247 0.352   -3.305  1.00 10.67  ? 1392 SER A N   1 
ATOM   651  C CA  . SER A 1 101 ? -11.896 1.648   -3.586  1.00 10.58  ? 1392 SER A CA  1 
ATOM   652  C C   . SER A 1 101 ? -12.533 1.614   -4.977  1.00 10.81  ? 1392 SER A C   1 
ATOM   653  O O   . SER A 1 101 ? -13.684 2.106   -5.136  1.00 11.92  ? 1392 SER A O   1 
ATOM   654  C CB  . SER A 1 101 ? -10.880 2.762   -3.368  1.00 10.30  ? 1392 SER A CB  1 
ATOM   655  O OG  . SER A 1 101 ? -11.481 4.043   -3.613  1.00 11.93  ? 1392 SER A OG  1 
ATOM   656  N N   . LYS A 1 102 ? -11.827 1.106   -5.961  1.00 11.50  ? 1393 LYS A N   1 
ATOM   657  C CA  . LYS A 1 102 ? -12.369 1.074   -7.324  1.00 11.77  ? 1393 LYS A CA  1 
ATOM   658  C C   . LYS A 1 102 ? -13.586 0.141   -7.410  1.00 11.90  ? 1393 LYS A C   1 
ATOM   659  O O   . LYS A 1 102 ? -14.552 0.449   -8.183  1.00 14.28  ? 1393 LYS A O   1 
ATOM   660  C CB  . LYS A 1 102 ? -11.285 0.557   -8.269  1.00 12.00  ? 1393 LYS A CB  1 
ATOM   661  C CG  . LYS A 1 102 ? -11.617 0.655   -9.760  1.00 13.16  ? 1393 LYS A CG  1 
ATOM   662  C CD  . LYS A 1 102 ? -10.468 0.319   -10.633 1.00 13.72  ? 1393 LYS A CD  1 
ATOM   663  C CE  . LYS A 1 102 ? -10.749 0.586   -12.096 1.00 13.98  ? 1393 LYS A CE  1 
ATOM   664  N NZ  . LYS A 1 102 ? -9.566  0.328   -12.946 1.00 16.97  ? 1393 LYS A NZ  1 
ATOM   665  N N   . ALA A 1 103 ? -13.557 -0.963  -6.731  1.00 11.76  ? 1394 ALA A N   1 
ATOM   666  C CA  . ALA A 1 103 ? -14.700 -1.898  -6.779  1.00 12.62  ? 1394 ALA A CA  1 
ATOM   667  C C   . ALA A 1 103 ? -15.883 -1.309  -6.023  1.00 12.95  ? 1394 ALA A C   1 
ATOM   668  O O   . ALA A 1 103 ? -17.056 -1.550  -6.457  1.00 14.73  ? 1394 ALA A O   1 
ATOM   669  C CB  . ALA A 1 103 ? -14.297 -3.225  -6.204  1.00 12.23  ? 1394 ALA A CB  1 
ATOM   670  N N   . TYR A 1 104 ? -15.704 -0.553  -4.942  1.00 12.17  ? 1395 TYR A N   1 
ATOM   671  C CA  . TYR A 1 104 ? -16.849 -0.063  -4.150  1.00 12.58  ? 1395 TYR A CA  1 
ATOM   672  C C   . TYR A 1 104 ? -17.414 1.237   -4.717  1.00 12.91  ? 1395 TYR A C   1 
ATOM   673  O O   . TYR A 1 104 ? -18.594 1.559   -4.465  1.00 13.08  ? 1395 TYR A O   1 
ATOM   674  C CB  . TYR A 1 104 ? -16.482 0.130   -2.678  1.00 12.93  ? 1395 TYR A CB  1 
ATOM   675  C CG  . TYR A 1 104 ? -17.698 0.420   -1.820  1.00 14.09  ? 1395 TYR A CG  1 
ATOM   676  C CD1 . TYR A 1 104 ? -18.677 -0.538  -1.597  1.00 15.03  ? 1395 TYR A CD1 1 
ATOM   677  C CD2 . TYR A 1 104 ? -17.886 1.690   -1.281  1.00 16.10  ? 1395 TYR A CD2 1 
ATOM   678  C CE1 . TYR A 1 104 ? -19.830 -0.219  -0.883  1.00 16.81  ? 1395 TYR A CE1 1 
ATOM   679  C CE2 . TYR A 1 104 ? -19.019 2.016   -0.544  1.00 17.56  ? 1395 TYR A CE2 1 
ATOM   680  C CZ  . TYR A 1 104 ? -19.980 1.049   -0.363  1.00 16.52  ? 1395 TYR A CZ  1 
ATOM   681  O OH  . TYR A 1 104 ? -21.093 1.427   0.354   1.00 21.01  ? 1395 TYR A OH  1 
ATOM   682  N N   . THR A 1 105 ? -16.673 1.990   -5.487  1.00 13.81  ? 1396 THR A N   1 
ATOM   683  C CA  . THR A 1 105 ? -17.162 3.283   -5.974  1.00 12.36  ? 1396 THR A CA  1 
ATOM   684  C C   . THR A 1 105 ? -18.408 3.108   -6.858  1.00 16.07  ? 1396 THR A C   1 
ATOM   685  O O   . THR A 1 105 ? -18.437 2.299   -7.800  1.00 16.08  ? 1396 THR A O   1 
ATOM   686  C CB  . THR A 1 105 ? -16.065 4.078   -6.693  1.00 13.97  ? 1396 THR A CB  1 
ATOM   687  O OG1 . THR A 1 105 ? -16.528 5.434   -6.706  1.00 14.30  ? 1396 THR A OG1 1 
ATOM   688  C CG2 . THR A 1 105 ? -15.726 3.651   -8.086  1.00 15.29  ? 1396 THR A CG2 1 
ATOM   689  N N   . PRO A 1 106 ? -19.447 3.970   -6.684  1.00 17.31  ? 1397 PRO A N   1 
ATOM   690  C CA  . PRO A 1 106 ? -20.600 3.960   -7.593  1.00 16.77  ? 1397 PRO A CA  1 
ATOM   691  C C   . PRO A 1 106 ? -20.302 4.684   -8.902  1.00 17.06  ? 1397 PRO A C   1 
ATOM   692  O O   . PRO A 1 106 ? -21.088 4.594   -9.863  1.00 19.01  ? 1397 PRO A O   1 
ATOM   693  C CB  . PRO A 1 106 ? -21.678 4.760   -6.853  1.00 20.04  ? 1397 PRO A CB  1 
ATOM   694  C CG  . PRO A 1 106 ? -20.936 5.637   -5.865  1.00 20.19  ? 1397 PRO A CG  1 
ATOM   695  C CD  . PRO A 1 106 ? -19.608 4.954   -5.604  1.00 17.62  ? 1397 PRO A CD  1 
ATOM   696  N N   . SER A 1 107 ? -19.241 5.502   -8.922  1.00 15.70  ? 1398 SER A N   1 
ATOM   697  C CA  . SER A 1 107 ? -18.897 6.338   -10.087 1.00 16.61  ? 1398 SER A CA  1 
ATOM   698  C C   . SER A 1 107 ? -17.388 6.550   -10.148 1.00 15.78  ? 1398 SER A C   1 
ATOM   699  O O   . SER A 1 107 ? -16.682 6.696   -9.094  1.00 15.18  ? 1398 SER A O   1 
ATOM   700  C CB  . SER A 1 107 ? -19.563 7.676   -9.955  1.00 18.32  ? 1398 SER A CB  1 
ATOM   701  O OG  . SER A 1 107 ? -18.959 8.597   -10.822 1.00 20.82  ? 1398 SER A OG  1 
ATOM   702  N N   . LYS A 1 108 ? -16.862 6.687   -11.364 1.00 18.10  ? 1399 LYS A N   1 
ATOM   703  C CA  . LYS A 1 108 ? -15.437 7.040   -11.583 1.00 20.37  ? 1399 LYS A CA  1 
ATOM   704  C C   . LYS A 1 108 ? -15.196 8.508   -11.198 1.00 22.03  ? 1399 LYS A C   1 
ATOM   705  O O   . LYS A 1 108 ? -14.015 8.878   -11.044 1.00 22.47  ? 1399 LYS A O   1 
ATOM   706  C CB  . LYS A 1 108 ? -15.027 6.695   -13.017 1.00 21.81  ? 1399 LYS A CB  1 
ATOM   707  C CG  . LYS A 1 108 ? -15.217 5.222   -13.363 1.00 23.22  ? 1399 LYS A CG  1 
ATOM   708  C CD  . LYS A 1 108 ? -13.971 4.513   -13.839 1.00 24.48  ? 1399 LYS A CD  1 
ATOM   709  C CE  . LYS A 1 108 ? -14.176 3.019   -13.964 1.00 25.09  ? 1399 LYS A CE  1 
ATOM   710  N NZ  . LYS A 1 108 ? -13.087 2.385   -14.743 1.00 26.40  ? 1399 LYS A NZ  1 
ATOM   711  N N   . ARG A 1 109 ? -16.257 9.294   -10.972 1.00 21.99  ? 1400 ARG A N   1 
ATOM   712  C CA  . ARG A 1 109 ? -16.174 10.728  -10.575 1.00 22.97  ? 1400 ARG A CA  1 
ATOM   713  C C   . ARG A 1 109 ? -16.487 10.901  -9.081  1.00 21.78  ? 1400 ARG A C   1 
ATOM   714  O O   . ARG A 1 109 ? -16.774 12.035  -8.660  1.00 20.89  ? 1400 ARG A O   1 
ATOM   715  C CB  . ARG A 1 109 ? -17.117 11.552  -11.454 1.00 25.94  ? 1400 ARG A CB  1 
ATOM   716  C CG  . ARG A 1 109 ? -16.879 11.340  -12.940 1.00 28.50  ? 1400 ARG A CG  1 
ATOM   717  C CD  . ARG A 1 109 ? -17.902 12.085  -13.756 1.00 30.92  ? 1400 ARG A CD  1 
ATOM   718  N NE  . ARG A 1 109 ? -17.779 13.530  -13.664 1.00 32.80  ? 1400 ARG A NE  1 
ATOM   719  C CZ  . ARG A 1 109 ? -18.575 14.331  -12.955 1.00 34.42  ? 1400 ARG A CZ  1 
ATOM   720  N NH1 . ARG A 1 109 ? -19.584 13.847  -12.246 1.00 36.91  ? 1400 ARG A NH1 1 
ATOM   721  N NH2 . ARG A 1 109 ? -18.355 15.635  -12.961 1.00 36.87  ? 1400 ARG A NH2 1 
ATOM   722  N N   . SER A 1 110 ? -16.413 9.816   -8.309  1.00 19.84  ? 1401 SER A N   1 
ATOM   723  C CA  . SER A 1 110 ? -16.420 9.808   -6.825  1.00 18.07  ? 1401 SER A CA  1 
ATOM   724  C C   . SER A 1 110 ? -15.254 10.651  -6.287  1.00 15.81  ? 1401 SER A C   1 
ATOM   725  O O   . SER A 1 110 ? -14.111 10.516  -6.791  1.00 15.36  ? 1401 SER A O   1 
ATOM   726  C CB  . SER A 1 110 ? -16.347 8.386   -6.307  1.00 18.93  ? 1401 SER A CB  1 
ATOM   727  O OG  . SER A 1 110 ? -15.806 8.310   -4.988  1.00 19.74  ? 1401 SER A OG  1 
ATOM   728  N N   . ARG A 1 111 ? -15.523 11.493  -5.285  1.00 14.35  ? 1402 ARG A N   1 
ATOM   729  C CA  . ARG A 1 111 ? -14.479 12.150  -4.466  1.00 13.87  ? 1402 ARG A CA  1 
ATOM   730  C C   . ARG A 1 111 ? -13.444 11.107  -4.031  1.00 12.63  ? 1402 ARG A C   1 
ATOM   731  O O   . ARG A 1 111 ? -12.252 11.299  -4.330  1.00 12.39  ? 1402 ARG A O   1 
ATOM   732  C CB  . ARG A 1 111 ? -15.109 12.810  -3.232  1.00 13.70  ? 1402 ARG A CB  1 
ATOM   733  C CG  . ARG A 1 111 ? -14.089 13.420  -2.282  1.00 13.49  ? 1402 ARG A CG  1 
ATOM   734  C CD  . ARG A 1 111 ? -13.474 14.673  -2.894  1.00 13.30  ? 1402 ARG A CD  1 
ATOM   735  N NE  . ARG A 1 111 ? -12.237 15.142  -2.269  1.00 13.61  ? 1402 ARG A NE  1 
ATOM   736  C CZ  . ARG A 1 111 ? -12.148 15.952  -1.215  1.00 14.14  ? 1402 ARG A CZ  1 
ATOM   737  N NH1 . ARG A 1 111 ? -13.238 16.402  -0.626  1.00 15.14  ? 1402 ARG A NH1 1 
ATOM   738  N NH2 . ARG A 1 111 ? -10.965 16.315  -0.745  1.00 15.43  ? 1402 ARG A NH2 1 
ATOM   739  N N   . ILE A 1 112 ? -13.876 10.118  -3.259  1.00 11.72  ? 1403 ILE A N   1 
ATOM   740  C CA  . ILE A 1 112 ? -12.968 9.160   -2.544  1.00 11.50  ? 1403 ILE A CA  1 
ATOM   741  C C   . ILE A 1 112 ? -12.192 8.321   -3.568  1.00 11.85  ? 1403 ILE A C   1 
ATOM   742  O O   . ILE A 1 112 ? -10.958 8.217   -3.477  1.00 10.96  ? 1403 ILE A O   1 
ATOM   743  C CB  . ILE A 1 112 ? -13.751 8.308   -1.519  1.00 11.73  ? 1403 ILE A CB  1 
ATOM   744  C CG1 . ILE A 1 112 ? -14.278 9.171   -0.367  1.00 12.04  ? 1403 ILE A CG1 1 
ATOM   745  C CG2 . ILE A 1 112 ? -12.902 7.149   -1.014  1.00 12.44  ? 1403 ILE A CG2 1 
ATOM   746  C CD1 . ILE A 1 112 ? -15.370 8.513   0.451   1.00 12.38  ? 1403 ILE A CD1 1 
ATOM   747  N N   . TYR A 1 113 ? -12.858 7.767   -4.569  1.00 11.14  ? 1404 TYR A N   1 
ATOM   748  C CA  . TYR A 1 113 ? -12.121 7.048   -5.619  1.00 10.87  ? 1404 TYR A CA  1 
ATOM   749  C C   . TYR A 1 113 ? -11.099 7.955   -6.295  1.00 10.74  ? 1404 TYR A C   1 
ATOM   750  O O   . TYR A 1 113 ? -9.977  7.561   -6.568  1.00 11.00  ? 1404 TYR A O   1 
ATOM   751  C CB  . TYR A 1 113 ? -13.103 6.499   -6.631  1.00 12.45  ? 1404 TYR A CB  1 
ATOM   752  C CG  . TYR A 1 113 ? -12.420 5.856   -7.819  1.00 11.27  ? 1404 TYR A CG  1 
ATOM   753  C CD1 . TYR A 1 113 ? -11.635 4.693   -7.691  1.00 12.93  ? 1404 TYR A CD1 1 
ATOM   754  C CD2 . TYR A 1 113 ? -12.600 6.342   -9.104  1.00 12.61  ? 1404 TYR A CD2 1 
ATOM   755  C CE1 . TYR A 1 113 ? -11.026 4.093   -8.791  1.00 12.67  ? 1404 TYR A CE1 1 
ATOM   756  C CE2 . TYR A 1 113 ? -11.994 5.756   -10.201 1.00 13.58  ? 1404 TYR A CE2 1 
ATOM   757  C CZ  . TYR A 1 113 ? -11.221 4.607   -10.051 1.00 13.35  ? 1404 TYR A CZ  1 
ATOM   758  O OH  . TYR A 1 113 ? -10.627 4.012   -11.143 1.00 15.37  ? 1404 TYR A OH  1 
ATOM   759  N N   A SER A 1 114 ? -11.478 9.213   -6.528  0.26 11.26  ? 1405 SER A N   1 
ATOM   760  N N   B SER A 1 114 ? -11.458 9.211   -6.549  0.26 11.50  ? 1405 SER A N   1 
ATOM   761  C CA  A SER A 1 114 ? -10.566 10.206  -7.151  0.26 12.12  ? 1405 SER A CA  1 
ATOM   762  C CA  B SER A 1 114 ? -10.513 10.163  -7.188  0.26 12.42  ? 1405 SER A CA  1 
ATOM   763  C C   A SER A 1 114 ? -9.295  10.384  -6.295  0.26 11.62  ? 1405 SER A C   1 
ATOM   764  C C   B SER A 1 114 ? -9.271  10.382  -6.294  0.26 11.73  ? 1405 SER A C   1 
ATOM   765  O O   A SER A 1 114 ? -8.184  10.536  -6.861  0.26 12.44  ? 1405 SER A O   1 
ATOM   766  O O   B SER A 1 114 ? -8.145  10.551  -6.827  0.26 12.30  ? 1405 SER A O   1 
ATOM   767  C CB  A SER A 1 114 ? -11.241 11.549  -7.403  0.26 12.48  ? 1405 SER A CB  1 
ATOM   768  C CB  B SER A 1 114 ? -11.178 11.478  -7.532  0.26 13.00  ? 1405 SER A CB  1 
ATOM   769  O OG  A SER A 1 114 ? -11.361 12.337  -6.221  0.26 13.18  ? 1405 SER A OG  1 
ATOM   770  O OG  B SER A 1 114 ? -12.229 11.281  -8.471  0.26 14.41  ? 1405 SER A OG  1 
ATOM   771  N N   . MET A 1 115 ? -9.449  10.437  -4.973  1.00 11.00  ? 1406 MET A N   1 
ATOM   772  C CA  . MET A 1 115 ? -8.329  10.580  -4.024  1.00 11.53  ? 1406 MET A CA  1 
ATOM   773  C C   . MET A 1 115 ? -7.469  9.298   -4.139  1.00 10.73  ? 1406 MET A C   1 
ATOM   774  O O   . MET A 1 115 ? -6.200  9.368   -4.109  1.00 11.46  ? 1406 MET A O   1 
ATOM   775  C CB  . MET A 1 115 ? -8.871  10.758  -2.605  1.00 12.17  ? 1406 MET A CB  1 
ATOM   776  C CG  . MET A 1 115 ? -9.581  12.045  -2.355  1.00 13.22  ? 1406 MET A CG  1 
ATOM   777  S SD  . MET A 1 115 ? -10.558 12.194  -0.864  1.00 15.98  ? 1406 MET A SD  1 
ATOM   778  C CE  . MET A 1 115 ? -9.218  12.332  0.259   1.00 17.69  ? 1406 MET A CE  1 
ATOM   779  N N   . SER A 1 116 ? -8.118  8.145   -4.217  1.00 10.98  ? 1407 SER A N   1 
ATOM   780  C CA  . SER A 1 116 ? -7.390  6.852   -4.338  1.00 10.62  ? 1407 SER A CA  1 
ATOM   781  C C   . SER A 1 116 ? -6.485  6.865   -5.569  1.00 9.80   ? 1407 SER A C   1 
ATOM   782  O O   . SER A 1 116 ? -5.372  6.315   -5.503  1.00 11.43  ? 1407 SER A O   1 
ATOM   783  C CB  . SER A 1 116 ? -8.337  5.622   -4.353  1.00 11.61  ? 1407 SER A CB  1 
ATOM   784  O OG  . SER A 1 116 ? -8.821  5.311   -5.652  1.00 11.55  ? 1407 SER A OG  1 
ATOM   785  N N   . LEU A 1 117 ? -6.928  7.417   -6.697  1.00 10.74  ? 1408 LEU A N   1 
ATOM   786  C CA  . LEU A 1 117 ? -6.089  7.364   -7.918  1.00 11.53  ? 1408 LEU A CA  1 
ATOM   787  C C   . LEU A 1 117 ? -4.841  8.238   -7.747  1.00 10.68  ? 1408 LEU A C   1 
ATOM   788  O O   . LEU A 1 117 ? -3.762  7.853   -8.224  1.00 10.97  ? 1408 LEU A O   1 
ATOM   789  C CB  . LEU A 1 117 ? -6.889  7.793   -9.149  1.00 13.38  ? 1408 LEU A CB  1 
ATOM   790  C CG  . LEU A 1 117 ? -8.042  6.875   -9.559  1.00 14.52  ? 1408 LEU A CG  1 
ATOM   791  C CD1 . LEU A 1 117 ? -8.729  7.423   -10.789 1.00 18.01  ? 1408 LEU A CD1 1 
ATOM   792  C CD2 . LEU A 1 117 ? -7.565  5.460   -9.826  1.00 15.77  ? 1408 LEU A CD2 1 
ATOM   793  N N   . ARG A 1 118 ? -4.964  9.429   -7.131  1.00 10.61  ? 1409 ARG A N   1 
ATOM   794  C CA  . ARG A 1 118 ? -3.762  10.256  -6.909  1.00 10.42  ? 1409 ARG A CA  1 
ATOM   795  C C   . ARG A 1 118 ? -2.837  9.521   -5.940  1.00 9.88   ? 1409 ARG A C   1 
ATOM   796  O O   . ARG A 1 118 ? -1.592  9.528   -6.165  1.00 11.11  ? 1409 ARG A O   1 
ATOM   797  C CB  . ARG A 1 118 ? -4.180  11.625  -6.370  1.00 10.50  ? 1409 ARG A CB  1 
ATOM   798  C CG  . ARG A 1 118 ? -4.906  12.504  -7.387  1.00 11.25  ? 1409 ARG A CG  1 
ATOM   799  C CD  . ARG A 1 118 ? -5.052  13.931  -6.872  1.00 12.77  ? 1409 ARG A CD  1 
ATOM   800  N NE  . ARG A 1 118 ? -5.838  14.056  -5.685  1.00 13.17  ? 1409 ARG A NE  1 
ATOM   801  C CZ  . ARG A 1 118 ? -7.121  14.361  -5.640  1.00 14.38  ? 1409 ARG A CZ  1 
ATOM   802  N NH1 . ARG A 1 118 ? -7.795  14.603  -6.732  1.00 15.02  ? 1409 ARG A NH1 1 
ATOM   803  N NH2 . ARG A 1 118 ? -7.739  14.383  -4.458  1.00 15.90  ? 1409 ARG A NH2 1 
ATOM   804  N N   . LEU A 1 119 ? -3.356  8.974   -4.857  1.00 9.76   ? 1410 LEU A N   1 
ATOM   805  C CA  . LEU A 1 119 ? -2.502  8.350   -3.855  1.00 10.11  ? 1410 LEU A CA  1 
ATOM   806  C C   . LEU A 1 119 ? -1.825  7.099   -4.425  1.00 9.39   ? 1410 LEU A C   1 
ATOM   807  O O   . LEU A 1 119 ? -0.612  6.854   -4.147  1.00 10.07  ? 1410 LEU A O   1 
ATOM   808  C CB  . LEU A 1 119 ? -3.339  8.036   -2.620  1.00 10.73  ? 1410 LEU A CB  1 
ATOM   809  C CG  . LEU A 1 119 ? -2.511  7.679   -1.388  1.00 11.81  ? 1410 LEU A CG  1 
ATOM   810  C CD1 . LEU A 1 119 ? -1.750  8.902   -0.883  1.00 13.56  ? 1410 LEU A CD1 1 
ATOM   811  C CD2 . LEU A 1 119 ? -3.404  7.175   -0.273  1.00 11.98  ? 1410 LEU A CD2 1 
ATOM   812  N N   . SER A 1 120 ? -2.500  6.389   -5.319  1.00 9.55   ? 1411 SER A N   1 
ATOM   813  C CA  . SER A 1 120 ? -1.917  5.212   -6.004  1.00 9.81   ? 1411 SER A CA  1 
ATOM   814  C C   . SER A 1 120 ? -0.747  5.660   -6.874  1.00 10.93  ? 1411 SER A C   1 
ATOM   815  O O   . SER A 1 120 ? 0.309   4.971   -6.882  1.00 10.57  ? 1411 SER A O   1 
ATOM   816  C CB  . SER A 1 120 ? -2.992  4.508   -6.803  1.00 10.44  ? 1411 SER A CB  1 
ATOM   817  O OG  . SER A 1 120 ? -2.426  3.447   -7.603  1.00 11.55  ? 1411 SER A OG  1 
ATOM   818  N N   . ALA A 1 121 ? -0.906  6.736   -7.645  1.00 10.38  ? 1412 ALA A N   1 
ATOM   819  C CA  . ALA A 1 121 ? 0.197   7.232   -8.499  1.00 10.58  ? 1412 ALA A CA  1 
ATOM   820  C C   . ALA A 1 121 ? 1.391   7.576   -7.639  1.00 10.05  ? 1412 ALA A C   1 
ATOM   821  O O   . ALA A 1 121 ? 2.544   7.261   -8.017  1.00 10.70  ? 1412 ALA A O   1 
ATOM   822  C CB  . ALA A 1 121 ? -0.263  8.388   -9.366  1.00 11.29  ? 1412 ALA A CB  1 
ATOM   823  N N   . PHE A 1 122 ? 1.163   8.261   -6.520  1.00 10.28  ? 1413 PHE A N   1 
ATOM   824  C CA  . PHE A 1 122 ? 2.268   8.617   -5.602  1.00 9.87   ? 1413 PHE A CA  1 
ATOM   825  C C   . PHE A 1 122 ? 2.975   7.362   -5.077  1.00 10.00  ? 1413 PHE A C   1 
ATOM   826  O O   . PHE A 1 122 ? 4.208   7.256   -5.054  1.00 10.39  ? 1413 PHE A O   1 
ATOM   827  C CB  . PHE A 1 122 ? 1.715   9.502   -4.472  1.00 9.73   ? 1413 PHE A CB  1 
ATOM   828  C CG  . PHE A 1 122 ? 2.710   9.847   -3.416  1.00 11.03  ? 1413 PHE A CG  1 
ATOM   829  C CD1 . PHE A 1 122 ? 3.634   10.861  -3.618  1.00 13.13  ? 1413 PHE A CD1 1 
ATOM   830  C CD2 . PHE A 1 122 ? 2.788   9.133   -2.227  1.00 13.13  ? 1413 PHE A CD2 1 
ATOM   831  C CE1 . PHE A 1 122 ? 4.590   11.157  -2.644  1.00 14.01  ? 1413 PHE A CE1 1 
ATOM   832  C CE2 . PHE A 1 122 ? 3.723   9.463   -1.253  1.00 14.04  ? 1413 PHE A CE2 1 
ATOM   833  C CZ  . PHE A 1 122 ? 4.598   10.505  -1.435  1.00 15.13  ? 1413 PHE A CZ  1 
ATOM   834  N N   . PHE A 1 123 ? 2.166   6.400   -4.598  1.00 9.89   ? 1414 PHE A N   1 
ATOM   835  C CA  . PHE A 1 123 ? 2.705   5.146   -4.059  1.00 9.94   ? 1414 PHE A CA  1 
ATOM   836  C C   . PHE A 1 123 ? 3.547   4.417   -5.111  1.00 10.06  ? 1414 PHE A C   1 
ATOM   837  O O   . PHE A 1 123 ? 4.702   4.000   -4.809  1.00 10.78  ? 1414 PHE A O   1 
ATOM   838  C CB  . PHE A 1 123 ? 1.578   4.233   -3.549  1.00 10.18  ? 1414 PHE A CB  1 
ATOM   839  C CG  . PHE A 1 123 ? 2.082   2.872   -3.105  1.00 10.52  ? 1414 PHE A CG  1 
ATOM   840  C CD1 . PHE A 1 123 ? 2.753   2.722   -1.920  1.00 10.61  ? 1414 PHE A CD1 1 
ATOM   841  C CD2 . PHE A 1 123 ? 1.902   1.764   -3.921  1.00 11.36  ? 1414 PHE A CD2 1 
ATOM   842  C CE1 . PHE A 1 123 ? 3.253   1.452   -1.588  1.00 11.18  ? 1414 PHE A CE1 1 
ATOM   843  C CE2 . PHE A 1 123 ? 2.407   0.519   -3.575  1.00 11.11  ? 1414 PHE A CE2 1 
ATOM   844  C CZ  . PHE A 1 123 ? 3.034   0.382   -2.387  1.00 11.85  ? 1414 PHE A CZ  1 
ATOM   845  N N   . GLU A 1 124 ? 3.013   4.261   -6.295  1.00 10.09  ? 1415 GLU A N   1 
ATOM   846  C CA  . GLU A 1 124 ? 3.715   3.493   -7.330  1.00 10.65  ? 1415 GLU A CA  1 
ATOM   847  C C   . GLU A 1 124 ? 5.023   4.185   -7.733  1.00 11.37  ? 1415 GLU A C   1 
ATOM   848  O O   . GLU A 1 124 ? 6.058   3.530   -7.974  1.00 12.21  ? 1415 GLU A O   1 
ATOM   849  C CB  . GLU A 1 124 ? 2.848   3.288   -8.562  1.00 12.07  ? 1415 GLU A CB  1 
ATOM   850  C CG  . GLU A 1 124 ? 1.650   2.369   -8.306  1.00 12.50  ? 1415 GLU A CG  1 
ATOM   851  C CD  . GLU A 1 124 ? 2.009   0.921   -7.974  1.00 14.50  ? 1415 GLU A CD  1 
ATOM   852  O OE1 . GLU A 1 124 ? 3.100   0.445   -8.458  1.00 15.41  ? 1415 GLU A OE1 1 
ATOM   853  O OE2 . GLU A 1 124 ? 1.221   0.287   -7.281  1.00 13.33  ? 1415 GLU A OE2 1 
ATOM   854  N N   . GLU A 1 125 ? 5.032   5.536   -7.763  1.00 10.59  ? 1416 GLU A N   1 
ATOM   855  C CA  . GLU A 1 125 ? 6.248   6.307   -8.124  1.00 11.30  ? 1416 GLU A CA  1 
ATOM   856  C C   . GLU A 1 125 ? 7.348   6.008   -7.122  1.00 11.49  ? 1416 GLU A C   1 
ATOM   857  O O   . GLU A 1 125 ? 8.521   5.878   -7.532  1.00 13.09  ? 1416 GLU A O   1 
ATOM   858  C CB  . GLU A 1 125 ? 5.852   7.785   -8.093  1.00 10.97  ? 1416 GLU A CB  1 
ATOM   859  C CG  . GLU A 1 125 ? 6.973   8.804   -8.231  1.00 12.05  ? 1416 GLU A CG  1 
ATOM   860  C CD  . GLU A 1 125 ? 6.393   10.225  -8.255  1.00 12.55  ? 1416 GLU A CD  1 
ATOM   861  O OE1 . GLU A 1 125 ? 5.620   10.537  -9.199  1.00 13.41  ? 1416 GLU A OE1 1 
ATOM   862  O OE2 . GLU A 1 125 ? 6.572   10.946  -7.256  1.00 14.58  ? 1416 GLU A OE2 1 
ATOM   863  N N   . HIS A 1 126 ? 7.013   5.875   -5.847  1.00 11.54  ? 1417 HIS A N   1 
ATOM   864  C CA  . HIS A 1 126 ? 7.998   5.722   -4.762  1.00 13.21  ? 1417 HIS A CA  1 
ATOM   865  C C   . HIS A 1 126 ? 8.347   4.260   -4.455  1.00 12.77  ? 1417 HIS A C   1 
ATOM   866  O O   . HIS A 1 126 ? 9.492   3.994   -4.055  1.00 15.61  ? 1417 HIS A O   1 
ATOM   867  C CB  . HIS A 1 126 ? 7.482   6.408   -3.505  1.00 13.91  ? 1417 HIS A CB  1 
ATOM   868  C CG  . HIS A 1 126 ? 7.621   7.888   -3.553  1.00 16.49  ? 1417 HIS A CG  1 
ATOM   869  N ND1 . HIS A 1 126 ? 6.815   8.726   -4.282  1.00 17.62  ? 1417 HIS A ND1 1 
ATOM   870  C CD2 . HIS A 1 126 ? 8.517   8.638   -2.887  1.00 22.50  ? 1417 HIS A CD2 1 
ATOM   871  C CE1 . HIS A 1 126 ? 7.336   9.958   -4.156  1.00 18.08  ? 1417 HIS A CE1 1 
ATOM   872  N NE2 . HIS A 1 126 ? 8.271   9.944   -3.234  1.00 25.99  ? 1417 HIS A NE2 1 
ATOM   873  N N   . ILE A 1 127 ? 7.433   3.304   -4.673  1.00 11.88  ? 1418 ILE A N   1 
ATOM   874  C CA  . ILE A 1 127 ? 7.714   1.880   -4.349  1.00 11.71  ? 1418 ILE A CA  1 
ATOM   875  C C   . ILE A 1 127 ? 8.620   1.213   -5.407  1.00 11.34  ? 1418 ILE A C   1 
ATOM   876  O O   . ILE A 1 127 ? 9.264   0.199   -5.118  1.00 11.57  ? 1418 ILE A O   1 
ATOM   877  C CB  . ILE A 1 127 ? 6.412   1.072   -4.161  1.00 11.39  ? 1418 ILE A CB  1 
ATOM   878  C CG1 . ILE A 1 127 ? 6.600   -0.186  -3.309  1.00 12.03  ? 1418 ILE A CG1 1 
ATOM   879  C CG2 . ILE A 1 127 ? 5.801   0.699   -5.474  1.00 11.43  ? 1418 ILE A CG2 1 
ATOM   880  C CD1 . ILE A 1 127 ? 7.004   0.033   -1.914  1.00 14.14  ? 1418 ILE A CD1 1 
ATOM   881  N N   A SER A 1 128 ? 8.653   1.750   -6.634  0.25 11.13  ? 1419 SER A N   1 
ATOM   882  N N   B SER A 1 128 ? 8.660   1.748   -6.640  0.25 10.96  ? 1419 SER A N   1 
ATOM   883  C CA  A SER A 1 128 ? 9.418   1.155   -7.765  0.25 11.66  ? 1419 SER A CA  1 
ATOM   884  C CA  B SER A 1 128 ? 9.426   1.132   -7.761  0.25 11.37  ? 1419 SER A CA  1 
ATOM   885  C C   A SER A 1 128 ? 10.884  0.889   -7.368  0.25 11.75  ? 1419 SER A C   1 
ATOM   886  C C   B SER A 1 128 ? 10.890  0.877   -7.355  0.25 11.60  ? 1419 SER A C   1 
ATOM   887  O O   A SER A 1 128 ? 11.374  -0.261  -7.580  0.25 12.03  ? 1419 SER A O   1 
ATOM   888  O O   B SER A 1 128 ? 11.385  -0.270  -7.564  0.25 11.96  ? 1419 SER A O   1 
ATOM   889  C CB  A SER A 1 128 ? 9.324   2.020   -9.008  0.25 12.40  ? 1419 SER A CB  1 
ATOM   890  C CB  B SER A 1 128 ? 9.365   1.947   -9.043  0.25 11.86  ? 1419 SER A CB  1 
ATOM   891  O OG  A SER A 1 128 ? 9.911   3.296   -8.797  0.25 13.22  ? 1419 SER A OG  1 
ATOM   892  O OG  B SER A 1 128 ? 9.986   1.232   -10.120 0.25 12.05  ? 1419 SER A OG  1 
ATOM   893  N N   . SER A 1 129 ? 11.572  1.884   -6.813  1.00 11.41  ? 1420 SER A N   1 
ATOM   894  C CA  . SER A 1 129 ? 13.009  1.730   -6.466  1.00 12.82  ? 1420 SER A CA  1 
ATOM   895  C C   . SER A 1 129 ? 13.142  0.741   -5.294  1.00 11.82  ? 1420 SER A C   1 
ATOM   896  O O   . SER A 1 129 ? 14.148  0.017   -5.225  1.00 12.60  ? 1420 SER A O   1 
ATOM   897  C CB  . SER A 1 129 ? 13.654  3.050   -6.177  1.00 14.66  ? 1420 SER A CB  1 
ATOM   898  O OG  . SER A 1 129 ? 13.102  3.673   -5.053  1.00 20.30  ? 1420 SER A OG  1 
ATOM   899  N N   . VAL A 1 130 ? 12.197  0.727   -4.367  1.00 11.10  ? 1421 VAL A N   1 
ATOM   900  C CA  . VAL A 1 130 ? 12.239  -0.196  -3.184  1.00 10.73  ? 1421 VAL A CA  1 
ATOM   901  C C   . VAL A 1 130 ? 12.207  -1.626  -3.684  1.00 10.58  ? 1421 VAL A C   1 
ATOM   902  O O   . VAL A 1 130 ? 13.027  -2.508  -3.247  1.00 11.18  ? 1421 VAL A O   1 
ATOM   903  C CB  . VAL A 1 130 ? 11.085  0.071   -2.223  1.00 10.20  ? 1421 VAL A CB  1 
ATOM   904  C CG1 . VAL A 1 130 ? 11.086  -0.908  -1.049  1.00 10.97  ? 1421 VAL A CG1 1 
ATOM   905  C CG2 . VAL A 1 130 ? 11.118  1.497   -1.696  1.00 11.65  ? 1421 VAL A CG2 1 
ATOM   906  N N   . LEU A 1 131 ? 11.287  -1.931  -4.610  1.00 10.56  ? 1422 LEU A N   1 
ATOM   907  C CA  . LEU A 1 131 ? 11.189  -3.283  -5.177  1.00 11.15  ? 1422 LEU A CA  1 
ATOM   908  C C   . LEU A 1 131 ? 12.436  -3.638  -5.967  1.00 11.27  ? 1422 LEU A C   1 
ATOM   909  O O   . LEU A 1 131 ? 12.969  -4.751  -5.803  1.00 11.70  ? 1422 LEU A O   1 
ATOM   910  C CB  . LEU A 1 131 ? 9.958   -3.380  -6.077  1.00 11.45  ? 1422 LEU A CB  1 
ATOM   911  C CG  . LEU A 1 131 ? 8.610   -3.282  -5.360  1.00 11.95  ? 1422 LEU A CG  1 
ATOM   912  C CD1 . LEU A 1 131 ? 7.501   -3.086  -6.385  1.00 12.99  ? 1422 LEU A CD1 1 
ATOM   913  C CD2 . LEU A 1 131 ? 8.317   -4.487  -4.484  1.00 13.43  ? 1422 LEU A CD2 1 
ATOM   914  N N   A SER A 1 132 ? 12.882  -2.758  -6.852  0.40 10.88  ? 1423 SER A N   1 
ATOM   915  N N   B SER A 1 132 ? 12.893  -2.716  -6.815  0.10 11.76  ? 1423 SER A N   1 
ATOM   916  C CA  A SER A 1 132 ? 14.066  -3.064  -7.700  0.40 11.34  ? 1423 SER A CA  1 
ATOM   917  C CA  B SER A 1 132 ? 14.048  -2.908  -7.730  0.10 12.29  ? 1423 SER A CA  1 
ATOM   918  C C   A SER A 1 132 ? 15.291  -3.342  -6.819  0.40 11.56  ? 1423 SER A C   1 
ATOM   919  C C   B SER A 1 132 ? 15.333  -3.187  -6.933  0.10 12.26  ? 1423 SER A C   1 
ATOM   920  O O   A SER A 1 132 ? 16.015  -4.338  -7.059  0.40 11.46  ? 1423 SER A O   1 
ATOM   921  O O   B SER A 1 132 ? 16.145  -4.013  -7.363  0.10 12.73  ? 1423 SER A O   1 
ATOM   922  C CB  A SER A 1 132 ? 14.391  -1.952  -8.665  0.40 12.10  ? 1423 SER A CB  1 
ATOM   923  C CB  B SER A 1 132 ? 14.202  -1.707  -8.629  0.10 12.79  ? 1423 SER A CB  1 
ATOM   924  O OG  A SER A 1 132 ? 13.349  -1.749  -9.581  0.40 13.14  ? 1423 SER A OG  1 
ATOM   925  O OG  B SER A 1 132 ? 15.095  -1.989  -9.690  0.10 13.70  ? 1423 SER A OG  1 
ATOM   926  N N   . ASP A 1 133 ? 15.520  -2.503  -5.809  1.00 11.94  ? 1424 ASP A N   1 
ATOM   927  C CA  . ASP A 1 133 ? 16.730  -2.659  -4.966  1.00 12.46  ? 1424 ASP A CA  1 
ATOM   928  C C   . ASP A 1 133 ? 16.658  -3.967  -4.191  1.00 11.57  ? 1424 ASP A C   1 
ATOM   929  O O   . ASP A 1 133 ? 17.664  -4.694  -4.070  1.00 11.99  ? 1424 ASP A O   1 
ATOM   930  C CB  . ASP A 1 133 ? 16.944  -1.505  -3.974  1.00 14.04  ? 1424 ASP A CB  1 
ATOM   931  C CG  . ASP A 1 133 ? 17.369  -0.167  -4.552  1.00 16.96  ? 1424 ASP A CG  1 
ATOM   932  O OD1 . ASP A 1 133 ? 17.567  -0.060  -5.785  1.00 17.64  ? 1424 ASP A OD1 1 
ATOM   933  O OD2 . ASP A 1 133 ? 17.533  0.791   -3.746  1.00 22.32  ? 1424 ASP A OD2 1 
ATOM   934  N N   . TYR A 1 134 ? 15.476  -4.308  -3.661  1.00 10.72  ? 1425 TYR A N   1 
ATOM   935  C CA  . TYR A 1 134 ? 15.334  -5.562  -2.902  1.00 11.06  ? 1425 TYR A CA  1 
ATOM   936  C C   . TYR A 1 134 ? 15.632  -6.714  -3.838  1.00 11.15  ? 1425 TYR A C   1 
ATOM   937  O O   . TYR A 1 134 ? 16.357  -7.679  -3.506  1.00 11.39  ? 1425 TYR A O   1 
ATOM   938  C CB  . TYR A 1 134 ? 13.926  -5.704  -2.298  1.00 10.63  ? 1425 TYR A CB  1 
ATOM   939  C CG  . TYR A 1 134 ? 13.696  -7.031  -1.639  1.00 10.96  ? 1425 TYR A CG  1 
ATOM   940  C CD1 . TYR A 1 134 ? 14.205  -7.315  -0.387  1.00 12.40  ? 1425 TYR A CD1 1 
ATOM   941  C CD2 . TYR A 1 134 ? 12.989  -7.998  -2.303  1.00 13.25  ? 1425 TYR A CD2 1 
ATOM   942  C CE1 . TYR A 1 134 ? 13.989  -8.540  0.197   1.00 13.10  ? 1425 TYR A CE1 1 
ATOM   943  C CE2 . TYR A 1 134 ? 12.750  -9.218  -1.734  1.00 14.01  ? 1425 TYR A CE2 1 
ATOM   944  C CZ  . TYR A 1 134 ? 13.251  -9.487  -0.482  1.00 13.30  ? 1425 TYR A CZ  1 
ATOM   945  O OH  . TYR A 1 134 ? 13.019  -10.710 0.130   1.00 17.37  ? 1425 TYR A OH  1 
ATOM   946  N N   . LYS A 1 135 ? 14.989  -6.754  -5.017  1.00 10.94  ? 1426 LYS A N   1 
ATOM   947  C CA  . LYS A 1 135 ? 15.179  -7.885  -5.942  1.00 10.69  ? 1426 LYS A CA  1 
ATOM   948  C C   . LYS A 1 135 ? 16.645  -8.001  -6.401  1.00 10.42  ? 1426 LYS A C   1 
ATOM   949  O O   . LYS A 1 135 ? 17.159  -9.131  -6.501  1.00 11.26  ? 1426 LYS A O   1 
ATOM   950  C CB  . LYS A 1 135 ? 14.179  -7.808  -7.103  1.00 12.10  ? 1426 LYS A CB  1 
ATOM   951  C CG  . LYS A 1 135 ? 12.730  -7.934  -6.622  1.00 12.77  ? 1426 LYS A CG  1 
ATOM   952  C CD  . LYS A 1 135 ? 11.778  -7.832  -7.821  1.00 13.66  ? 1426 LYS A CD  1 
ATOM   953  C CE  . LYS A 1 135 ? 10.319  -8.005  -7.431  1.00 16.73  ? 1426 LYS A CE  1 
ATOM   954  N NZ  . LYS A 1 135 ? 9.423   -8.142  -8.614  1.00 20.65  ? 1426 LYS A NZ  1 
ATOM   955  N N   A SER A 1 136 ? 17.297  -6.883  -6.635  0.40 10.59  ? 1427 SER A N   1 
ATOM   956  N N   B SER A 1 136 ? 17.323  -6.876  -6.608  0.10 10.89  ? 1427 SER A N   1 
ATOM   957  C CA  A SER A 1 136 ? 18.735  -6.864  -6.990  0.40 11.83  ? 1427 SER A CA  1 
ATOM   958  C CA  B SER A 1 136 ? 18.750  -6.855  -7.019  0.10 11.36  ? 1427 SER A CA  1 
ATOM   959  C C   A SER A 1 136 ? 19.569  -7.450  -5.843  0.40 11.40  ? 1427 SER A C   1 
ATOM   960  C C   B SER A 1 136 ? 19.653  -7.300  -5.856  0.10 11.55  ? 1427 SER A C   1 
ATOM   961  O O   A SER A 1 136 ? 20.486  -8.271  -6.081  0.40 10.21  ? 1427 SER A O   1 
ATOM   962  O O   B SER A 1 136 ? 20.709  -7.886  -6.124  0.10 11.44  ? 1427 SER A O   1 
ATOM   963  C CB  A SER A 1 136 ? 19.121  -5.464  -7.319  0.40 12.80  ? 1427 SER A CB  1 
ATOM   964  C CB  B SER A 1 136 ? 19.123  -5.508  -7.578  0.10 11.51  ? 1427 SER A CB  1 
ATOM   965  O OG  A SER A 1 136 ? 20.519  -5.281  -7.204  0.40 16.50  ? 1427 SER A OG  1 
ATOM   966  O OG  B SER A 1 136 ? 19.341  -4.555  -6.554  0.10 11.89  ? 1427 SER A OG  1 
ATOM   967  N N   . ALA A 1 137 ? 19.248  -7.065  -4.602  1.00 12.29  ? 1428 ALA A N   1 
ATOM   968  C CA  . ALA A 1 137 ? 19.969  -7.568  -3.410  1.00 11.46  ? 1428 ALA A CA  1 
ATOM   969  C C   . ALA A 1 137 ? 19.817  -9.057  -3.287  1.00 13.21  ? 1428 ALA A C   1 
ATOM   970  O O   . ALA A 1 137 ? 20.808  -9.798  -2.985  1.00 14.59  ? 1428 ALA A O   1 
ATOM   971  C CB  . ALA A 1 137 ? 19.474  -6.883  -2.165  1.00 13.06  ? 1428 ALA A CB  1 
ATOM   972  N N   . LEU A 1 138 ? 18.657  -9.632  -3.495  1.00 13.38  ? 1429 LEU A N   1 
ATOM   973  C CA  . LEU A 1 138 ? 18.485  -11.061 -3.400  1.00 14.82  ? 1429 LEU A CA  1 
ATOM   974  C C   . LEU A 1 138 ? 19.240  -11.746 -4.515  1.00 13.13  ? 1429 LEU A C   1 
ATOM   975  O O   . LEU A 1 138 ? 19.816  -12.819 -4.280  1.00 13.82  ? 1429 LEU A O   1 
ATOM   976  C CB  . LEU A 1 138 ? 16.994  -11.352 -3.446  1.00 20.15  ? 1429 LEU A CB  1 
ATOM   977  C CG  . LEU A 1 138 ? 16.467  -12.293 -2.393  1.00 24.86  ? 1429 LEU A CG  1 
ATOM   978  C CD1 . LEU A 1 138 ? 16.928  -12.002 -0.962  1.00 22.60  ? 1429 LEU A CD1 1 
ATOM   979  C CD2 . LEU A 1 138 ? 14.961  -12.288 -2.494  1.00 22.84  ? 1429 LEU A CD2 1 
ATOM   980  N N   . ARG A 1 139 ? 19.223  -11.164 -5.736  1.00 11.26  ? 1430 ARG A N   1 
ATOM   981  C CA  . ARG A 1 139 ? 19.992  -11.828 -6.786  1.00 12.02  ? 1430 ARG A CA  1 
ATOM   982  C C   . ARG A 1 139 ? 21.484  -11.821 -6.403  1.00 10.22  ? 1430 ARG A C   1 
ATOM   983  O O   . ARG A 1 139 ? 22.164  -12.861 -6.678  1.00 12.55  ? 1430 ARG A O   1 
ATOM   984  C CB  . ARG A 1 139 ? 19.764  -11.168 -8.148  1.00 11.94  ? 1430 ARG A CB  1 
ATOM   985  C CG  . ARG A 1 139 ? 18.378  -11.317 -8.764  1.00 11.80  ? 1430 ARG A CG  1 
ATOM   986  C CD  . ARG A 1 139 ? 18.274  -10.714 -10.183 1.00 11.67  ? 1430 ARG A CD  1 
ATOM   987  N NE  . ARG A 1 139 ? 18.412  -9.299  -10.309 1.00 12.01  ? 1430 ARG A NE  1 
ATOM   988  C CZ  . ARG A 1 139 ? 17.418  -8.414  -10.309 1.00 11.30  ? 1430 ARG A CZ  1 
ATOM   989  N NH1 . ARG A 1 139 ? 16.170  -8.799  -10.066 1.00 12.52  ? 1430 ARG A NH1 1 
ATOM   990  N NH2 . ARG A 1 139 ? 17.673  -7.148  -10.553 1.00 12.32  ? 1430 ARG A NH2 1 
ATOM   991  N N   . PHE A 1 140 ? 22.007  -10.713 -5.882  1.00 10.25  ? 1431 PHE A N   1 
ATOM   992  C CA  . PHE A 1 140 ? 23.433  -10.660 -5.513  1.00 11.13  ? 1431 PHE A CA  1 
ATOM   993  C C   . PHE A 1 140 ? 23.731  -11.724 -4.436  1.00 11.67  ? 1431 PHE A C   1 
ATOM   994  O O   . PHE A 1 140 ? 24.718  -12.439 -4.491  1.00 12.48  ? 1431 PHE A O   1 
ATOM   995  C CB  . PHE A 1 140 ? 23.785  -9.267  -5.040  1.00 10.85  ? 1431 PHE A CB  1 
ATOM   996  C CG  . PHE A 1 140 ? 25.254  -9.094  -4.804  1.00 11.97  ? 1431 PHE A CG  1 
ATOM   997  C CD1 . PHE A 1 140 ? 26.124  -8.910  -5.877  1.00 12.93  ? 1431 PHE A CD1 1 
ATOM   998  C CD2 . PHE A 1 140 ? 25.793  -9.148  -3.535  1.00 13.13  ? 1431 PHE A CD2 1 
ATOM   999  C CE1 . PHE A 1 140 ? 27.499  -8.744  -5.659  1.00 15.57  ? 1431 PHE A CE1 1 
ATOM   1000 C CE2 . PHE A 1 140 ? 27.177  -9.031  -3.336  1.00 15.26  ? 1431 PHE A CE2 1 
ATOM   1001 C CZ  . PHE A 1 140 ? 28.009  -8.771  -4.396  1.00 15.78  ? 1431 PHE A CZ  1 
ATOM   1002 N N   . HIS A 1 141 ? 22.783  -11.919 -3.513  1.00 13.04  ? 1432 HIS A N   1 
ATOM   1003 C CA  . HIS A 1 141 ? 22.967  -12.948 -2.448  1.00 14.42  ? 1432 HIS A CA  1 
ATOM   1004 C C   . HIS A 1 141 ? 23.137  -14.351 -3.028  1.00 19.52  ? 1432 HIS A C   1 
ATOM   1005 O O   . HIS A 1 141 ? 23.936  -15.146 -2.476  1.00 18.74  ? 1432 HIS A O   1 
ATOM   1006 C CB  . HIS A 1 141 ? 21.805  -12.875 -1.489  1.00 16.33  ? 1432 HIS A CB  1 
ATOM   1007 C CG  . HIS A 1 141 ? 22.039  -13.654 -0.233  1.00 15.23  ? 1432 HIS A CG  1 
ATOM   1008 N ND1 . HIS A 1 141 ? 22.944  -13.233 0.746   1.00 14.19  ? 1432 HIS A ND1 1 
ATOM   1009 C CD2 . HIS A 1 141 ? 21.432  -14.762 0.223   1.00 17.27  ? 1432 HIS A CD2 1 
ATOM   1010 C CE1 . HIS A 1 141 ? 22.913  -14.115 1.753   1.00 14.68  ? 1432 HIS A CE1 1 
ATOM   1011 N NE2 . HIS A 1 141 ? 22.002  -15.058 1.462   1.00 15.31  ? 1432 HIS A NE2 1 
ATOM   1012 N N   . LYS A 1 142 ? 22.419  -14.671 -4.108  1.00 19.76  ? 1433 LYS A N   1 
ATOM   1013 C CA  . LYS A 1 142 ? 22.460  -16.005 -4.766  1.00 22.34  ? 1433 LYS A CA  1 
ATOM   1014 C C   . LYS A 1 142 ? 23.355  -15.972 -6.015  1.00 23.88  ? 1433 LYS A C   1 
ATOM   1015 O O   . LYS A 1 142 ? 23.191  -16.859 -6.890  1.00 26.35  ? 1433 LYS A O   1 
ATOM   1016 C CB  . LYS A 1 142 ? 21.018  -16.430 -5.061  1.00 25.64  ? 1433 LYS A CB  1 
ATOM   1017 C CG  . LYS A 1 142 ? 20.142  -16.535 -3.817  1.00 27.53  ? 1433 LYS A CG  1 
ATOM   1018 C CD  . LYS A 1 142 ? 18.737  -16.007 -3.982  1.00 28.37  ? 1433 LYS A CD  1 
ATOM   1019 C CE  . LYS A 1 142 ? 18.162  -15.458 -2.694  1.00 29.36  ? 1433 LYS A CE  1 
ATOM   1020 N NZ  . LYS A 1 142 ? 16.699  -15.682 -2.612  1.00 30.86  ? 1433 LYS A NZ  1 
ATOM   1021 N N   . ARG A 1 143 ? 24.294  -15.029 -6.104  1.00 23.29  ? 1434 ARG A N   1 
ATOM   1022 C CA  . ARG A 1 143 ? 25.149  -14.883 -7.315  1.00 24.79  ? 1434 ARG A CA  1 
ATOM   1023 C C   . ARG A 1 143 ? 26.108  -16.072 -7.544  1.00 31.58  ? 1434 ARG A C   1 
ATOM   1024 O O   . ARG A 1 143 ? 26.545  -16.261 -8.703  1.00 33.05  ? 1434 ARG A O   1 
ATOM   1025 C CB  . ARG A 1 143 ? 25.938  -13.583 -7.303  1.00 22.29  ? 1434 ARG A CB  1 
ATOM   1026 C CG  . ARG A 1 143 ? 27.065  -13.583 -6.280  1.00 21.10  ? 1434 ARG A CG  1 
ATOM   1027 C CD  . ARG A 1 143 ? 27.615  -12.208 -6.068  1.00 21.55  ? 1434 ARG A CD  1 
ATOM   1028 N NE  . ARG A 1 143 ? 28.694  -12.200 -5.089  1.00 18.96  ? 1434 ARG A NE  1 
ATOM   1029 C CZ  . ARG A 1 143 ? 28.575  -12.257 -3.799  1.00 20.11  ? 1434 ARG A CZ  1 
ATOM   1030 N NH1 . ARG A 1 143 ? 27.383  -12.318 -3.234  1.00 16.70  ? 1434 ARG A NH1 1 
ATOM   1031 N NH2 . ARG A 1 143 ? 29.665  -12.201 -3.044  1.00 21.80  ? 1434 ARG A NH2 1 
ATOM   1032 N N   . ASN A 1 144 ? 26.503  -16.790 -6.490  1.00 28.79  ? 1435 ASN A N   1 
ATOM   1033 C CA  . ASN A 1 144 ? 27.544  -17.857 -6.570  1.00 31.30  ? 1435 ASN A CA  1 
ATOM   1034 C C   . ASN A 1 144 ? 26.918  -19.220 -6.264  1.00 32.88  ? 1435 ASN A C   1 
ATOM   1035 O O   . ASN A 1 144 ? 27.715  -20.166 -6.093  1.00 34.51  ? 1435 ASN A O   1 
ATOM   1036 C CB  . ASN A 1 144 ? 28.716  -17.611 -5.613  1.00 31.13  ? 1435 ASN A CB  1 
ATOM   1037 C CG  . ASN A 1 144 ? 29.625  -16.483 -6.053  1.00 31.47  ? 1435 ASN A CG  1 
ATOM   1038 O OD1 . ASN A 1 144 ? 30.050  -16.431 -7.206  1.00 31.89  ? 1435 ASN A OD1 1 
ATOM   1039 N ND2 . ASN A 1 144 ? 29.943  -15.583 -5.136  1.00 28.92  ? 1435 ASN A ND2 1 
HETATM 1040 N N1  . ZKC B 2 .   ? -14.691 7.929   9.903   0.52 46.00  ? 1901 ZKC A N1  1 
HETATM 1041 N N3  . ZKC B 2 .   ? -14.261 4.690   3.071   0.52 32.71  ? 1901 ZKC A N3  1 
HETATM 1042 C C4  . ZKC B 2 .   ? -11.604 6.561   11.323  0.52 48.67  ? 1901 ZKC A C4  1 
HETATM 1043 C C5  . ZKC B 2 .   ? -14.179 7.659   11.128  0.52 48.05  ? 1901 ZKC A C5  1 
HETATM 1044 C C6  . ZKC B 2 .   ? -13.994 7.878   8.687   0.52 43.72  ? 1901 ZKC A C6  1 
HETATM 1045 C C7  . ZKC B 2 .   ? -13.499 8.984   8.011   0.52 42.87  ? 1901 ZKC A C7  1 
HETATM 1046 C C8  . ZKC B 2 .   ? -12.826 8.804   6.817   0.52 42.49  ? 1901 ZKC A C8  1 
HETATM 1047 C C10 . ZKC B 2 .   ? -13.121 6.421   6.987   0.52 41.11  ? 1901 ZKC A C10 1 
HETATM 1048 C C13 . ZKC B 2 .   ? -15.507 4.463   2.332   0.52 31.91  ? 1901 ZKC A C13 1 
HETATM 1049 C C15 . ZKC B 2 .   ? -12.997 3.430   1.391   0.52 30.24  ? 1901 ZKC A C15 1 
HETATM 1050 C C17 . ZKC B 2 .   ? -14.080 3.656   -0.754  0.52 26.95  ? 1901 ZKC A C17 1 
HETATM 1051 C C20 . ZKC B 2 .   ? -16.440 5.085   -3.144  0.52 24.94  ? 1901 ZKC A C20 1 
HETATM 1052 C C21 . ZKC B 2 .   ? -16.939 5.430   -1.916  0.52 25.41  ? 1901 ZKC A C21 1 
HETATM 1053 C C22 . ZKC B 2 .   ? -13.798 6.608   8.177   0.52 43.47  ? 1901 ZKC A C22 1 
HETATM 1054 C C1  . ZKC B 2 .   ? -11.785 8.180   13.223  0.52 48.99  ? 1901 ZKC A C1  1 
HETATM 1055 C C11 . ZKC B 2 .   ? -12.923 5.031   6.446   0.52 38.64  ? 1901 ZKC A C11 1 
HETATM 1056 C C12 . ZKC B 2 .   ? -14.250 4.969   4.394   0.52 34.49  ? 1901 ZKC A C12 1 
HETATM 1057 C C14 . ZKC B 2 .   ? -15.407 3.293   1.369   0.52 30.55  ? 1901 ZKC A C14 1 
HETATM 1058 C C16 . ZKC B 2 .   ? -13.046 4.670   2.252   0.52 29.89  ? 1901 ZKC A C16 1 
HETATM 1059 C C18 . ZKC B 2 .   ? -15.114 4.267   -1.556  0.52 26.09  ? 1901 ZKC A C18 1 
HETATM 1060 C C19 . ZKC B 2 .   ? -15.265 4.333   -2.899  0.52 25.63  ? 1901 ZKC A C19 1 
HETATM 1061 C C2  . ZKC B 2 .   ? -11.807 8.008   11.722  0.52 49.17  ? 1901 ZKC A C2  1 
HETATM 1062 C C3  . ZKC B 2 .   ? -10.816 8.928   11.035  0.52 49.21  ? 1901 ZKC A C3  1 
HETATM 1063 C C9  . ZKC B 2 .   ? -12.640 7.533   6.308   0.52 41.57  ? 1901 ZKC A C9  1 
HETATM 1064 N N2  . ZKC B 2 .   ? -13.057 4.983   5.010   0.52 36.59  ? 1901 ZKC A N2  1 
HETATM 1065 N N4  . ZKC B 2 .   ? -14.196 3.424   0.558   0.52 28.92  ? 1901 ZKC A N4  1 
HETATM 1066 O O1  . ZKC B 2 .   ? -13.144 8.493   11.327  0.52 49.48  ? 1901 ZKC A O1  1 
HETATM 1067 O O2  . ZKC B 2 .   ? -14.592 6.830   11.902  0.52 48.11  ? 1901 ZKC A O2  1 
HETATM 1068 O O3  . ZKC B 2 .   ? -15.299 5.201   5.007   0.52 33.88  ? 1901 ZKC A O3  1 
HETATM 1069 O O4  . ZKC B 2 .   ? -13.013 3.407   -1.303  0.52 26.23  ? 1901 ZKC A O4  1 
HETATM 1070 O O5  . ZKC B 2 .   ? -16.128 4.949   -0.931  0.52 22.35  ? 1901 ZKC A O5  1 
HETATM 1071 O O   . HOH C 3 .   ? -23.085 -7.138  4.365   1.00 30.98  ? 2001 HOH A O   1 
HETATM 1072 O O   . HOH C 3 .   ? -10.972 13.437  4.862   1.00 32.74  ? 2002 HOH A O   1 
HETATM 1073 O O   . HOH C 3 .   ? -10.834 13.930  -4.586  1.00 26.00  ? 2003 HOH A O   1 
HETATM 1074 O O   . HOH C 3 .   ? -16.526 8.347   7.091   0.52 27.16  ? 2004 HOH A O   1 
HETATM 1075 O O   . HOH C 3 .   ? -18.686 8.219   11.563  1.00 45.54  ? 2005 HOH A O   1 
HETATM 1076 O O   . HOH C 3 .   ? 11.845  -17.592 3.456   1.00 34.21  ? 2006 HOH A O   1 
HETATM 1077 O O   . HOH C 3 .   ? -7.108  0.734   12.722  0.52 26.76  ? 2007 HOH A O   1 
HETATM 1078 O O   . HOH C 3 .   ? -25.098 1.031   -1.478  0.52 19.92  ? 2008 HOH A O   1 
HETATM 1079 O O   . HOH C 3 .   ? -10.663 2.791   -14.841 1.00 31.71  ? 2009 HOH A O   1 
HETATM 1080 O O   . HOH C 3 .   ? -21.259 4.780   -12.352 0.52 18.71  ? 2010 HOH A O   1 
HETATM 1081 O O   . HOH C 3 .   ? 13.780  -11.149 2.481   1.00 30.95  ? 2011 HOH A O   1 
HETATM 1082 O O   . HOH C 3 .   ? 9.147   -5.910  -9.774  1.00 30.02  ? 2012 HOH A O   1 
HETATM 1083 O O   . HOH C 3 .   ? 11.393  5.359   -3.024  1.00 28.42  ? 2013 HOH A O   1 
HETATM 1084 O O   . HOH C 3 .   ? -0.931  -9.214  4.836   1.00 34.51  ? 2014 HOH A O   1 
HETATM 1085 O O   . HOH C 3 .   ? 28.858  -15.926 -2.834  1.00 42.84  ? 2015 HOH A O   1 
HETATM 1086 O O   . HOH C 3 .   ? -24.920 -2.672  -2.439  0.52 15.68  ? 2016 HOH A O   1 
HETATM 1087 O O   . HOH C 3 .   ? -17.943 -3.462  -7.955  1.00 21.04  ? 2017 HOH A O   1 
HETATM 1088 O O   . HOH C 3 .   ? -8.745  -7.902  5.871   1.00 27.14  ? 2018 HOH A O   1 
HETATM 1089 O O   . HOH C 3 .   ? 9.386   -5.529  13.638  1.00 15.77  ? 2019 HOH A O   1 
HETATM 1090 O O   . HOH C 3 .   ? 28.420  -3.988  -7.790  1.00 30.56  ? 2020 HOH A O   1 
HETATM 1091 O O   . HOH C 3 .   ? 25.389  -15.512 -0.321  1.00 33.17  ? 2021 HOH A O   1 
HETATM 1092 O O   . HOH C 3 .   ? -6.300  10.968  10.521  1.00 28.90  ? 2022 HOH A O   1 
HETATM 1093 O O   . HOH C 3 .   ? -17.472 0.297   -9.231  1.00 18.57  ? 2023 HOH A O   1 
HETATM 1094 O O   . HOH C 3 .   ? 12.344  3.785   -9.738  1.00 28.10  ? 2024 HOH A O   1 
HETATM 1095 O O   . HOH C 3 .   ? 7.551   -12.334 -1.413  1.00 23.73  ? 2025 HOH A O   1 
HETATM 1096 O O   . HOH C 3 .   ? 22.094  -5.614  -9.320  1.00 24.18  ? 2026 HOH A O   1 
HETATM 1097 O O   . HOH C 3 .   ? -1.247  1.063   -6.649  1.00 15.09  ? 2027 HOH A O   1 
HETATM 1098 O O   . HOH C 3 .   ? 11.057  4.793   -6.910  1.00 18.72  ? 2028 HOH A O   1 
HETATM 1099 O O   . HOH C 3 .   ? 12.386  -12.328 3.973   1.00 29.98  ? 2029 HOH A O   1 
HETATM 1100 O O   . HOH C 3 .   ? 15.892  -5.066  -9.823  1.00 13.77  ? 2030 HOH A O   1 
HETATM 1101 O O   . HOH C 3 .   ? -7.038  -5.137  9.773   1.00 33.45  ? 2031 HOH A O   1 
HETATM 1102 O O   . HOH C 3 .   ? -10.592 5.251   -13.533 1.00 28.22  ? 2032 HOH A O   1 
HETATM 1103 O O   . HOH C 3 .   ? -9.817  6.330   7.442   0.52 15.32  ? 2033 HOH A O   1 
HETATM 1104 O O   . HOH C 3 .   ? -10.579 2.763   4.674   0.52 15.33  ? 2034 HOH A O   1 
HETATM 1105 O O   . HOH C 3 .   ? 5.733   9.323   -11.608 1.00 21.57  ? 2035 HOH A O   1 
HETATM 1106 O O   . HOH C 3 .   ? -10.271 -5.406  -4.446  1.00 16.19  ? 2036 HOH A O   1 
HETATM 1107 O O   . HOH C 3 .   ? 11.637  -12.747 -0.995  1.00 24.23  ? 2037 HOH A O   1 
HETATM 1108 O O   . HOH C 3 .   ? 12.462  -1.379  11.096  1.00 27.94  ? 2038 HOH A O   1 
HETATM 1109 O O   . HOH C 3 .   ? 24.305  -10.949 0.220   1.00 13.60  ? 2039 HOH A O   1 
HETATM 1110 O O   . HOH C 3 .   ? 5.664   0.990   -9.153  1.00 14.97  ? 2040 HOH A O   1 
HETATM 1111 O O   . HOH C 3 .   ? -9.338  -2.615  6.524   0.52 16.73  ? 2041 HOH A O   1 
HETATM 1112 O O   . HOH C 3 .   ? 22.837  -9.046  -1.178  1.00 15.02  ? 2042 HOH A O   1 
HETATM 1113 O O   . HOH C 3 .   ? 26.303  -16.052 -3.473  1.00 33.89  ? 2043 HOH A O   1 
HETATM 1114 O O   . HOH C 3 .   ? -25.973 -5.073  -1.211  1.00 25.21  ? 2044 HOH A O   1 
HETATM 1115 O O   . HOH C 3 .   ? -14.078 -12.666 2.909   1.00 38.54  ? 2045 HOH A O   1 
HETATM 1116 O O   . HOH C 3 .   ? 15.299  -1.642  6.992   1.00 12.43  ? 2046 HOH A O   1 
HETATM 1117 O O   . HOH C 3 .   ? 17.664  -0.568  -8.480  1.00 29.37  ? 2047 HOH A O   1 
HETATM 1118 O O   . HOH C 3 .   ? -5.710  -5.831  -5.618  1.00 14.06  ? 2048 HOH A O   1 
HETATM 1119 O O   . HOH C 3 .   ? -12.517 0.840   -0.357  0.52 22.31  ? 2049 HOH A O   1 
HETATM 1120 O O   . HOH C 3 .   ? -2.221  -12.564 -5.586  1.00 32.09  ? 2050 HOH A O   1 
HETATM 1121 O O   . HOH C 3 .   ? -4.271  2.253   -9.266  1.00 21.41  ? 2051 HOH A O   1 
HETATM 1122 O O   . HOH C 3 .   ? -8.268  2.917   -6.901  1.00 13.75  ? 2052 HOH A O   1 
HETATM 1123 O O   . HOH C 3 .   ? 21.798  -14.412 -8.928  1.00 27.23  ? 2053 HOH A O   1 
HETATM 1124 O O   . HOH C 3 .   ? 9.247   6.108   -10.186 1.00 25.86  ? 2054 HOH A O   1 
HETATM 1125 O O   . HOH C 3 .   ? -10.899 -1.692  2.467   0.52 13.82  ? 2055 HOH A O   1 
HETATM 1126 O O   . HOH C 3 .   ? -9.117  1.435   2.798   0.52 12.71  ? 2056 HOH A O   1 
HETATM 1127 O O   . HOH C 3 .   ? 1.841   -11.014 14.771  1.00 31.32  ? 2057 HOH A O   1 
HETATM 1128 O O   . HOH C 3 .   ? -3.502  -8.981  -0.241  1.00 24.50  ? 2058 HOH A O   1 
HETATM 1129 O O   . HOH C 3 .   ? -3.538  -6.828  -4.335  1.00 13.80  ? 2059 HOH A O   1 
HETATM 1130 O O   . HOH C 3 .   ? -3.045  15.468  -4.208  0.52 14.17  ? 2060 HOH A O   1 
HETATM 1131 O O   . HOH C 3 .   ? -7.810  11.457  -9.463  1.00 15.80  ? 2061 HOH A O   1 
HETATM 1132 O O   . HOH C 3 .   ? -8.006  15.538  -0.979  1.00 37.98  ? 2062 HOH A O   1 
HETATM 1133 O O   . HOH C 3 .   ? 10.187  -1.778  -9.597  1.00 17.51  ? 2063 HOH A O   1 
HETATM 1134 O O   . HOH C 3 .   ? 21.124  -8.739  -10.649 1.00 17.10  ? 2064 HOH A O   1 
HETATM 1135 O O   . HOH C 3 .   ? -4.850  -1.942  -7.282  1.00 12.50  ? 2065 HOH A O   1 
HETATM 1136 O O   . HOH C 3 .   ? 14.894  -2.068  -1.028  1.00 11.41  ? 2066 HOH A O   1 
HETATM 1137 O O   . HOH C 3 .   ? 0.406   -9.467  1.130   1.00 20.19  ? 2067 HOH A O   1 
HETATM 1138 O O   . HOH C 3 .   ? 11.059  5.514   1.230   1.00 24.23  ? 2068 HOH A O   1 
HETATM 1139 O O   . HOH C 3 .   ? -17.359 -10.114 2.647   1.00 28.82  ? 2069 HOH A O   1 
HETATM 1140 O O   . HOH C 3 .   ? 9.321   11.522  -7.276  1.00 25.30  ? 2070 HOH A O   1 
HETATM 1141 O O   . HOH C 3 .   ? 21.277  0.096   4.086   1.00 36.01  ? 2071 HOH A O   1 
HETATM 1142 O O   . HOH C 3 .   ? 22.397  -8.272  -8.343  1.00 14.00  ? 2072 HOH A O   1 
HETATM 1143 O O   . HOH C 3 .   ? 5.356   -9.341  16.398  1.00 28.23  ? 2073 HOH A O   1 
HETATM 1144 O O   . HOH C 3 .   ? -0.095  -11.902 10.908  0.52 19.81  ? 2074 HOH A O   1 
HETATM 1145 O O   . HOH C 3 .   ? 13.178  0.954   -10.366 1.00 20.74  ? 2075 HOH A O   1 
HETATM 1146 O O   . HOH C 3 .   ? -2.025  11.332  9.371   0.52 18.79  ? 2076 HOH A O   1 
HETATM 1147 O O   . HOH C 3 .   ? 1.490   -10.609 5.789   1.00 22.34  ? 2077 HOH A O   1 
HETATM 1148 O O   . HOH C 3 .   ? -3.415  6.124   -10.432 1.00 22.22  ? 2078 HOH A O   1 
HETATM 1149 O O   . HOH C 3 .   ? -2.085  -8.332  7.694   1.00 26.38  ? 2079 HOH A O   1 
HETATM 1150 O O   . HOH C 3 .   ? 16.737  1.337   4.627   1.00 21.28  ? 2080 HOH A O   1 
HETATM 1151 O O   . HOH C 3 .   ? 2.466   -4.063  15.002  1.00 24.54  ? 2081 HOH A O   1 
HETATM 1152 O O   . HOH C 3 .   ? 0.319   -8.619  11.767  1.00 36.28  ? 2082 HOH A O   1 
HETATM 1153 O O   . HOH C 3 .   ? 11.380  4.609   10.180  1.00 33.65  ? 2083 HOH A O   1 
HETATM 1154 O O   . HOH C 3 .   ? 18.883  -2.745  -1.006  1.00 17.58  ? 2084 HOH A O   1 
HETATM 1155 O O   . HOH C 3 .   ? 4.853   -5.443  -8.786  1.00 30.90  ? 2085 HOH A O   1 
HETATM 1156 O O   . HOH C 3 .   ? -4.108  18.934  6.460   1.00 19.14  ? 2086 HOH A O   1 
HETATM 1157 O O   . HOH C 3 .   ? 3.259   10.920  8.886   1.00 25.24  ? 2087 HOH A O   1 
HETATM 1158 O O   . HOH C 3 .   ? 13.155  -5.123  12.082  1.00 17.10  ? 2088 HOH A O   1 
HETATM 1159 O O   . HOH C 3 .   ? 7.464   -6.867  8.371   1.00 11.58  ? 2089 HOH A O   1 
HETATM 1160 O O   . HOH C 3 .   ? 3.420   -7.545  -5.201  1.00 18.58  ? 2090 HOH A O   1 
HETATM 1161 O O   . HOH C 3 .   ? -21.597 -5.023  4.848   1.00 29.85  ? 2091 HOH A O   1 
HETATM 1162 O O   . HOH C 3 .   ? -8.683  14.495  3.324   1.00 22.35  ? 2092 HOH A O   1 
HETATM 1163 O O   . HOH C 3 .   ? 4.756   -10.974 15.038  1.00 25.36  ? 2093 HOH A O   1 
HETATM 1164 O O   . HOH C 3 .   ? -7.359  14.236  -9.534  1.00 15.83  ? 2094 HOH A O   1 
HETATM 1165 O O   . HOH C 3 .   ? 5.418   0.095   10.323  1.00 25.81  ? 2095 HOH A O   1 
HETATM 1166 O O   . HOH C 3 .   ? -11.499 -7.417  -1.507  1.00 16.86  ? 2096 HOH A O   1 
HETATM 1167 O O   . HOH C 3 .   ? -11.118 -3.141  -8.449  1.00 18.84  ? 2097 HOH A O   1 
HETATM 1168 O O   . HOH C 3 .   ? 2.920   6.636   -10.792 1.00 21.28  ? 2098 HOH A O   1 
HETATM 1169 O O   . HOH C 3 .   ? 8.555   -0.138  -12.196 1.00 37.24  ? 2099 HOH A O   1 
HETATM 1170 O O   . HOH C 3 .   ? -5.865  -1.702  11.680  1.00 38.92  ? 2100 HOH A O   1 
HETATM 1171 O O   . HOH C 3 .   ? -1.303  4.317   -10.098 1.00 18.53  ? 2101 HOH A O   1 
HETATM 1172 O O   . HOH C 3 .   ? 17.824  2.860   2.582   1.00 40.34  ? 2102 HOH A O   1 
HETATM 1173 O O   . HOH C 3 .   ? 6.808   -8.983  -7.761  1.00 23.97  ? 2103 HOH A O   1 
HETATM 1174 O O   . HOH C 3 .   ? -11.323 -1.191  4.987   0.52 14.02  ? 2104 HOH A O   1 
HETATM 1175 O O   . HOH C 3 .   ? -9.987  0.678   0.482   0.52 10.68  ? 2105 HOH A O   1 
HETATM 1176 O O   . HOH C 3 .   ? -15.041 14.285  -14.164 1.00 41.93  ? 2106 HOH A O   1 
HETATM 1177 O O   . HOH C 3 .   ? 15.301  -11.329 -6.698  1.00 17.32  ? 2107 HOH A O   1 
HETATM 1178 O O   . HOH C 3 .   ? 10.169  1.762   -12.954 1.00 39.53  ? 2108 HOH A O   1 
HETATM 1179 O O   . HOH C 3 .   ? 6.920   -4.576  16.923  1.00 42.17  ? 2109 HOH A O   1 
HETATM 1180 O O   . HOH C 3 .   ? -24.325 -3.814  7.466   1.00 29.34  ? 2110 HOH A O   1 
HETATM 1181 O O   . HOH C 3 .   ? -0.302  12.127  -6.298  1.00 17.00  ? 2111 HOH A O   1 
HETATM 1182 O O   . HOH C 3 .   ? -2.668  14.497  -0.624  0.52 16.52  ? 2112 HOH A O   1 
HETATM 1183 O O   . HOH C 3 .   ? 18.185  -0.045  -1.026  1.00 18.42  ? 2113 HOH A O   1 
HETATM 1184 O O   . HOH C 3 .   ? -7.883  2.386   -11.716 1.00 26.80  ? 2114 HOH A O   1 
HETATM 1185 O O   . HOH C 3 .   ? -1.808  11.880  -3.621  1.00 21.14  ? 2115 HOH A O   1 
HETATM 1186 O O   . HOH C 3 .   ? -1.552  16.806  1.483   1.00 27.69  ? 2116 HOH A O   1 
HETATM 1187 O O   . HOH C 3 .   ? 26.818  -11.718 -0.416  1.00 18.99  ? 2117 HOH A O   1 
HETATM 1188 O O   . HOH C 3 .   ? 18.601  -2.533  6.393   1.00 17.60  ? 2118 HOH A O   1 
HETATM 1189 O O   . HOH C 3 .   ? -4.070  -9.494  2.965   1.00 30.89  ? 2119 HOH A O   1 
HETATM 1190 O O   . HOH C 3 .   ? 16.117  -10.884 5.528   1.00 20.80  ? 2120 HOH A O   1 
HETATM 1191 O O   . HOH C 3 .   ? -16.852 9.646   -2.571  1.00 16.03  ? 2121 HOH A O   1 
HETATM 1192 O O   . HOH C 3 .   ? 7.430   -14.345 0.596   1.00 27.38  ? 2122 HOH A O   1 
HETATM 1193 O O   . HOH C 3 .   ? 14.886  -11.373 -9.382  1.00 16.37  ? 2123 HOH A O   1 
HETATM 1194 O O   . HOH C 3 .   ? 8.866   9.894   5.865   1.00 27.49  ? 2124 HOH A O   1 
HETATM 1195 O O   . HOH C 3 .   ? -0.828  1.218   12.486  1.00 30.24  ? 2125 HOH A O   1 
HETATM 1196 O O   . HOH C 3 .   ? 5.353   4.043   9.134   1.00 30.10  ? 2126 HOH A O   1 
HETATM 1197 O O   . HOH C 3 .   ? 15.991  -4.230  0.528   1.00 12.48  ? 2127 HOH A O   1 
HETATM 1198 O O   . HOH C 3 .   ? 14.176  -8.339  5.498   1.00 17.68  ? 2128 HOH A O   1 
HETATM 1199 O O   . HOH C 3 .   ? 5.565   -3.268  -9.956  1.00 22.30  ? 2129 HOH A O   1 
HETATM 1200 O O   . HOH C 3 .   ? 14.122  -5.991  6.963   1.00 15.02  ? 2130 HOH A O   1 
HETATM 1201 O O   . HOH C 3 .   ? -13.985 -2.272  6.426   0.52 18.23  ? 2131 HOH A O   1 
HETATM 1202 O O   . HOH C 3 .   ? 0.250   8.327   12.031  1.00 30.36  ? 2132 HOH A O   1 
HETATM 1203 O O   . HOH C 3 .   ? 13.716  -13.690 3.590   0.50 29.22  ? 2133 HOH A O   1 
HETATM 1204 O O   . HOH C 3 .   ? 14.947  1.964   -2.659  1.00 27.09  ? 2134 HOH A O   1 
HETATM 1205 O O   . HOH C 3 .   ? 1.012   -6.720  -6.278  1.00 14.00  ? 2135 HOH A O   1 
HETATM 1206 O O   . HOH C 3 .   ? -9.316  16.496  1.820   1.00 32.04  ? 2136 HOH A O   1 
HETATM 1207 O O   . HOH C 3 .   ? -1.167  3.903   12.146  1.00 39.81  ? 2137 HOH A O   1 
HETATM 1208 O O   . HOH C 3 .   ? -2.070  16.721  6.151   1.00 24.71  ? 2138 HOH A O   1 
HETATM 1209 O O   . HOH C 3 .   ? -3.592  15.014  6.916   1.00 33.98  ? 2139 HOH A O   1 
HETATM 1210 O O   . HOH C 3 .   ? -18.725 4.918   -13.196 0.52 15.07  ? 2140 HOH A O   1 
HETATM 1211 O O   . HOH C 3 .   ? 3.726   13.635  1.814   1.00 31.36  ? 2141 HOH A O   1 
HETATM 1212 O O   . HOH C 3 .   ? -12.747 18.377  1.828   0.52 24.94  ? 2142 HOH A O   1 
HETATM 1213 O O   . HOH C 3 .   ? -13.645 -8.028  -3.124  1.00 26.84  ? 2143 HOH A O   1 
HETATM 1214 O O   . HOH C 3 .   ? -16.355 -0.286  11.008  1.00 37.95  ? 2144 HOH A O   1 
HETATM 1215 O O   . HOH C 3 .   ? -10.085 19.604  -0.417  1.00 37.30  ? 2145 HOH A O   1 
HETATM 1216 O O   . HOH C 3 .   ? 3.662   -10.874 -2.843  1.00 30.03  ? 2146 HOH A O   1 
HETATM 1217 O O   . HOH C 3 .   ? -2.843  13.989  9.640   1.00 24.39  ? 2147 HOH A O   1 
HETATM 1218 O O   . HOH C 3 .   ? 6.316   12.155  6.897   1.00 33.84  ? 2148 HOH A O   1 
HETATM 1219 O O   . HOH C 3 .   ? 21.104  0.435   -6.446  1.00 36.65  ? 2149 HOH A O   1 
HETATM 1220 O O   . HOH C 3 .   ? -5.009  13.630  11.274  1.00 24.89  ? 2150 HOH A O   1 
HETATM 1221 O O   . HOH C 3 .   ? -7.030  -0.838  -8.635  1.00 13.98  ? 2151 HOH A O   1 
HETATM 1222 O O   . HOH C 3 .   ? 7.322   -1.151  -9.755  1.00 16.62  ? 2152 HOH A O   1 
HETATM 1223 O O   . HOH C 3 .   ? 14.155  7.439   12.231  1.00 41.57  ? 2153 HOH A O   1 
HETATM 1224 O O   . HOH C 3 .   ? 24.258  -10.460 -8.692  1.00 14.80  ? 2154 HOH A O   1 
HETATM 1225 O O   . HOH C 3 .   ? 5.213   4.871   -11.357 1.00 30.58  ? 2155 HOH A O   1 
HETATM 1226 O O   . HOH C 3 .   ? 23.373  -12.653 -10.137 1.00 41.42  ? 2156 HOH A O   1 
HETATM 1227 O O   . HOH C 3 .   ? -18.666 8.126   -1.284  0.52 44.49  ? 2157 HOH A O   1 
HETATM 1228 O O   . HOH C 3 .   ? 16.568  -13.709 -6.268  1.00 30.13  ? 2158 HOH A O   1 
HETATM 1229 O O   . HOH C 3 .   ? -3.055  10.509  -10.741 1.00 23.25  ? 2159 HOH A O   1 
HETATM 1230 O O   . HOH C 3 .   ? 16.448  1.498   -9.994  1.00 29.58  ? 2160 HOH A O   1 
HETATM 1231 O O   . HOH C 3 .   ? -9.785  11.134  -11.346 1.00 22.30  ? 2161 HOH A O   1 
HETATM 1232 O O   . HOH C 3 .   ? -13.366 -2.857  -10.109 1.00 23.61  ? 2162 HOH A O   1 
HETATM 1233 O O   . HOH C 3 .   ? -3.788  16.824  -1.367  1.00 40.82  ? 2163 HOH A O   1 
HETATM 1234 O O   . HOH C 3 .   ? -22.383 7.912   8.736   0.52 33.03  ? 2164 HOH A O   1 
HETATM 1235 O O   . HOH C 3 .   ? -4.729  -11.289 -4.996  1.00 28.99  ? 2165 HOH A O   1 
HETATM 1236 O O   . HOH C 3 .   ? 10.880  -11.586 -7.358  1.00 36.50  ? 2166 HOH A O   1 
HETATM 1237 O O   . HOH C 3 .   ? -2.828  -0.423  -8.318  1.00 18.52  ? 2167 HOH A O   1 
HETATM 1238 O O   . HOH C 3 .   ? -1.019  -4.216  -10.242 1.00 32.98  ? 2168 HOH A O   1 
HETATM 1239 O O   . HOH C 3 .   ? -1.323  -6.226  -7.361  1.00 120.63 ? 2169 HOH A O   1 
HETATM 1240 O O   . HOH C 3 .   ? 16.461  8.403   12.532  1.00 23.23  ? 2170 HOH A O   1 
HETATM 1241 O O   . HOH C 3 .   ? 14.657  7.162   -6.524  1.00 32.74  ? 2171 HOH A O   1 
HETATM 1242 O O   . HOH C 3 .   ? 7.606   11.402  10.652  1.00 29.97  ? 2172 HOH A O   1 
HETATM 1243 O O   . HOH C 3 .   ? -9.598  -9.381  -2.708  1.00 29.69  ? 2173 HOH A O   1 
HETATM 1244 O O   . HOH C 3 .   ? 5.592   -6.656  -6.557  1.00 27.80  ? 2174 HOH A O   1 
HETATM 1245 O O   . HOH C 3 .   ? 9.906   6.749   -0.897  1.00 28.05  ? 2175 HOH A O   1 
HETATM 1246 O O   . HOH C 3 .   ? -4.560  -9.028  -2.993  1.00 23.03  ? 2176 HOH A O   1 
HETATM 1247 O O   . HOH C 3 .   ? 14.694  -2.271  9.563   1.00 19.64  ? 2177 HOH A O   1 
HETATM 1248 O O   . HOH C 3 .   ? -10.179 -4.506  8.389   1.00 32.53  ? 2178 HOH A O   1 
HETATM 1249 O O   . HOH C 3 .   ? -5.642  10.541  -11.176 1.00 31.03  ? 2179 HOH A O   1 
HETATM 1250 O O   . HOH C 3 .   ? 17.589  0.089   6.922   1.00 23.29  ? 2180 HOH A O   1 
HETATM 1251 O O   . HOH C 3 .   ? -4.121  -4.646  -7.994  1.00 31.92  ? 2181 HOH A O   1 
HETATM 1252 O O   . HOH C 3 .   ? 5.712   -12.082 -3.286  1.00 35.65  ? 2182 HOH A O   1 
HETATM 1253 O O   . HOH C 3 .   ? 11.139  10.119  10.044  1.00 36.32  ? 2183 HOH A O   1 
HETATM 1254 O O   . HOH C 3 .   ? -6.944  1.903   -9.140  1.00 12.90  ? 2184 HOH A O   1 
HETATM 1255 O O   . HOH C 3 .   ? -6.874  4.162   -13.380 1.00 35.46  ? 2185 HOH A O   1 
HETATM 1256 O O   . HOH C 3 .   ? 18.345  -15.012 -7.924  1.00 45.73  ? 2186 HOH A O   1 
HETATM 1257 O O   . HOH C 3 .   ? -10.867 7.721   -14.096 1.00 29.39  ? 2187 HOH A O   1 
HETATM 1258 O O   . HOH C 3 .   ? 4.976   6.990   -12.069 1.00 30.78  ? 2188 HOH A O   1 
HETATM 1259 O O   . HOH C 3 .   ? 15.435  -5.469  9.729   0.50 11.33  ? 2189 HOH A O   1 
HETATM 1260 O O   . HOH C 3 .   ? -1.807  -7.420  -6.572  1.00 33.94  ? 2190 HOH A O   1 
HETATM 1261 O O   . HOH C 3 .   ? 0.881   4.423   -11.513 1.00 28.81  ? 2191 HOH A O   1 
HETATM 1262 O O   . HOH C 3 .   ? -4.379  -8.422  7.407   1.00 34.28  ? 2192 HOH A O   1 
HETATM 1263 O O   . HOH C 3 .   ? -22.764 -5.164  8.912   1.00 42.40  ? 2193 HOH A O   1 
HETATM 1264 O O   . HOH C 3 .   ? 15.699  -13.542 -10.619 1.00 29.37  ? 2194 HOH A O   1 
HETATM 1265 O O   . HOH C 3 .   ? 14.534  5.833   -9.189  1.00 36.65  ? 2195 HOH A O   1 
HETATM 1266 O O   . HOH C 3 .   ? -4.955  6.062   -12.718 1.00 35.05  ? 2196 HOH A O   1 
HETATM 1267 O O   . HOH C 3 .   ? 12.714  -11.288 -5.367  1.00 22.26  ? 2197 HOH A O   1 
# 
